data_9NE9
#
_entry.id   9NE9
#
_cell.length_a   1.00
_cell.length_b   1.00
_cell.length_c   1.00
_cell.angle_alpha   90.00
_cell.angle_beta   90.00
_cell.angle_gamma   90.00
#
_symmetry.space_group_name_H-M   'P 1'
#
loop_
_entity.id
_entity.type
_entity.pdbx_description
1 polymer 'DNA polymerase epsilon catalytic subunit A'
2 polymer 'Proliferating cell nuclear antigen'
3 polymer 'DNA (35-MER)'
4 polymer 'DNA (49-MER)'
5 non-polymer 'MAGNESIUM ION'
6 non-polymer 'IRON/SULFUR CLUSTER'
#
loop_
_entity_poly.entity_id
_entity_poly.type
_entity_poly.pdbx_seq_one_letter_code
_entity_poly.pdbx_strand_id
1 'polypeptide(L)'
;SSVSALKRLERSQWTDKMDLRFGFERLKEPGEKTGWLINMHPTEILDEDKRLGSAVDYYFIQDDGSRFKVALPYKPYFYI
ATRKGCEREVSSFLSKKFQGKIAKVETVPKEDLDLPNHLVGLKRNYIRLSFHTVEDLVKVRKEISPAVKKNREQDHASDA
YTALLSSVLQRGGVITDEEETSKKIADQLDNIVDMREYDVPYHIRLSIDLKIHVAHWYNVRYRGNAFPVEITRRDDLVER
PDPVVLAFDIETTKLPLKFPDAETDQIMMISYMIDGQGYLITNREIVSEDIEDFEFTPKPEYEGPFCVFNEPDEAHLIQR
WFEHVQETKPTIMVTYNGDFFDWPFVEARAAVHGLSMQQEIGFQKDSQGEYKAPQCIHMDCLRWVKRDSYLPVGSHNLKA
AAKAKLGYDPVELDPEDMCRMATEQPQTLATYSVSDAVATYYLYMKYVHPFIFALCTIIPMEPDEVLRKGSGTLCEALLM
VQAFHANIIFPNKQEQEFNKLTDDGHVLDSETYVGGHVEALESGVFRSDIPCRFRMNPAAFDFLLQRVEKTLRHALEEEE
KVPVEQVTNFEEVCDEIKSKLASLKDVPSRIECPLIYHLDVGAMYPNIILTNRLQPSAMVDEATCAACDFNKPGANCQRK
MAWQWRGEFMPASRSEYHRIQHQLESEKFPPLFPEGPARAFHELSREEQAKYEKRRLADYCRKAYKKIHITKVEERLTTI
CQRENSFYVDTVRAFRDRRYEFKGLHKVWKKKLSAAVEVGDAAEVKRCKNMEVLYDSLQLAHKCILNSFYGYVMRKGARW
YSMEMAGIVCFTGANIITQARELIEQIGRPLELDTDGIWCVLPNSFPENFVFKTTNVKKPKVTISYPGAMLNIMVKEGFT
NDQYQELAEPSSLTYVTRSENSIFFEVDGPYLAMILPASKEEGKKLKKRYAVFNEDGSLAELKGFEVKRRGELQLIKIFQ
SSVFEAFLKGSTLEEVYGSVAKVADYWLDVLYSKAANMPDSELFELISENRSMSRKLEDYGEQKSTSISTAKRLAEFLGD
QMVKDAGLSCRYIISRKPEGSPVTERAIPLAIFQAEPTVRKHFLRKWLKSSSLQDFDIRAILDWDYYIERLGSAIQKIIT
IPAALQQVKNPVPRVKHPDWLHKKLLEKNDVYKQKKISELFTLEGRRQVTMA
;
A
2 'polypeptide(L)'
;MFEARLVQGSILKKVLEALKDLINEACWDISSSGVNLQSMDSSHVSLVQLTLRSEGFDTYRCDRNLAMGVNLTSMSKILK
CAGNEDIITLRAEDNADTLALVFEAPNQEKVSDYEMKLMDLDVEQLGIPEQEYSCVVKMPSGEFARICRDLSHIGDAVVI
SCAKDGVKFSASGELGNGNIKLSQTSNVDKEEEAVTIEMNEPVQLTFALRYLNFFTKATPLSSTVTLSMSADVPLVVEYK
IADMGHLKYYLAPKIEDEEGS
;
B,C,D
3 'polydeoxyribonucleotide'
;(DG)(DG)(DT)(DT)(DC)(DA)(DG)(DC)(DA)(DA)(DG)(DG)(DT)(DG)(DA)(DT)(DG)(DC)(DT)(DT)
(DT)(DA)(DG)(DA)(DT)(DT)(DT)(DT)(DT)(DC)(DA)(PST)
;
P
4 'polydeoxyribonucleotide'
;(DA)(DG)(DT)(DG)(DA)(DA)(DA)(DA)(DA)(DT)(DC)(DT)(DA)(DA)(DA)(DG)(DC)(DA)(DT)(DC)
(DA)(DC)(DC)(DT)(DT)(DG)(DC)(DT)(DG)(DA)(DA)(DC)(DC)
;
T
#
loop_
_chem_comp.id
_chem_comp.type
_chem_comp.name
_chem_comp.formula
DA DNA linking 2'-DEOXYADENOSINE-5'-MONOPHOSPHATE 'C10 H14 N5 O6 P'
DC DNA linking 2'-DEOXYCYTIDINE-5'-MONOPHOSPHATE 'C9 H14 N3 O7 P'
DG DNA linking 2'-DEOXYGUANOSINE-5'-MONOPHOSPHATE 'C10 H14 N5 O7 P'
DT DNA linking THYMIDINE-5'-MONOPHOSPHATE 'C10 H15 N2 O8 P'
MG non-polymer 'MAGNESIUM ION' 'Mg 2'
PST DNA linking THYMIDINE-5'-THIOPHOSPHATE 'C10 H15 N2 O7 P S'
SF4 non-polymer 'IRON/SULFUR CLUSTER' 'Fe4 S4'
#
# COMPACT_ATOMS: atom_id res chain seq x y z
N SER A 1 -50.31 -16.66 -15.55
CA SER A 1 -49.65 -15.36 -15.40
C SER A 1 -50.59 -14.22 -15.77
N SER A 2 -51.90 -14.49 -15.68
CA SER A 2 -52.89 -13.47 -16.00
C SER A 2 -52.96 -12.37 -14.94
N VAL A 3 -52.68 -12.72 -13.68
CA VAL A 3 -52.77 -11.73 -12.60
C VAL A 3 -51.67 -10.69 -12.72
N SER A 4 -50.44 -11.13 -12.99
CA SER A 4 -49.35 -10.19 -13.19
C SER A 4 -49.54 -9.39 -14.48
N ALA A 5 -50.11 -10.02 -15.51
CA ALA A 5 -50.39 -9.31 -16.76
C ALA A 5 -51.41 -8.20 -16.56
N LEU A 6 -52.49 -8.47 -15.82
CA LEU A 6 -53.46 -7.43 -15.54
C LEU A 6 -52.91 -6.39 -14.56
N LYS A 7 -51.99 -6.80 -13.68
CA LYS A 7 -51.34 -5.83 -12.79
C LYS A 7 -50.50 -4.84 -13.58
N ARG A 8 -49.68 -5.32 -14.52
CA ARG A 8 -48.86 -4.40 -15.29
C ARG A 8 -49.70 -3.62 -16.31
N LEU A 9 -50.81 -4.22 -16.77
CA LEU A 9 -51.80 -3.47 -17.52
C LEU A 9 -52.34 -2.29 -16.73
N GLU A 10 -52.78 -2.54 -15.49
CA GLU A 10 -53.30 -1.49 -14.63
C GLU A 10 -52.24 -0.43 -14.36
N ARG A 11 -50.97 -0.85 -14.24
CA ARG A 11 -49.86 0.10 -14.14
C ARG A 11 -49.77 0.96 -15.39
N SER A 12 -49.98 0.35 -16.57
CA SER A 12 -49.90 1.09 -17.82
C SER A 12 -51.00 2.15 -17.93
N GLN A 13 -52.27 1.79 -17.72
CA GLN A 13 -53.27 2.86 -17.82
C GLN A 13 -53.23 3.77 -16.60
N TRP A 14 -52.62 3.33 -15.49
CA TRP A 14 -52.43 4.22 -14.36
C TRP A 14 -51.46 5.34 -14.71
N THR A 15 -50.30 4.99 -15.27
CA THR A 15 -49.35 6.03 -15.70
C THR A 15 -49.94 6.86 -16.84
N ASP A 16 -50.72 6.25 -17.72
CA ASP A 16 -51.31 6.98 -18.83
C ASP A 16 -52.34 8.01 -18.36
N LYS A 17 -53.20 7.62 -17.41
CA LYS A 17 -54.13 8.57 -16.83
C LYS A 17 -53.44 9.57 -15.90
N MET A 18 -52.29 9.20 -15.33
CA MET A 18 -51.49 10.15 -14.57
C MET A 18 -50.95 11.24 -15.47
N ASP A 19 -50.50 10.88 -16.66
CA ASP A 19 -49.93 11.86 -17.57
C ASP A 19 -50.98 12.63 -18.36
N LEU A 20 -52.15 12.03 -18.60
CA LEU A 20 -53.21 12.72 -19.33
C LEU A 20 -53.73 13.92 -18.54
N ARG A 21 -53.94 13.74 -17.23
CA ARG A 21 -54.35 14.85 -16.38
C ARG A 21 -53.21 15.83 -16.10
N PHE A 22 -51.97 15.46 -16.40
CA PHE A 22 -50.82 16.29 -16.12
C PHE A 22 -50.38 17.10 -17.35
N GLY A 23 -51.04 16.88 -18.49
CA GLY A 23 -50.86 17.72 -19.66
C GLY A 23 -50.41 17.00 -20.91
N PHE A 24 -49.88 15.78 -20.78
CA PHE A 24 -49.31 15.06 -21.92
C PHE A 24 -50.41 14.20 -22.56
N GLU A 25 -51.28 14.86 -23.31
CA GLU A 25 -52.31 14.17 -24.05
C GLU A 25 -51.71 13.38 -25.21
N ARG A 26 -52.25 12.20 -25.44
CA ARG A 26 -51.66 11.23 -26.36
C ARG A 26 -51.80 11.68 -27.82
N LEU A 27 -50.97 11.10 -28.67
CA LEU A 27 -51.13 11.26 -30.12
C LEU A 27 -52.17 10.26 -30.58
N LYS A 28 -53.43 10.65 -30.52
CA LYS A 28 -54.55 9.81 -30.92
C LYS A 28 -55.20 10.26 -32.22
N GLU A 29 -55.01 11.51 -32.60
CA GLU A 29 -55.59 12.02 -33.84
C GLU A 29 -54.64 11.75 -35.02
N PRO A 30 -55.16 11.36 -36.18
CA PRO A 30 -54.31 11.14 -37.35
C PRO A 30 -53.79 12.45 -37.90
N GLY A 31 -52.47 12.58 -37.97
CA GLY A 31 -51.88 13.78 -38.52
C GLY A 31 -50.37 13.82 -38.33
N GLU A 32 -49.84 15.01 -38.55
CA GLU A 32 -48.42 15.31 -38.48
C GLU A 32 -48.21 16.48 -37.53
N LYS A 33 -47.31 16.31 -36.56
CA LYS A 33 -47.07 17.34 -35.56
C LYS A 33 -45.58 17.45 -35.24
N THR A 34 -45.12 18.68 -35.06
CA THR A 34 -43.74 18.95 -34.65
C THR A 34 -43.61 18.79 -33.13
N GLY A 35 -42.38 18.78 -32.65
CA GLY A 35 -42.14 18.72 -31.22
C GLY A 35 -40.66 18.71 -30.91
N TRP A 36 -40.35 18.90 -29.63
CA TRP A 36 -38.99 18.78 -29.12
C TRP A 36 -38.97 17.78 -27.97
N LEU A 37 -38.03 16.84 -27.99
CA LEU A 37 -38.11 15.71 -27.08
C LEU A 37 -37.64 16.13 -25.70
N ILE A 38 -38.28 15.59 -24.67
CA ILE A 38 -37.99 15.95 -23.28
C ILE A 38 -37.59 14.74 -22.45
N ASN A 39 -38.39 13.67 -22.48
CA ASN A 39 -38.21 12.57 -21.56
C ASN A 39 -38.29 11.26 -22.33
N MET A 40 -37.79 10.20 -21.70
CA MET A 40 -37.81 8.86 -22.25
C MET A 40 -38.00 7.86 -21.11
N HIS A 41 -39.09 7.09 -21.16
CA HIS A 41 -39.32 6.06 -20.16
C HIS A 41 -39.97 4.83 -20.79
N PRO A 42 -39.65 3.64 -20.31
CA PRO A 42 -40.36 2.44 -20.77
C PRO A 42 -41.78 2.39 -20.22
N THR A 43 -42.63 1.68 -20.95
CA THR A 43 -44.04 1.58 -20.59
C THR A 43 -44.56 0.26 -21.13
N GLU A 44 -45.84 -0.03 -20.86
CA GLU A 44 -46.48 -1.29 -21.18
C GLU A 44 -47.74 -1.07 -22.00
N ILE A 45 -47.64 -0.23 -23.03
CA ILE A 45 -48.80 0.03 -23.90
C ILE A 45 -49.05 -1.17 -24.78
N LEU A 46 -50.30 -1.63 -24.81
CA LEU A 46 -50.71 -2.79 -25.59
C LEU A 46 -51.02 -2.38 -27.03
N ASP A 47 -51.62 -3.28 -27.79
CA ASP A 47 -52.04 -3.00 -29.16
C ASP A 47 -53.51 -3.35 -29.29
N GLU A 48 -54.06 -3.15 -30.50
CA GLU A 48 -55.46 -3.44 -30.75
C GLU A 48 -55.71 -4.94 -30.91
N ASP A 49 -54.67 -5.74 -31.12
CA ASP A 49 -54.82 -7.17 -31.26
C ASP A 49 -54.84 -7.90 -29.92
N LYS A 50 -54.69 -7.15 -28.82
CA LYS A 50 -54.67 -7.66 -27.44
C LYS A 50 -53.52 -8.64 -27.19
N ARG A 51 -52.54 -8.68 -28.09
CA ARG A 51 -51.32 -9.43 -27.83
C ARG A 51 -50.46 -8.67 -26.83
N LEU A 52 -49.90 -9.40 -25.86
CA LEU A 52 -49.02 -8.81 -24.86
C LEU A 52 -47.82 -8.17 -25.54
N GLY A 53 -47.49 -6.95 -25.16
CA GLY A 53 -46.42 -6.22 -25.81
C GLY A 53 -45.99 -5.02 -25.00
N SER A 54 -44.68 -4.77 -25.01
CA SER A 54 -44.10 -3.59 -24.39
C SER A 54 -43.86 -2.52 -25.44
N ALA A 55 -44.14 -1.28 -25.07
CA ALA A 55 -43.98 -0.14 -25.95
C ALA A 55 -43.13 0.89 -25.23
N VAL A 56 -42.97 2.07 -25.85
CA VAL A 56 -42.22 3.15 -25.22
C VAL A 56 -42.86 4.48 -25.61
N ASP A 57 -42.91 5.41 -24.65
CA ASP A 57 -43.57 6.69 -24.86
C ASP A 57 -42.54 7.81 -24.77
N TYR A 58 -42.55 8.67 -25.76
CA TYR A 58 -41.76 9.88 -25.81
C TYR A 58 -42.62 11.06 -25.37
N TYR A 59 -41.97 12.10 -24.89
CA TYR A 59 -42.65 13.32 -24.46
C TYR A 59 -42.15 14.47 -25.31
N PHE A 60 -43.08 15.16 -25.98
CA PHE A 60 -42.73 16.21 -26.93
C PHE A 60 -43.31 17.54 -26.46
N ILE A 61 -42.46 18.55 -26.36
CA ILE A 61 -42.85 19.89 -25.93
C ILE A 61 -42.92 20.80 -27.16
N GLN A 62 -43.67 21.89 -27.03
CA GLN A 62 -43.82 22.88 -28.08
C GLN A 62 -43.18 24.20 -27.66
N ASP A 63 -43.01 25.07 -28.65
CA ASP A 63 -42.51 26.42 -28.37
C ASP A 63 -43.58 27.28 -27.71
N ASP A 64 -44.85 26.89 -27.82
CA ASP A 64 -45.94 27.58 -27.14
C ASP A 64 -46.56 26.74 -26.03
N GLY A 65 -46.08 25.51 -25.82
CA GLY A 65 -46.50 24.70 -24.71
C GLY A 65 -47.65 23.75 -24.97
N SER A 66 -48.01 23.49 -26.22
CA SER A 66 -49.07 22.53 -26.53
C SER A 66 -48.47 21.13 -26.65
N ARG A 67 -47.95 20.67 -25.52
CA ARG A 67 -47.20 19.43 -25.35
C ARG A 67 -48.07 18.21 -25.65
N PHE A 68 -47.39 17.08 -25.88
CA PHE A 68 -48.08 15.82 -26.08
C PHE A 68 -47.13 14.68 -25.77
N LYS A 69 -47.66 13.46 -25.79
CA LYS A 69 -46.91 12.24 -25.54
C LYS A 69 -47.23 11.24 -26.64
N VAL A 70 -46.21 10.57 -27.15
CA VAL A 70 -46.36 9.66 -28.27
C VAL A 70 -45.85 8.29 -27.86
N ALA A 71 -46.74 7.29 -27.85
CA ALA A 71 -46.36 5.93 -27.49
C ALA A 71 -46.29 5.07 -28.75
N LEU A 72 -45.16 4.43 -28.96
CA LEU A 72 -44.95 3.56 -30.11
C LEU A 72 -44.52 2.19 -29.65
N PRO A 73 -44.98 1.13 -30.33
CA PRO A 73 -44.58 -0.23 -29.94
C PRO A 73 -43.18 -0.55 -30.42
N TYR A 74 -42.45 -1.28 -29.59
CA TYR A 74 -41.06 -1.63 -29.85
C TYR A 74 -40.68 -2.81 -28.97
N LYS A 75 -40.23 -3.90 -29.61
CA LYS A 75 -39.79 -5.10 -28.84
C LYS A 75 -38.30 -4.99 -28.51
N PRO A 76 -37.82 -5.57 -27.38
CA PRO A 76 -36.36 -5.54 -27.00
C PRO A 76 -35.53 -6.39 -27.94
N TYR A 77 -34.20 -6.31 -27.83
CA TYR A 77 -33.31 -7.06 -28.76
C TYR A 77 -32.40 -8.01 -27.98
N PHE A 78 -31.96 -9.09 -28.63
CA PHE A 78 -31.06 -10.08 -27.97
C PHE A 78 -30.32 -10.86 -29.07
N TYR A 79 -29.03 -11.13 -28.86
CA TYR A 79 -28.21 -11.83 -29.91
C TYR A 79 -27.62 -13.13 -29.36
N ILE A 80 -27.67 -14.20 -30.15
CA ILE A 80 -27.09 -15.48 -29.76
C ILE A 80 -26.31 -16.00 -30.95
N ALA A 81 -25.02 -16.25 -30.80
CA ALA A 81 -24.25 -16.92 -31.84
C ALA A 81 -24.07 -18.38 -31.47
N THR A 82 -24.46 -19.26 -32.39
CA THR A 82 -24.47 -20.70 -32.18
C THR A 82 -23.35 -21.36 -32.99
N ARG A 83 -23.34 -22.68 -32.98
CA ARG A 83 -22.38 -23.44 -33.78
C ARG A 83 -22.69 -23.31 -35.26
N LYS A 84 -21.65 -23.34 -36.08
CA LYS A 84 -21.78 -23.04 -37.50
C LYS A 84 -22.53 -24.16 -38.23
N GLY A 85 -23.45 -23.77 -39.11
CA GLY A 85 -24.15 -24.70 -39.96
C GLY A 85 -25.36 -25.36 -39.35
N CYS A 86 -25.66 -25.11 -38.07
CA CYS A 86 -26.79 -25.75 -37.40
C CYS A 86 -27.56 -24.73 -36.58
N GLU A 87 -27.85 -23.57 -37.19
CA GLU A 87 -28.59 -22.54 -36.48
C GLU A 87 -30.09 -22.52 -36.80
N ARG A 88 -30.54 -23.35 -37.76
CA ARG A 88 -31.97 -23.49 -37.99
C ARG A 88 -32.67 -24.28 -36.90
N GLU A 89 -32.10 -25.41 -36.49
CA GLU A 89 -32.79 -26.27 -35.54
C GLU A 89 -32.75 -25.70 -34.12
N VAL A 90 -31.73 -24.91 -33.78
CA VAL A 90 -31.74 -24.28 -32.46
C VAL A 90 -32.80 -23.18 -32.41
N SER A 91 -33.02 -22.47 -33.52
CA SER A 91 -34.06 -21.44 -33.54
C SER A 91 -35.45 -22.08 -33.54
N SER A 92 -35.61 -23.21 -34.25
CA SER A 92 -36.89 -23.90 -34.21
C SER A 92 -37.17 -24.48 -32.83
N PHE A 93 -36.15 -25.00 -32.15
CA PHE A 93 -36.31 -25.48 -30.79
C PHE A 93 -36.65 -24.34 -29.84
N LEU A 94 -36.03 -23.18 -30.03
CA LEU A 94 -36.33 -22.02 -29.20
C LEU A 94 -37.76 -21.53 -29.42
N SER A 95 -38.23 -21.57 -30.67
CA SER A 95 -39.58 -21.13 -30.95
C SER A 95 -40.61 -22.14 -30.44
N LYS A 96 -40.30 -23.43 -30.50
CA LYS A 96 -41.24 -24.45 -30.05
C LYS A 96 -41.18 -24.69 -28.54
N LYS A 97 -40.15 -24.20 -27.86
CA LYS A 97 -40.09 -24.34 -26.40
C LYS A 97 -41.12 -23.47 -25.71
N PHE A 98 -41.38 -22.29 -26.26
CA PHE A 98 -42.34 -21.35 -25.70
C PHE A 98 -43.36 -21.00 -26.77
N GLN A 99 -44.61 -21.44 -26.57
CA GLN A 99 -45.68 -21.20 -27.57
C GLN A 99 -45.52 -19.83 -28.24
N GLY A 100 -45.77 -18.74 -27.50
CA GLY A 100 -45.69 -17.38 -28.09
C GLY A 100 -44.88 -16.44 -27.23
N LYS A 101 -44.09 -16.96 -26.30
CA LYS A 101 -43.23 -16.11 -25.43
C LYS A 101 -42.28 -15.30 -26.33
N ILE A 102 -41.53 -15.98 -27.19
CA ILE A 102 -40.64 -15.26 -28.15
C ILE A 102 -41.53 -14.52 -29.17
N ALA A 103 -41.13 -13.32 -29.59
CA ALA A 103 -41.93 -12.54 -30.55
C ALA A 103 -41.46 -12.85 -31.97
N LYS A 104 -40.14 -12.81 -32.20
CA LYS A 104 -39.59 -13.07 -33.55
C LYS A 104 -38.12 -13.54 -33.44
N VAL A 105 -37.73 -14.54 -34.24
CA VAL A 105 -36.31 -14.99 -34.25
C VAL A 105 -35.82 -14.95 -35.71
N GLU A 106 -34.74 -14.18 -35.97
CA GLU A 106 -34.24 -14.04 -37.37
C GLU A 106 -32.70 -13.99 -37.35
N THR A 107 -32.07 -14.16 -38.52
CA THR A 107 -30.60 -14.12 -38.61
C THR A 107 -30.17 -13.31 -39.81
N VAL A 108 -29.27 -12.34 -39.61
CA VAL A 108 -28.73 -11.51 -40.73
C VAL A 108 -27.21 -11.39 -40.48
N PRO A 109 -26.32 -11.61 -41.47
CA PRO A 109 -24.88 -11.60 -41.18
C PRO A 109 -24.37 -10.22 -40.74
N LYS A 110 -23.30 -10.24 -39.96
CA LYS A 110 -22.66 -9.01 -39.47
C LYS A 110 -21.14 -9.20 -39.52
N GLU A 111 -20.42 -8.32 -38.82
CA GLU A 111 -18.96 -8.30 -38.80
C GLU A 111 -18.46 -8.22 -37.36
N ASP A 112 -17.49 -9.07 -37.04
CA ASP A 112 -16.90 -9.11 -35.71
C ASP A 112 -15.74 -8.11 -35.60
N LEU A 113 -15.61 -7.51 -34.42
CA LEU A 113 -14.59 -6.48 -34.19
C LEU A 113 -13.18 -7.05 -34.04
N ASP A 114 -13.03 -8.31 -33.65
CA ASP A 114 -11.72 -8.89 -33.42
C ASP A 114 -11.56 -10.26 -34.09
N LEU A 115 -12.17 -10.42 -35.26
CA LEU A 115 -12.00 -11.65 -36.03
C LEU A 115 -10.77 -11.54 -36.92
N PRO A 116 -9.82 -12.46 -36.83
CA PRO A 116 -8.63 -12.38 -37.68
C PRO A 116 -8.93 -12.69 -39.13
N ASN A 117 -7.97 -12.36 -39.99
CA ASN A 117 -8.05 -12.54 -41.44
C ASN A 117 -9.27 -11.82 -42.02
N HIS A 118 -9.43 -10.55 -41.63
CA HIS A 118 -10.58 -9.76 -42.04
C HIS A 118 -10.45 -9.16 -43.44
N LEU A 119 -9.29 -9.25 -44.08
CA LEU A 119 -9.12 -8.63 -45.38
C LEU A 119 -9.84 -9.40 -46.48
N VAL A 120 -10.02 -10.71 -46.30
CA VAL A 120 -10.72 -11.51 -47.31
C VAL A 120 -12.23 -11.45 -47.17
N GLY A 121 -12.75 -10.68 -46.22
CA GLY A 121 -14.18 -10.54 -46.05
C GLY A 121 -14.81 -11.67 -45.27
N LEU A 122 -14.18 -12.06 -44.16
CA LEU A 122 -14.72 -13.11 -43.31
C LEU A 122 -15.97 -12.61 -42.58
N LYS A 123 -16.86 -13.54 -42.26
CA LYS A 123 -18.16 -13.22 -41.68
C LYS A 123 -18.40 -14.11 -40.47
N ARG A 124 -18.99 -13.52 -39.43
CA ARG A 124 -19.53 -14.27 -38.30
C ARG A 124 -20.96 -13.79 -38.11
N ASN A 125 -21.87 -14.73 -37.85
CA ASN A 125 -23.31 -14.47 -37.89
C ASN A 125 -23.97 -14.92 -36.60
N TYR A 126 -24.81 -14.04 -36.04
CA TYR A 126 -25.63 -14.37 -34.88
C TYR A 126 -27.03 -14.78 -35.33
N ILE A 127 -27.92 -14.94 -34.36
CA ILE A 127 -29.36 -14.92 -34.58
C ILE A 127 -29.95 -13.94 -33.59
N ARG A 128 -30.97 -13.21 -34.04
CA ARG A 128 -31.67 -12.23 -33.24
C ARG A 128 -32.91 -12.89 -32.67
N LEU A 129 -33.02 -12.86 -31.34
CA LEU A 129 -34.19 -13.36 -30.63
C LEU A 129 -34.86 -12.18 -29.96
N SER A 130 -36.14 -11.98 -30.26
CA SER A 130 -36.92 -10.86 -29.73
C SER A 130 -38.11 -11.40 -28.96
N PHE A 131 -38.31 -10.85 -27.77
CA PHE A 131 -39.48 -11.12 -26.95
C PHE A 131 -40.46 -9.97 -27.06
N HIS A 132 -41.74 -10.28 -26.81
CA HIS A 132 -42.77 -9.27 -26.85
C HIS A 132 -42.79 -8.37 -25.63
N THR A 133 -42.16 -8.76 -24.53
CA THR A 133 -42.20 -7.93 -23.33
C THR A 133 -40.92 -8.13 -22.52
N VAL A 134 -40.64 -7.15 -21.66
CA VAL A 134 -39.37 -7.09 -20.95
C VAL A 134 -39.29 -8.13 -19.84
N GLU A 135 -40.39 -8.35 -19.11
CA GLU A 135 -40.34 -9.31 -18.02
C GLU A 135 -40.19 -10.74 -18.53
N ASP A 136 -40.68 -11.02 -19.74
CA ASP A 136 -40.38 -12.31 -20.36
C ASP A 136 -38.90 -12.41 -20.69
N LEU A 137 -38.29 -11.30 -21.12
CA LEU A 137 -36.85 -11.28 -21.37
C LEU A 137 -36.06 -11.57 -20.10
N VAL A 138 -36.42 -10.96 -18.96
CA VAL A 138 -35.63 -11.21 -17.76
C VAL A 138 -35.93 -12.60 -17.20
N LYS A 139 -37.14 -13.12 -17.43
CA LYS A 139 -37.43 -14.51 -17.06
C LYS A 139 -36.59 -15.49 -17.85
N VAL A 140 -36.48 -15.30 -19.17
CA VAL A 140 -35.63 -16.17 -19.98
C VAL A 140 -34.16 -15.97 -19.60
N ARG A 141 -33.77 -14.76 -19.23
CA ARG A 141 -32.41 -14.50 -18.74
C ARG A 141 -32.10 -15.34 -17.51
N LYS A 142 -32.97 -15.28 -16.50
CA LYS A 142 -32.76 -16.08 -15.30
C LYS A 142 -32.90 -17.58 -15.57
N GLU A 143 -33.65 -17.96 -16.61
CA GLU A 143 -33.77 -19.37 -16.94
C GLU A 143 -32.51 -19.90 -17.61
N ILE A 144 -31.88 -19.10 -18.47
CA ILE A 144 -30.84 -19.62 -19.35
C ILE A 144 -29.43 -19.30 -18.87
N SER A 145 -29.25 -18.26 -18.04
CA SER A 145 -27.91 -17.75 -17.76
C SER A 145 -26.97 -18.74 -17.07
N PRO A 146 -27.36 -19.48 -16.00
CA PRO A 146 -26.42 -20.49 -15.47
C PRO A 146 -26.13 -21.62 -16.45
N ALA A 147 -27.10 -21.99 -17.29
CA ALA A 147 -26.84 -22.97 -18.33
C ALA A 147 -25.83 -22.44 -19.34
N VAL A 148 -25.91 -21.15 -19.66
CA VAL A 148 -24.93 -20.51 -20.54
C VAL A 148 -23.55 -20.53 -19.89
N LYS A 149 -23.46 -20.20 -18.60
CA LYS A 149 -22.17 -20.18 -17.93
C LYS A 149 -21.53 -21.58 -17.91
N LYS A 150 -22.32 -22.59 -17.56
CA LYS A 150 -21.83 -23.96 -17.55
C LYS A 150 -21.42 -24.43 -18.94
N ASN A 151 -22.25 -24.10 -19.94
CA ASN A 151 -21.96 -24.50 -21.34
C ASN A 151 -20.81 -23.66 -21.89
N ARG A 152 -20.58 -22.47 -21.34
CA ARG A 152 -19.42 -21.66 -21.78
C ARG A 152 -18.14 -22.41 -21.42
N GLU A 153 -18.10 -23.05 -20.24
CA GLU A 153 -16.94 -23.87 -19.86
C GLU A 153 -16.82 -25.03 -20.85
N GLN A 154 -17.96 -25.61 -21.25
CA GLN A 154 -17.95 -26.71 -22.25
C GLN A 154 -17.38 -26.18 -23.56
N ASP A 155 -17.86 -25.01 -24.01
CA ASP A 155 -17.34 -24.40 -25.27
C ASP A 155 -15.85 -24.08 -25.09
N HIS A 156 -15.48 -23.56 -23.92
CA HIS A 156 -14.05 -23.24 -23.63
C HIS A 156 -13.23 -24.53 -23.72
N ALA A 157 -13.73 -25.61 -23.12
CA ALA A 157 -13.02 -26.91 -23.17
C ALA A 157 -12.89 -27.35 -24.63
N SER A 158 -13.98 -27.23 -25.39
CA SER A 158 -13.96 -27.61 -26.83
C SER A 158 -12.90 -26.77 -27.57
N ASP A 159 -12.83 -25.48 -27.26
CA ASP A 159 -11.81 -24.59 -27.90
C ASP A 159 -10.42 -25.10 -27.53
N ALA A 160 -10.22 -25.47 -26.26
CA ALA A 160 -8.91 -26.00 -25.81
C ALA A 160 -8.60 -27.29 -26.57
N TYR A 161 -9.61 -28.14 -26.75
CA TYR A 161 -9.41 -29.42 -27.51
C TYR A 161 -9.02 -29.07 -28.94
N THR A 162 -9.70 -28.08 -29.53
CA THR A 162 -9.40 -27.66 -30.91
C THR A 162 -7.97 -27.17 -30.97
N ALA A 163 -7.56 -26.37 -29.97
CA ALA A 163 -6.17 -25.86 -29.91
C ALA A 163 -5.20 -27.06 -29.82
N LEU A 164 -5.56 -28.06 -29.01
CA LEU A 164 -4.72 -29.27 -28.89
C LEU A 164 -4.62 -29.97 -30.25
N LEU A 165 -5.74 -30.07 -30.97
CA LEU A 165 -5.73 -30.69 -32.32
C LEU A 165 -4.81 -29.86 -33.23
N SER A 166 -4.91 -28.53 -33.16
CA SER A 166 -4.04 -27.65 -33.98
C SER A 166 -2.58 -27.87 -33.58
N SER A 167 -2.31 -28.02 -32.28
CA SER A 167 -0.92 -28.25 -31.80
C SER A 167 -0.33 -29.48 -32.49
N GLN A 188 -29.56 -30.92 -26.83
CA GLN A 188 -29.51 -30.03 -28.02
C GLN A 188 -29.19 -28.59 -27.56
N LEU A 189 -29.78 -28.15 -26.45
CA LEU A 189 -29.57 -26.78 -26.01
C LEU A 189 -28.11 -26.35 -26.07
N ASP A 190 -27.17 -27.30 -26.04
CA ASP A 190 -25.74 -27.01 -25.93
C ASP A 190 -25.11 -26.58 -27.26
N ASN A 191 -25.90 -26.27 -28.28
CA ASN A 191 -25.37 -25.80 -29.55
C ASN A 191 -25.13 -24.29 -29.57
N ILE A 192 -25.43 -23.59 -28.48
CA ILE A 192 -25.24 -22.14 -28.44
C ILE A 192 -23.83 -21.84 -27.93
N VAL A 193 -23.11 -21.01 -28.68
CA VAL A 193 -21.69 -20.77 -28.43
C VAL A 193 -21.45 -19.55 -27.55
N ASP A 194 -22.14 -18.43 -27.82
CA ASP A 194 -22.15 -17.30 -26.90
C ASP A 194 -23.39 -16.44 -27.13
N MET A 195 -23.61 -15.51 -26.22
CA MET A 195 -24.75 -14.62 -26.26
C MET A 195 -24.34 -13.23 -25.80
N ARG A 196 -24.99 -12.20 -26.33
CA ARG A 196 -24.74 -10.83 -25.87
C ARG A 196 -26.04 -10.09 -25.64
N GLU A 197 -25.88 -8.80 -25.32
CA GLU A 197 -26.95 -7.85 -25.00
C GLU A 197 -27.89 -8.39 -23.91
N TYR A 198 -27.31 -8.57 -22.73
CA TYR A 198 -28.09 -8.82 -21.53
C TYR A 198 -27.95 -7.69 -20.51
N ASP A 199 -27.09 -6.71 -20.77
CA ASP A 199 -26.90 -5.58 -19.88
C ASP A 199 -27.40 -4.25 -20.44
N VAL A 200 -27.56 -4.14 -21.75
CA VAL A 200 -28.11 -2.92 -22.35
C VAL A 200 -29.59 -2.83 -21.99
N PRO A 201 -30.05 -1.69 -21.47
CA PRO A 201 -31.46 -1.59 -21.09
C PRO A 201 -32.41 -1.50 -22.28
N TYR A 202 -33.69 -1.29 -21.99
CA TYR A 202 -34.68 -1.21 -23.05
C TYR A 202 -34.57 0.09 -23.83
N HIS A 203 -34.81 1.21 -23.13
CA HIS A 203 -34.75 2.54 -23.80
C HIS A 203 -33.38 2.74 -24.44
N ILE A 204 -32.33 2.29 -23.75
CA ILE A 204 -30.95 2.49 -24.28
C ILE A 204 -30.81 1.74 -25.61
N ARG A 205 -31.07 0.43 -25.61
CA ARG A 205 -31.02 -0.35 -26.88
C ARG A 205 -31.97 0.32 -27.89
N LEU A 206 -33.17 0.72 -27.43
CA LEU A 206 -34.15 1.36 -28.34
C LEU A 206 -33.42 2.45 -29.13
N SER A 207 -32.86 3.44 -28.44
CA SER A 207 -32.18 4.58 -29.11
C SER A 207 -31.01 4.05 -29.95
N ILE A 208 -30.23 3.11 -29.41
CA ILE A 208 -29.05 2.56 -30.14
C ILE A 208 -29.49 2.09 -31.54
N ASP A 209 -30.62 1.37 -31.65
CA ASP A 209 -30.96 0.84 -33.00
C ASP A 209 -31.83 1.83 -33.80
N LEU A 210 -32.56 2.74 -33.15
CA LEU A 210 -33.47 3.63 -33.93
C LEU A 210 -32.79 4.99 -34.15
N LYS A 211 -31.81 5.33 -33.30
CA LYS A 211 -31.11 6.64 -33.38
C LYS A 211 -32.07 7.79 -33.03
N ILE A 212 -33.00 7.59 -32.09
CA ILE A 212 -33.87 8.72 -31.65
C ILE A 212 -33.15 9.37 -30.46
N HIS A 213 -32.69 10.62 -30.63
CA HIS A 213 -31.86 11.25 -29.57
C HIS A 213 -32.60 12.35 -28.81
N VAL A 214 -32.55 12.31 -27.48
CA VAL A 214 -33.11 13.38 -26.67
C VAL A 214 -32.49 14.72 -27.07
N ALA A 215 -33.27 15.79 -26.92
CA ALA A 215 -32.91 17.17 -27.28
C ALA A 215 -32.64 17.32 -28.78
N HIS A 216 -33.67 17.00 -29.57
CA HIS A 216 -33.65 17.24 -31.00
C HIS A 216 -35.08 17.44 -31.49
N TRP A 217 -35.28 18.45 -32.32
CA TRP A 217 -36.59 18.74 -32.89
C TRP A 217 -37.00 17.64 -33.86
N TYR A 218 -38.18 17.08 -33.62
CA TYR A 218 -38.70 15.93 -34.36
C TYR A 218 -40.08 16.28 -34.88
N ASN A 219 -40.54 15.53 -35.86
CA ASN A 219 -41.93 15.57 -36.28
C ASN A 219 -42.48 14.15 -36.41
N VAL A 220 -43.76 14.00 -36.08
CA VAL A 220 -44.40 12.70 -35.98
C VAL A 220 -45.55 12.63 -36.98
N ARG A 221 -45.66 11.49 -37.63
CA ARG A 221 -46.70 11.16 -38.60
C ARG A 221 -47.44 9.93 -38.10
N TYR A 222 -48.77 10.03 -37.98
CA TYR A 222 -49.58 8.95 -37.41
C TYR A 222 -50.98 9.04 -38.00
N ARG A 223 -51.22 8.28 -39.06
CA ARG A 223 -52.54 8.18 -39.69
C ARG A 223 -53.20 6.86 -39.28
N GLY A 224 -54.48 6.95 -38.87
CA GLY A 224 -55.16 5.74 -38.45
C GLY A 224 -54.69 5.24 -37.09
N ASN A 225 -54.94 3.96 -36.86
CA ASN A 225 -54.58 3.34 -35.58
C ASN A 225 -53.76 2.08 -35.81
N ALA A 226 -53.99 1.43 -36.95
CA ALA A 226 -53.25 0.21 -37.26
C ALA A 226 -51.79 0.50 -37.61
N PHE A 227 -51.53 1.64 -38.23
CA PHE A 227 -50.18 2.02 -38.59
C PHE A 227 -49.38 2.42 -37.34
N PRO A 228 -48.07 2.14 -37.33
CA PRO A 228 -47.24 2.60 -36.21
C PRO A 228 -46.92 4.08 -36.31
N VAL A 229 -46.10 4.58 -35.39
CA VAL A 229 -45.71 5.98 -35.36
C VAL A 229 -44.48 6.17 -36.24
N GLU A 230 -44.54 7.16 -37.12
CA GLU A 230 -43.38 7.57 -37.89
C GLU A 230 -42.77 8.83 -37.27
N ILE A 231 -41.46 8.85 -37.12
CA ILE A 231 -40.76 9.99 -36.55
C ILE A 231 -39.62 10.37 -37.47
N THR A 232 -39.39 11.68 -37.63
CA THR A 232 -38.36 12.17 -38.53
C THR A 232 -37.68 13.39 -37.91
N ARG A 233 -36.35 13.42 -38.01
CA ARG A 233 -35.54 14.51 -37.48
C ARG A 233 -35.74 15.78 -38.29
N ARG A 234 -35.89 16.91 -37.59
CA ARG A 234 -35.93 18.25 -38.18
C ARG A 234 -34.78 19.01 -37.50
N ASP A 235 -33.58 18.88 -38.05
CA ASP A 235 -32.38 19.41 -37.40
C ASP A 235 -32.00 20.81 -37.88
N ASP A 236 -32.72 21.36 -38.85
CA ASP A 236 -32.38 22.71 -39.33
C ASP A 236 -32.78 23.78 -38.32
N LEU A 237 -33.74 23.47 -37.45
CA LEU A 237 -34.18 24.41 -36.42
C LEU A 237 -33.20 24.31 -35.25
N VAL A 238 -32.14 25.10 -35.31
CA VAL A 238 -31.08 25.03 -34.30
C VAL A 238 -31.48 25.65 -32.97
N GLU A 239 -32.55 26.42 -32.93
CA GLU A 239 -33.03 26.97 -31.67
C GLU A 239 -33.68 25.88 -30.83
N ARG A 240 -33.75 26.13 -29.53
CA ARG A 240 -34.40 25.19 -28.63
C ARG A 240 -35.41 25.92 -27.75
N PRO A 241 -36.60 25.35 -27.57
CA PRO A 241 -37.57 25.97 -26.67
C PRO A 241 -37.16 25.81 -25.22
N ASP A 242 -37.60 26.74 -24.39
CA ASP A 242 -37.33 26.64 -22.96
C ASP A 242 -38.37 25.73 -22.32
N PRO A 243 -37.99 24.58 -21.77
CA PRO A 243 -38.96 23.78 -21.04
C PRO A 243 -39.34 24.47 -19.74
N VAL A 244 -40.59 24.25 -19.32
CA VAL A 244 -41.02 24.75 -18.03
C VAL A 244 -40.30 23.95 -16.95
N VAL A 245 -39.49 24.65 -16.15
CA VAL A 245 -38.59 24.01 -15.20
C VAL A 245 -38.92 24.52 -13.81
N LEU A 246 -39.27 23.61 -12.92
CA LEU A 246 -39.59 23.97 -11.54
C LEU A 246 -38.47 23.43 -10.65
N ALA A 247 -37.74 24.34 -10.02
CA ALA A 247 -36.76 23.98 -9.01
C ALA A 247 -37.39 24.19 -7.65
N PHE A 248 -37.21 23.23 -6.74
CA PHE A 248 -37.87 23.33 -5.44
C PHE A 248 -36.96 22.82 -4.33
N ASP A 249 -37.26 23.30 -3.13
CA ASP A 249 -36.44 23.00 -1.95
C ASP A 249 -37.29 23.10 -0.70
N ILE A 250 -37.13 22.12 0.19
CA ILE A 250 -37.89 22.03 1.43
C ILE A 250 -37.05 22.60 2.56
N GLU A 251 -37.71 22.88 3.68
CA GLU A 251 -37.03 22.85 4.97
C GLU A 251 -37.95 22.18 5.99
N THR A 252 -37.33 21.45 6.92
CA THR A 252 -38.05 20.60 7.85
C THR A 252 -37.78 21.03 9.28
N THR A 253 -38.75 20.78 10.16
CA THR A 253 -38.52 20.92 11.59
C THR A 253 -37.57 19.82 12.06
N LYS A 254 -36.96 20.05 13.22
CA LYS A 254 -36.00 19.10 13.75
C LYS A 254 -35.81 19.33 15.25
N LEU A 255 -35.54 18.25 15.96
CA LEU A 255 -35.07 18.39 17.33
C LEU A 255 -33.56 18.57 17.33
N PRO A 256 -33.02 19.40 18.24
CA PRO A 256 -31.64 19.87 18.09
C PRO A 256 -30.58 18.77 18.18
N LEU A 257 -29.49 19.00 17.44
CA LEU A 257 -28.30 18.13 17.42
C LEU A 257 -28.63 16.70 17.00
N LYS A 258 -29.47 16.57 15.96
CA LYS A 258 -29.86 15.27 15.45
C LYS A 258 -30.37 15.44 14.03
N PHE A 259 -30.03 14.49 13.16
CA PHE A 259 -30.56 14.47 11.81
C PHE A 259 -32.07 14.24 11.86
N PRO A 260 -32.85 15.03 11.11
CA PRO A 260 -34.31 14.98 11.24
C PRO A 260 -34.90 13.65 10.79
N ASP A 261 -36.00 13.28 11.42
CA ASP A 261 -36.74 12.06 11.10
C ASP A 261 -38.03 12.41 10.39
N ALA A 262 -38.42 11.57 9.45
CA ALA A 262 -39.56 11.84 8.58
C ALA A 262 -40.88 11.35 9.14
N GLU A 263 -40.88 10.71 10.31
CA GLU A 263 -42.10 10.18 10.89
C GLU A 263 -42.79 11.16 11.81
N THR A 264 -42.05 12.05 12.46
CA THR A 264 -42.61 13.00 13.41
C THR A 264 -42.47 14.45 12.96
N ASP A 265 -41.31 14.83 12.43
CA ASP A 265 -41.10 16.20 11.98
C ASP A 265 -41.86 16.47 10.68
N GLN A 266 -42.13 17.75 10.43
CA GLN A 266 -42.94 18.16 9.30
C GLN A 266 -42.37 19.44 8.70
N ILE A 267 -42.79 19.74 7.47
CA ILE A 267 -42.25 20.84 6.68
C ILE A 267 -42.84 22.15 7.17
N MET A 268 -41.99 23.15 7.43
CA MET A 268 -42.55 24.48 7.63
C MET A 268 -42.60 25.30 6.37
N MET A 269 -41.77 24.99 5.36
CA MET A 269 -41.75 25.83 4.17
C MET A 269 -41.21 25.07 2.97
N ILE A 270 -41.88 25.31 1.82
CA ILE A 270 -41.43 24.87 0.50
C ILE A 270 -41.21 26.11 -0.35
N SER A 271 -40.14 26.11 -1.14
CA SER A 271 -39.86 27.21 -2.03
C SER A 271 -39.57 26.68 -3.43
N TYR A 272 -40.14 27.31 -4.45
CA TYR A 272 -40.03 26.77 -5.79
C TYR A 272 -40.09 27.88 -6.82
N MET A 273 -39.64 27.52 -8.03
CA MET A 273 -39.10 28.46 -9.00
C MET A 273 -39.44 27.89 -10.37
N ILE A 274 -40.47 28.43 -11.02
CA ILE A 274 -40.96 27.94 -12.31
C ILE A 274 -40.78 29.02 -13.36
N ASP A 275 -39.81 28.80 -14.26
CA ASP A 275 -39.59 29.58 -15.49
C ASP A 275 -39.45 31.08 -15.20
N GLY A 276 -38.71 31.43 -14.15
CA GLY A 276 -38.49 32.80 -13.77
C GLY A 276 -39.50 33.38 -12.80
N GLN A 277 -40.58 32.68 -12.51
CA GLN A 277 -41.59 33.13 -11.55
C GLN A 277 -41.49 32.27 -10.30
N GLY A 278 -41.41 32.91 -9.14
CA GLY A 278 -41.10 32.22 -7.89
C GLY A 278 -42.26 32.24 -6.91
N TYR A 279 -42.43 31.13 -6.19
CA TYR A 279 -43.47 31.01 -5.17
C TYR A 279 -42.90 30.36 -3.92
N LEU A 280 -43.55 30.67 -2.80
CA LEU A 280 -43.12 30.24 -1.48
C LEU A 280 -44.35 29.88 -0.66
N ILE A 281 -44.49 28.61 -0.29
CA ILE A 281 -45.65 28.18 0.49
C ILE A 281 -45.18 27.83 1.90
N THR A 282 -45.88 28.38 2.89
CA THR A 282 -45.44 28.32 4.27
C THR A 282 -46.55 27.80 5.17
N ASN A 283 -46.18 26.95 6.12
CA ASN A 283 -47.10 26.41 7.11
C ASN A 283 -47.24 27.39 8.28
N ARG A 284 -48.46 27.81 8.55
CA ARG A 284 -48.76 28.78 9.60
C ARG A 284 -48.98 28.13 10.96
N GLU A 285 -48.90 26.79 11.04
CA GLU A 285 -49.03 26.13 12.33
C GLU A 285 -47.82 26.39 13.21
N ILE A 286 -46.62 26.38 12.63
CA ILE A 286 -45.39 26.64 13.35
C ILE A 286 -44.92 28.07 13.19
N VAL A 287 -44.99 28.59 11.96
CA VAL A 287 -44.61 29.98 11.70
C VAL A 287 -45.65 30.91 12.33
N SER A 288 -45.17 31.95 13.01
CA SER A 288 -46.04 32.76 13.86
C SER A 288 -46.99 33.65 13.04
N GLU A 289 -46.53 34.16 11.91
CA GLU A 289 -47.30 35.17 11.19
C GLU A 289 -47.20 34.93 9.68
N ASP A 290 -48.07 35.63 8.95
CA ASP A 290 -48.09 35.55 7.50
C ASP A 290 -46.88 36.24 6.88
N ILE A 291 -46.62 35.93 5.62
CA ILE A 291 -45.48 36.45 4.88
C ILE A 291 -46.00 37.15 3.63
N GLU A 292 -45.53 38.37 3.39
CA GLU A 292 -45.94 39.13 2.22
C GLU A 292 -44.97 38.87 1.05
N ASP A 293 -45.41 39.28 -0.14
CA ASP A 293 -44.58 39.15 -1.32
C ASP A 293 -43.39 40.11 -1.26
N PHE A 294 -42.26 39.68 -1.80
CA PHE A 294 -41.04 40.47 -1.72
C PHE A 294 -40.16 40.17 -2.94
N GLU A 295 -39.11 40.97 -3.08
CA GLU A 295 -38.16 40.88 -4.18
C GLU A 295 -36.76 40.66 -3.62
N PHE A 296 -36.00 39.78 -4.27
CA PHE A 296 -34.63 39.50 -3.87
C PHE A 296 -33.76 39.39 -5.10
N THR A 297 -32.92 40.40 -5.32
CA THR A 297 -32.09 40.49 -6.53
C THR A 297 -30.63 40.63 -6.13
N PRO A 298 -29.85 39.55 -6.19
CA PRO A 298 -28.43 39.64 -5.83
C PRO A 298 -27.58 40.28 -6.90
N LYS A 299 -27.89 40.00 -8.17
CA LYS A 299 -27.17 40.54 -9.31
C LYS A 299 -28.17 40.96 -10.37
N PRO A 300 -27.82 41.92 -11.22
CA PRO A 300 -28.79 42.41 -12.23
C PRO A 300 -29.23 41.36 -13.24
N GLU A 301 -28.46 40.29 -13.44
CA GLU A 301 -28.88 39.23 -14.34
C GLU A 301 -29.70 38.16 -13.65
N TYR A 302 -29.95 38.29 -12.34
CA TYR A 302 -30.73 37.33 -11.57
C TYR A 302 -31.93 38.03 -10.96
N GLU A 303 -33.08 37.92 -11.63
CA GLU A 303 -34.31 38.53 -11.14
C GLU A 303 -34.97 37.62 -10.10
N GLY A 304 -35.60 38.24 -9.11
CA GLY A 304 -36.15 37.51 -7.98
C GLY A 304 -37.62 37.70 -7.64
N PRO A 305 -38.54 37.70 -8.61
CA PRO A 305 -39.94 37.96 -8.26
C PRO A 305 -40.54 36.78 -7.49
N PHE A 306 -41.29 37.10 -6.43
CA PHE A 306 -41.71 36.09 -5.48
C PHE A 306 -43.12 36.35 -4.98
N CYS A 307 -43.93 35.30 -4.98
CA CYS A 307 -45.27 35.31 -4.41
C CYS A 307 -45.32 34.32 -3.25
N VAL A 308 -46.19 34.60 -2.28
CA VAL A 308 -46.26 33.81 -1.05
C VAL A 308 -47.67 33.26 -0.89
N PHE A 309 -47.77 31.95 -0.68
CA PHE A 309 -48.98 31.29 -0.24
C PHE A 309 -48.76 30.71 1.15
N ASN A 310 -49.76 30.84 2.01
CA ASN A 310 -49.66 30.40 3.41
C ASN A 310 -50.83 29.49 3.72
N GLU A 311 -50.53 28.29 4.22
CA GLU A 311 -51.60 27.35 4.55
C GLU A 311 -51.55 26.99 6.03
N PRO A 312 -52.70 26.67 6.64
CA PRO A 312 -52.71 26.47 8.11
C PRO A 312 -51.94 25.25 8.58
N ASP A 313 -51.96 24.14 7.84
CA ASP A 313 -51.28 22.92 8.25
C ASP A 313 -50.48 22.34 7.08
N GLU A 314 -49.76 21.25 7.36
CA GLU A 314 -48.91 20.64 6.35
C GLU A 314 -49.73 19.96 5.26
N ALA A 315 -50.93 19.45 5.61
CA ALA A 315 -51.76 18.78 4.62
C ALA A 315 -52.23 19.74 3.54
N HIS A 316 -52.70 20.93 3.93
CA HIS A 316 -53.09 21.92 2.93
C HIS A 316 -51.89 22.48 2.18
N LEU A 317 -50.73 22.55 2.82
CA LEU A 317 -49.51 22.97 2.14
C LEU A 317 -49.13 21.99 1.02
N ILE A 318 -49.08 20.70 1.34
CA ILE A 318 -48.71 19.72 0.33
C ILE A 318 -49.83 19.56 -0.69
N GLN A 319 -51.08 19.80 -0.32
CA GLN A 319 -52.17 19.79 -1.29
C GLN A 319 -52.04 20.95 -2.27
N ARG A 320 -51.70 22.14 -1.77
CA ARG A 320 -51.46 23.30 -2.64
C ARG A 320 -50.29 23.05 -3.58
N TRP A 321 -49.21 22.45 -3.05
CA TRP A 321 -48.06 22.10 -3.89
C TRP A 321 -48.46 21.11 -4.97
N PHE A 322 -49.24 20.09 -4.62
CA PHE A 322 -49.61 19.06 -5.58
C PHE A 322 -50.54 19.62 -6.66
N GLU A 323 -51.53 20.42 -6.27
CA GLU A 323 -52.42 20.98 -7.28
C GLU A 323 -51.73 22.03 -8.14
N HIS A 324 -50.75 22.75 -7.59
CA HIS A 324 -50.07 23.76 -8.40
C HIS A 324 -49.10 23.09 -9.37
N VAL A 325 -48.52 21.95 -8.97
CA VAL A 325 -47.75 21.15 -9.91
C VAL A 325 -48.67 20.56 -10.97
N GLN A 326 -49.89 20.17 -10.57
CA GLN A 326 -50.88 19.66 -11.52
C GLN A 326 -51.34 20.75 -12.50
N GLU A 327 -51.34 22.01 -12.08
CA GLU A 327 -51.83 23.09 -12.93
C GLU A 327 -50.74 23.66 -13.83
N THR A 328 -49.59 24.04 -13.25
CA THR A 328 -48.51 24.61 -14.03
C THR A 328 -47.83 23.56 -14.91
N LYS A 329 -47.80 22.31 -14.44
CA LYS A 329 -47.35 21.13 -15.17
C LYS A 329 -45.88 21.25 -15.61
N PRO A 330 -44.92 21.16 -14.69
CA PRO A 330 -43.51 21.29 -15.10
C PRO A 330 -42.97 20.00 -15.67
N THR A 331 -42.26 20.09 -16.80
CA THR A 331 -41.64 18.93 -17.38
C THR A 331 -40.36 18.51 -16.67
N ILE A 332 -39.58 19.47 -16.16
CA ILE A 332 -38.30 19.20 -15.54
C ILE A 332 -38.28 19.79 -14.14
N MET A 333 -38.01 18.95 -13.14
CA MET A 333 -38.00 19.35 -11.75
C MET A 333 -36.57 19.26 -11.23
N VAL A 334 -36.15 20.29 -10.48
CA VAL A 334 -34.74 20.49 -10.13
C VAL A 334 -34.59 20.55 -8.63
N THR A 335 -33.66 19.74 -8.09
CA THR A 335 -33.34 19.76 -6.66
C THR A 335 -31.84 19.85 -6.47
N TYR A 336 -31.42 19.88 -5.20
CA TYR A 336 -30.04 19.70 -4.81
C TYR A 336 -29.99 18.68 -3.68
N ASN A 337 -29.36 17.54 -3.95
CA ASN A 337 -29.44 16.33 -3.12
C ASN A 337 -30.89 15.96 -2.84
N GLY A 338 -31.67 15.80 -3.92
CA GLY A 338 -33.07 15.43 -3.75
C GLY A 338 -33.27 13.99 -3.36
N ASP A 339 -32.40 13.10 -3.84
CA ASP A 339 -32.53 11.67 -3.62
C ASP A 339 -32.20 11.23 -2.20
N PHE A 340 -31.74 12.13 -1.34
CA PHE A 340 -31.25 11.76 -0.02
C PHE A 340 -32.17 12.23 1.10
N PHE A 341 -32.44 13.52 1.19
CA PHE A 341 -33.21 14.09 2.28
C PHE A 341 -34.57 14.61 1.85
N ASP A 342 -34.72 14.93 0.56
CA ASP A 342 -35.94 15.61 0.10
C ASP A 342 -37.10 14.65 -0.11
N TRP A 343 -36.95 13.74 -1.09
CA TRP A 343 -38.06 12.87 -1.48
C TRP A 343 -38.52 11.90 -0.40
N PRO A 344 -37.65 11.20 0.36
CA PRO A 344 -38.20 10.40 1.46
C PRO A 344 -38.97 11.21 2.49
N PHE A 345 -38.54 12.44 2.77
CA PHE A 345 -39.24 13.26 3.75
C PHE A 345 -40.62 13.68 3.23
N VAL A 346 -40.68 14.17 1.99
CA VAL A 346 -41.98 14.61 1.48
C VAL A 346 -42.90 13.42 1.20
N GLU A 347 -42.35 12.28 0.79
CA GLU A 347 -43.16 11.08 0.61
C GLU A 347 -43.72 10.60 1.93
N ALA A 348 -42.90 10.62 2.99
CA ALA A 348 -43.39 10.19 4.30
C ALA A 348 -44.40 11.17 4.88
N ARG A 349 -44.22 12.48 4.64
CA ARG A 349 -45.22 13.44 5.09
C ARG A 349 -46.51 13.36 4.28
N ALA A 350 -46.44 12.90 3.04
CA ALA A 350 -47.66 12.57 2.32
C ALA A 350 -48.32 11.34 2.92
N ALA A 351 -47.53 10.30 3.23
CA ALA A 351 -48.07 9.05 3.74
C ALA A 351 -48.68 9.21 5.13
N VAL A 352 -48.15 10.11 5.94
CA VAL A 352 -48.72 10.36 7.26
C VAL A 352 -50.11 10.99 7.14
N HIS A 353 -50.27 11.95 6.23
CA HIS A 353 -51.52 12.69 6.09
C HIS A 353 -52.52 12.00 5.16
N GLY A 354 -52.39 10.70 4.92
CA GLY A 354 -53.36 9.95 4.15
C GLY A 354 -53.21 10.03 2.65
N LEU A 355 -52.15 10.66 2.15
CA LEU A 355 -51.89 10.81 0.73
C LEU A 355 -50.63 10.03 0.37
N SER A 356 -50.20 10.19 -0.88
CA SER A 356 -48.98 9.56 -1.38
C SER A 356 -48.55 10.31 -2.63
N MET A 357 -47.24 10.37 -2.85
CA MET A 357 -46.73 11.09 -4.01
C MET A 357 -46.85 10.30 -5.30
N GLN A 358 -47.08 8.99 -5.21
CA GLN A 358 -47.37 8.22 -6.42
C GLN A 358 -48.70 8.65 -7.05
N GLN A 359 -49.70 8.94 -6.24
CA GLN A 359 -51.06 9.05 -6.73
C GLN A 359 -51.43 10.43 -7.27
N GLU A 360 -50.59 11.44 -7.12
CA GLU A 360 -50.94 12.75 -7.65
C GLU A 360 -49.88 13.40 -8.52
N ILE A 361 -48.59 13.12 -8.29
CA ILE A 361 -47.55 13.60 -9.20
C ILE A 361 -46.63 12.47 -9.69
N GLY A 362 -46.84 11.24 -9.25
CA GLY A 362 -46.08 10.10 -9.75
C GLY A 362 -44.60 10.07 -9.40
N PHE A 363 -44.23 10.36 -8.16
CA PHE A 363 -42.83 10.31 -7.73
C PHE A 363 -42.67 9.22 -6.68
N GLN A 364 -42.12 8.08 -7.10
CA GLN A 364 -41.84 6.97 -6.19
C GLN A 364 -40.36 6.60 -6.29
N LYS A 365 -39.89 5.87 -5.28
CA LYS A 365 -38.53 5.37 -5.29
C LYS A 365 -38.37 4.26 -6.32
N ASP A 366 -37.22 4.26 -6.99
CA ASP A 366 -36.86 3.17 -7.89
C ASP A 366 -36.07 2.14 -7.10
N SER A 367 -35.48 1.17 -7.80
CA SER A 367 -34.74 0.12 -7.12
C SER A 367 -33.39 0.60 -6.59
N GLN A 368 -32.84 1.68 -7.15
CA GLN A 368 -31.52 2.17 -6.77
C GLN A 368 -31.58 3.30 -5.76
N GLY A 369 -32.76 3.57 -5.19
CA GLY A 369 -32.89 4.63 -4.21
C GLY A 369 -33.05 6.02 -4.81
N GLU A 370 -33.13 6.14 -6.13
CA GLU A 370 -33.32 7.40 -6.81
C GLU A 370 -34.78 7.51 -7.26
N TYR A 371 -35.24 8.75 -7.41
CA TYR A 371 -36.64 9.04 -7.67
C TYR A 371 -36.80 9.52 -9.11
N LYS A 372 -37.47 8.72 -9.93
CA LYS A 372 -37.67 9.02 -11.34
C LYS A 372 -39.16 8.94 -11.64
N ALA A 373 -39.76 10.07 -11.95
CA ALA A 373 -41.16 10.10 -12.34
C ALA A 373 -41.31 9.64 -13.79
N PRO A 374 -42.49 9.10 -14.16
CA PRO A 374 -42.68 8.67 -15.54
C PRO A 374 -42.68 9.81 -16.55
N GLN A 375 -42.93 11.04 -16.13
CA GLN A 375 -43.04 12.16 -17.04
C GLN A 375 -42.22 13.39 -16.66
N CYS A 376 -41.84 13.52 -15.40
CA CYS A 376 -41.15 14.70 -14.91
C CYS A 376 -39.73 14.31 -14.53
N ILE A 377 -38.75 14.81 -15.28
CA ILE A 377 -37.35 14.48 -15.02
C ILE A 377 -36.95 15.11 -13.70
N HIS A 378 -36.74 14.29 -12.68
CA HIS A 378 -36.14 14.77 -11.45
C HIS A 378 -34.63 14.83 -11.66
N MET A 379 -34.07 16.03 -11.49
CA MET A 379 -32.71 16.31 -11.90
C MET A 379 -31.97 17.02 -10.78
N ASP A 380 -30.75 16.58 -10.49
CA ASP A 380 -30.07 16.88 -9.23
C ASP A 380 -28.70 17.48 -9.54
N CYS A 381 -28.52 18.75 -9.19
CA CYS A 381 -27.30 19.47 -9.56
C CYS A 381 -26.09 19.03 -8.73
N LEU A 382 -26.30 18.38 -7.58
CA LEU A 382 -25.17 17.95 -6.77
C LEU A 382 -24.35 16.87 -7.47
N ARG A 383 -24.99 15.97 -8.19
CA ARG A 383 -24.25 14.96 -8.93
C ARG A 383 -23.44 15.57 -10.07
N TRP A 384 -23.93 16.66 -10.67
CA TRP A 384 -23.14 17.36 -11.67
C TRP A 384 -21.96 18.09 -11.03
N VAL A 385 -22.18 18.71 -9.88
CA VAL A 385 -21.08 19.37 -9.17
C VAL A 385 -20.01 18.35 -8.79
N LYS A 386 -20.44 17.15 -8.41
CA LYS A 386 -19.50 16.08 -8.12
C LYS A 386 -18.76 15.60 -9.37
N ARG A 387 -19.45 15.55 -10.51
CA ARG A 387 -18.87 14.87 -11.67
C ARG A 387 -18.17 15.81 -12.66
N ASP A 388 -18.90 16.76 -13.24
CA ASP A 388 -18.43 17.49 -14.42
C ASP A 388 -18.06 18.94 -14.16
N SER A 389 -18.35 19.49 -12.99
CA SER A 389 -18.17 20.91 -12.80
C SER A 389 -16.72 21.32 -12.59
N TYR A 390 -15.81 20.35 -12.38
CA TYR A 390 -14.38 20.58 -12.19
C TYR A 390 -14.08 21.45 -10.96
N LEU A 391 -15.03 21.57 -10.05
CA LEU A 391 -14.71 22.11 -8.75
C LEU A 391 -13.84 21.15 -7.96
N PRO A 392 -13.03 21.67 -7.04
CA PRO A 392 -12.21 20.78 -6.19
C PRO A 392 -13.07 19.85 -5.35
N VAL A 393 -12.58 18.63 -5.17
CA VAL A 393 -13.26 17.66 -4.33
C VAL A 393 -13.24 18.13 -2.87
N GLY A 394 -14.26 17.74 -2.12
CA GLY A 394 -14.47 18.27 -0.80
C GLY A 394 -15.12 19.63 -0.76
N SER A 395 -15.47 20.20 -1.91
CA SER A 395 -16.09 21.51 -2.03
C SER A 395 -17.30 21.41 -2.96
N HIS A 396 -18.13 20.40 -2.72
CA HIS A 396 -19.25 20.09 -3.61
C HIS A 396 -20.58 20.65 -3.14
N ASN A 397 -20.62 21.39 -2.03
CA ASN A 397 -21.89 21.89 -1.53
C ASN A 397 -22.39 23.03 -2.43
N LEU A 398 -23.67 23.38 -2.24
CA LEU A 398 -24.33 24.34 -3.13
C LEU A 398 -23.73 25.74 -2.99
N LYS A 399 -23.32 26.12 -1.78
CA LYS A 399 -22.72 27.44 -1.59
C LYS A 399 -21.41 27.56 -2.37
N ALA A 400 -20.59 26.51 -2.33
CA ALA A 400 -19.34 26.50 -3.07
C ALA A 400 -19.57 26.55 -4.58
N ALA A 401 -20.55 25.79 -5.07
CA ALA A 401 -20.83 25.77 -6.50
C ALA A 401 -21.41 27.10 -6.97
N ALA A 402 -22.26 27.74 -6.16
CA ALA A 402 -22.81 29.03 -6.53
C ALA A 402 -21.73 30.11 -6.51
N LYS A 403 -20.79 30.04 -5.57
CA LYS A 403 -19.70 31.01 -5.58
C LYS A 403 -18.73 30.76 -6.73
N ALA A 404 -18.52 29.50 -7.11
CA ALA A 404 -17.56 29.19 -8.16
C ALA A 404 -18.12 29.50 -9.55
N LYS A 405 -19.41 29.20 -9.79
CA LYS A 405 -19.98 29.33 -11.12
C LYS A 405 -20.79 30.62 -11.27
N LEU A 406 -21.79 30.82 -10.41
CA LEU A 406 -22.65 32.00 -10.52
C LEU A 406 -21.95 33.29 -10.09
N GLY A 407 -20.90 33.18 -9.28
CA GLY A 407 -20.17 34.36 -8.85
C GLY A 407 -20.88 35.22 -7.83
N TYR A 408 -21.60 34.62 -6.88
CA TYR A 408 -22.18 35.37 -5.78
C TYR A 408 -22.29 34.46 -4.57
N ASP A 409 -22.48 35.07 -3.41
CA ASP A 409 -22.48 34.36 -2.14
C ASP A 409 -23.92 34.12 -1.70
N PRO A 410 -24.36 32.87 -1.59
CA PRO A 410 -25.67 32.60 -0.98
C PRO A 410 -25.66 32.93 0.50
N VAL A 411 -26.83 33.31 1.01
CA VAL A 411 -26.98 33.67 2.41
C VAL A 411 -26.90 32.42 3.28
N GLU A 412 -26.05 32.45 4.30
CA GLU A 412 -25.87 31.33 5.20
C GLU A 412 -26.78 31.47 6.41
N LEU A 413 -27.21 30.32 6.95
CA LEU A 413 -28.01 30.29 8.16
C LEU A 413 -27.80 28.94 8.84
N ASP A 414 -27.68 28.98 10.16
CA ASP A 414 -27.43 27.78 10.95
C ASP A 414 -28.70 26.95 11.05
N PRO A 415 -28.71 25.69 10.62
CA PRO A 415 -29.89 24.84 10.85
C PRO A 415 -30.20 24.58 12.31
N GLU A 416 -29.22 24.70 13.20
CA GLU A 416 -29.49 24.57 14.62
C GLU A 416 -30.36 25.72 15.12
N ASP A 417 -30.10 26.93 14.64
CA ASP A 417 -30.83 28.12 15.08
C ASP A 417 -32.02 28.46 14.19
N MET A 418 -32.28 27.67 13.14
CA MET A 418 -33.38 28.00 12.24
C MET A 418 -34.74 27.70 12.86
N CYS A 419 -34.80 26.80 13.85
CA CYS A 419 -36.06 26.50 14.52
C CYS A 419 -36.58 27.68 15.34
N ARG A 420 -35.69 28.40 16.04
CA ARG A 420 -36.09 29.59 16.77
C ARG A 420 -36.33 30.77 15.84
N MET A 421 -35.63 30.82 14.69
CA MET A 421 -35.95 31.77 13.64
C MET A 421 -37.29 31.50 12.99
N ALA A 422 -37.78 30.25 13.03
CA ALA A 422 -39.09 29.94 12.46
C ALA A 422 -40.22 30.56 13.27
N THR A 423 -39.97 30.95 14.51
CA THR A 423 -40.96 31.60 15.34
C THR A 423 -40.64 33.05 15.68
N GLU A 424 -39.38 33.46 15.59
CA GLU A 424 -39.03 34.84 15.93
C GLU A 424 -39.37 35.80 14.80
N GLN A 425 -38.79 35.58 13.61
CA GLN A 425 -39.19 36.38 12.45
C GLN A 425 -39.13 35.49 11.20
N PRO A 426 -40.20 35.45 10.41
CA PRO A 426 -40.22 34.58 9.23
C PRO A 426 -39.65 35.19 7.96
N GLN A 427 -39.38 36.50 7.95
CA GLN A 427 -38.97 37.15 6.71
C GLN A 427 -37.57 36.75 6.29
N THR A 428 -36.61 36.78 7.23
CA THR A 428 -35.24 36.42 6.90
C THR A 428 -35.11 34.93 6.60
N LEU A 429 -35.85 34.09 7.33
CA LEU A 429 -35.90 32.66 7.02
C LEU A 429 -36.48 32.40 5.64
N ALA A 430 -37.51 33.17 5.28
CA ALA A 430 -38.09 33.09 3.95
C ALA A 430 -37.09 33.52 2.89
N THR A 431 -36.31 34.57 3.18
CA THR A 431 -35.25 35.00 2.25
C THR A 431 -34.20 33.92 2.07
N TYR A 432 -33.83 33.22 3.15
CA TYR A 432 -32.90 32.11 3.04
C TYR A 432 -33.46 31.00 2.17
N SER A 433 -34.74 30.65 2.35
CA SER A 433 -35.35 29.58 1.58
C SER A 433 -35.42 29.94 0.10
N VAL A 434 -35.85 31.16 -0.20
CA VAL A 434 -35.95 31.55 -1.60
C VAL A 434 -34.57 31.76 -2.20
N SER A 435 -33.56 32.08 -1.37
CA SER A 435 -32.20 32.16 -1.85
C SER A 435 -31.67 30.79 -2.24
N ASP A 436 -31.97 29.77 -1.45
CA ASP A 436 -31.67 28.40 -1.82
C ASP A 436 -32.34 28.04 -3.14
N ALA A 437 -33.62 28.39 -3.29
CA ALA A 437 -34.36 28.06 -4.50
C ALA A 437 -33.78 28.77 -5.72
N VAL A 438 -33.50 30.07 -5.61
CA VAL A 438 -33.03 30.83 -6.75
C VAL A 438 -31.59 30.45 -7.11
N ALA A 439 -30.77 30.10 -6.11
CA ALA A 439 -29.43 29.61 -6.39
C ALA A 439 -29.48 28.28 -7.14
N THR A 440 -30.36 27.37 -6.70
CA THR A 440 -30.51 26.10 -7.40
C THR A 440 -31.00 26.31 -8.82
N TYR A 441 -31.98 27.20 -9.02
CA TYR A 441 -32.59 27.35 -10.33
C TYR A 441 -31.68 28.09 -11.30
N TYR A 442 -30.95 29.11 -10.85
CA TYR A 442 -30.03 29.79 -11.75
C TYR A 442 -28.75 29.01 -12.00
N LEU A 443 -28.22 28.32 -10.99
CA LEU A 443 -27.14 27.38 -11.24
C LEU A 443 -27.61 26.24 -12.14
N TYR A 444 -28.91 25.98 -12.17
CA TYR A 444 -29.44 25.09 -13.17
C TYR A 444 -29.37 25.72 -14.56
N MET A 445 -30.13 26.78 -14.79
CA MET A 445 -30.33 27.18 -16.18
C MET A 445 -29.16 27.94 -16.80
N LYS A 446 -28.35 28.64 -16.01
CA LYS A 446 -27.22 29.35 -16.62
C LYS A 446 -26.14 28.37 -17.07
N TYR A 447 -25.85 27.36 -16.24
CA TYR A 447 -24.72 26.47 -16.50
C TYR A 447 -25.14 25.09 -16.97
N VAL A 448 -25.93 24.37 -16.18
CA VAL A 448 -25.95 22.92 -16.31
C VAL A 448 -27.14 22.43 -17.13
N HIS A 449 -28.16 23.27 -17.30
CA HIS A 449 -29.28 22.86 -18.15
C HIS A 449 -28.89 22.78 -19.63
N PRO A 450 -28.32 23.81 -20.26
CA PRO A 450 -27.85 23.61 -21.63
C PRO A 450 -26.64 22.70 -21.71
N PHE A 451 -25.86 22.59 -20.63
CA PHE A 451 -24.75 21.63 -20.61
C PHE A 451 -25.26 20.19 -20.67
N ILE A 452 -26.26 19.86 -19.83
CA ILE A 452 -26.82 18.52 -19.84
C ILE A 452 -27.50 18.22 -21.17
N PHE A 453 -28.22 19.20 -21.71
CA PHE A 453 -28.87 18.90 -23.00
C PHE A 453 -27.89 18.87 -24.16
N ALA A 454 -26.78 19.61 -24.08
CA ALA A 454 -25.72 19.46 -25.08
C ALA A 454 -25.05 18.10 -24.97
N LEU A 455 -24.89 17.61 -23.75
CA LEU A 455 -24.45 16.23 -23.54
C LEU A 455 -25.50 15.25 -24.06
N CYS A 456 -26.77 15.64 -24.00
CA CYS A 456 -27.87 14.77 -24.37
C CYS A 456 -28.02 14.64 -25.88
N THR A 457 -27.63 15.67 -26.64
CA THR A 457 -27.74 15.59 -28.09
C THR A 457 -26.80 14.53 -28.67
N ILE A 458 -25.76 14.14 -27.95
CA ILE A 458 -24.80 13.16 -28.41
C ILE A 458 -24.88 11.83 -27.65
N ILE A 459 -25.44 11.82 -26.45
CA ILE A 459 -25.57 10.63 -25.63
C ILE A 459 -27.03 10.19 -25.68
N PRO A 460 -27.33 8.92 -26.03
CA PRO A 460 -28.70 8.47 -26.30
C PRO A 460 -29.48 8.06 -25.05
N MET A 461 -29.47 8.91 -24.03
CA MET A 461 -29.97 8.52 -22.73
C MET A 461 -30.89 9.62 -22.20
N GLU A 462 -31.94 9.22 -21.49
CA GLU A 462 -32.89 10.20 -20.95
C GLU A 462 -32.21 11.05 -19.87
N PRO A 463 -32.65 12.30 -19.68
CA PRO A 463 -31.85 13.26 -18.90
C PRO A 463 -31.53 12.86 -17.46
N ASP A 464 -32.45 12.21 -16.75
CA ASP A 464 -32.14 11.82 -15.37
C ASP A 464 -31.07 10.73 -15.32
N GLU A 465 -31.08 9.80 -16.28
CA GLU A 465 -30.06 8.77 -16.26
C GLU A 465 -28.74 9.27 -16.82
N VAL A 466 -28.75 10.29 -17.68
CA VAL A 466 -27.47 10.77 -18.20
C VAL A 466 -26.83 11.69 -17.17
N LEU A 467 -27.61 12.29 -16.29
CA LEU A 467 -26.99 12.95 -15.15
C LEU A 467 -26.51 11.96 -14.09
N ARG A 468 -27.29 10.90 -13.83
CA ARG A 468 -26.91 9.99 -12.75
C ARG A 468 -25.75 9.08 -13.11
N LYS A 469 -25.73 8.55 -14.34
CA LYS A 469 -24.79 7.50 -14.68
C LYS A 469 -23.36 8.03 -14.74
N GLY A 470 -22.41 7.11 -14.59
CA GLY A 470 -21.02 7.48 -14.47
C GLY A 470 -20.38 7.84 -15.80
N SER A 471 -19.13 8.27 -15.69
CA SER A 471 -18.35 8.73 -16.84
C SER A 471 -18.10 7.61 -17.85
N GLY A 472 -17.74 6.43 -17.35
CA GLY A 472 -17.42 5.31 -18.23
C GLY A 472 -18.61 4.86 -19.05
N THR A 473 -19.79 4.82 -18.45
CA THR A 473 -20.98 4.46 -19.22
C THR A 473 -21.45 5.57 -20.15
N LEU A 474 -21.05 6.81 -19.90
CA LEU A 474 -21.29 7.86 -20.89
C LEU A 474 -20.44 7.65 -22.13
N CYS A 475 -19.14 7.38 -21.94
CA CYS A 475 -18.31 6.97 -23.06
C CYS A 475 -18.85 5.71 -23.71
N GLU A 476 -19.43 4.82 -22.91
CA GLU A 476 -20.02 3.61 -23.45
C GLU A 476 -21.23 3.91 -24.33
N ALA A 477 -22.07 4.85 -23.92
CA ALA A 477 -23.22 5.21 -24.73
C ALA A 477 -22.80 5.82 -26.06
N LEU A 478 -21.77 6.70 -26.03
CA LEU A 478 -21.27 7.27 -27.28
C LEU A 478 -20.69 6.19 -28.19
N LEU A 479 -19.91 5.26 -27.62
CA LEU A 479 -19.37 4.18 -28.42
C LEU A 479 -20.43 3.20 -28.89
N MET A 480 -21.52 3.00 -28.16
CA MET A 480 -22.60 2.17 -28.67
C MET A 480 -23.32 2.84 -29.84
N VAL A 481 -23.49 4.16 -29.78
CA VAL A 481 -24.05 4.89 -30.91
C VAL A 481 -23.18 4.71 -32.14
N GLN A 482 -21.88 5.00 -32.02
CA GLN A 482 -21.00 4.87 -33.18
C GLN A 482 -20.73 3.42 -33.53
N ALA A 483 -21.02 2.48 -32.63
CA ALA A 483 -20.88 1.07 -32.90
C ALA A 483 -22.03 0.56 -33.76
N PHE A 484 -23.24 1.08 -33.52
CA PHE A 484 -24.33 0.64 -34.38
C PHE A 484 -24.49 1.48 -35.63
N HIS A 485 -23.86 2.66 -35.72
CA HIS A 485 -23.70 3.25 -37.04
C HIS A 485 -22.74 2.42 -37.89
N ALA A 486 -21.76 1.79 -37.27
CA ALA A 486 -20.78 0.98 -37.98
C ALA A 486 -21.17 -0.50 -38.07
N ASN A 487 -22.29 -0.89 -37.44
CA ASN A 487 -22.83 -2.25 -37.48
C ASN A 487 -21.82 -3.28 -36.93
N ILE A 488 -21.50 -3.15 -35.65
CA ILE A 488 -20.69 -4.14 -34.94
C ILE A 488 -21.45 -4.60 -33.71
N ILE A 489 -21.08 -5.79 -33.24
CA ILE A 489 -21.75 -6.46 -32.14
C ILE A 489 -21.03 -6.10 -30.85
N PHE A 490 -21.80 -5.84 -29.80
CA PHE A 490 -21.26 -5.25 -28.59
C PHE A 490 -20.51 -6.30 -27.79
N PRO A 491 -19.27 -6.05 -27.39
CA PRO A 491 -18.62 -6.91 -26.40
C PRO A 491 -19.28 -6.78 -25.03
N ASN A 492 -19.31 -7.90 -24.31
CA ASN A 492 -19.94 -7.94 -23.00
C ASN A 492 -19.06 -7.24 -21.96
N LYS A 493 -19.56 -7.21 -20.73
CA LYS A 493 -18.75 -6.71 -19.62
C LYS A 493 -17.59 -7.66 -19.37
N GLN A 494 -16.39 -7.11 -19.20
CA GLN A 494 -15.20 -7.93 -19.03
C GLN A 494 -15.17 -8.47 -17.61
N GLU A 495 -15.48 -9.76 -17.47
CA GLU A 495 -15.51 -10.40 -16.17
C GLU A 495 -14.11 -10.76 -15.70
N GLN A 496 -14.00 -11.10 -14.42
CA GLN A 496 -12.73 -11.55 -13.87
C GLN A 496 -12.53 -13.03 -14.16
N GLU A 497 -11.40 -13.37 -14.77
CA GLU A 497 -11.10 -14.75 -15.10
C GLU A 497 -10.29 -15.39 -13.98
N PHE A 498 -10.68 -16.60 -13.60
CA PHE A 498 -10.08 -17.28 -12.45
C PHE A 498 -8.84 -18.06 -12.89
N ASN A 499 -7.73 -17.82 -12.19
CA ASN A 499 -6.47 -18.53 -12.36
C ASN A 499 -5.94 -18.40 -13.80
N LYS A 500 -5.62 -17.16 -14.17
CA LYS A 500 -5.02 -16.91 -15.47
C LYS A 500 -3.61 -17.47 -15.51
N LEU A 501 -3.25 -18.10 -16.63
CA LEU A 501 -1.96 -18.76 -16.77
C LEU A 501 -0.98 -17.85 -17.49
N THR A 502 0.12 -17.53 -16.81
CA THR A 502 1.23 -16.84 -17.43
C THR A 502 1.90 -17.79 -18.42
N ASP A 503 2.43 -17.23 -19.52
CA ASP A 503 3.19 -18.01 -20.49
C ASP A 503 4.41 -18.68 -19.88
N ASP A 504 4.96 -18.12 -18.80
CA ASP A 504 6.03 -18.79 -18.07
C ASP A 504 5.52 -20.05 -17.39
N GLY A 505 4.27 -20.04 -16.93
CA GLY A 505 3.67 -21.22 -16.33
C GLY A 505 3.26 -21.05 -14.88
N HIS A 506 2.85 -19.84 -14.50
CA HIS A 506 2.47 -19.53 -13.14
C HIS A 506 1.09 -18.89 -13.11
N VAL A 507 0.31 -19.23 -12.09
CA VAL A 507 -1.03 -18.67 -11.95
C VAL A 507 -0.92 -17.29 -11.30
N LEU A 508 -1.83 -16.39 -11.68
CA LEU A 508 -1.74 -14.99 -11.30
C LEU A 508 -2.57 -14.69 -10.06
N ASP A 509 -2.28 -13.54 -9.47
CA ASP A 509 -3.05 -12.95 -8.37
C ASP A 509 -3.46 -11.52 -8.66
N SER A 510 -2.60 -10.74 -9.33
CA SER A 510 -2.95 -9.39 -9.75
C SER A 510 -2.14 -9.06 -11.00
N GLU A 511 -2.73 -8.26 -11.89
CA GLU A 511 -2.19 -8.05 -13.23
C GLU A 511 -2.53 -6.63 -13.65
N THR A 512 -1.52 -5.76 -13.72
CA THR A 512 -1.73 -4.32 -13.71
C THR A 512 -0.86 -3.65 -14.76
N TYR A 513 -1.40 -2.58 -15.36
CA TYR A 513 -0.68 -1.71 -16.29
C TYR A 513 0.19 -0.72 -15.51
N VAL A 514 0.65 0.34 -16.21
CA VAL A 514 1.55 1.32 -15.60
C VAL A 514 0.91 1.94 -14.37
N GLY A 515 1.66 1.94 -13.27
CA GLY A 515 1.13 2.16 -11.94
C GLY A 515 0.73 3.56 -11.53
N GLY A 516 0.45 4.44 -12.49
CA GLY A 516 0.03 5.79 -12.16
C GLY A 516 1.16 6.62 -11.60
N HIS A 517 2.11 6.97 -12.46
CA HIS A 517 3.31 7.69 -12.05
C HIS A 517 2.95 9.06 -11.49
N VAL A 518 3.17 9.24 -10.18
CA VAL A 518 2.94 10.51 -9.51
C VAL A 518 4.16 10.80 -8.64
N GLU A 519 4.64 12.03 -8.70
CA GLU A 519 5.88 12.40 -8.01
C GLU A 519 5.76 13.85 -7.60
N ALA A 520 6.03 14.13 -6.32
CA ALA A 520 6.13 15.52 -5.85
C ALA A 520 7.61 15.83 -5.67
N LEU A 521 8.24 16.31 -6.75
CA LEU A 521 9.69 16.53 -6.74
C LEU A 521 10.12 17.62 -5.78
N GLU A 522 9.25 18.60 -5.51
CA GLU A 522 9.56 19.63 -4.53
C GLU A 522 8.34 19.84 -3.65
N SER A 523 8.55 20.51 -2.53
CA SER A 523 7.49 20.88 -1.62
C SER A 523 7.77 22.29 -1.12
N GLY A 524 6.77 23.16 -1.18
CA GLY A 524 6.95 24.50 -0.67
C GLY A 524 5.87 25.43 -1.18
N VAL A 525 5.90 26.65 -0.66
CA VAL A 525 4.92 27.69 -0.96
C VAL A 525 5.39 28.40 -2.22
N PHE A 526 4.49 28.56 -3.18
CA PHE A 526 4.90 29.11 -4.46
C PHE A 526 3.85 30.11 -4.95
N ARG A 527 4.30 31.27 -5.39
CA ARG A 527 3.39 32.35 -5.71
C ARG A 527 3.96 33.18 -6.85
N SER A 528 3.18 34.17 -7.28
CA SER A 528 3.64 35.12 -8.29
C SER A 528 4.25 36.36 -7.68
N ASP A 529 4.27 36.47 -6.35
CA ASP A 529 4.93 37.57 -5.65
C ASP A 529 6.15 37.13 -4.87
N ILE A 530 6.29 35.83 -4.61
CA ILE A 530 7.42 35.26 -3.89
C ILE A 530 8.67 35.37 -4.75
N PRO A 531 9.83 35.68 -4.19
CA PRO A 531 11.08 35.52 -4.96
C PRO A 531 11.65 34.11 -4.85
N CYS A 532 11.70 33.40 -5.97
CA CYS A 532 12.32 32.09 -6.04
C CYS A 532 13.58 32.11 -6.89
N ARG A 533 14.28 30.99 -6.84
CA ARG A 533 15.61 30.81 -7.38
C ARG A 533 15.57 30.03 -8.69
N PHE A 534 16.47 30.37 -9.60
CA PHE A 534 16.60 29.70 -10.88
C PHE A 534 18.07 29.44 -11.16
N ARG A 535 18.42 28.17 -11.37
CA ARG A 535 19.68 27.77 -12.00
C ARG A 535 19.40 27.51 -13.47
N MET A 536 19.82 28.43 -14.33
CA MET A 536 19.53 28.36 -15.75
C MET A 536 20.74 27.80 -16.50
N ASN A 537 20.54 26.68 -17.18
CA ASN A 537 21.56 26.14 -18.06
C ASN A 537 21.54 26.87 -19.38
N PRO A 538 22.62 27.55 -19.77
CA PRO A 538 22.61 28.34 -21.01
C PRO A 538 22.69 27.53 -22.29
N ALA A 539 22.84 26.21 -22.22
CA ALA A 539 22.88 25.40 -23.45
C ALA A 539 21.50 25.33 -24.10
N ALA A 540 20.46 25.09 -23.29
CA ALA A 540 19.10 25.13 -23.81
C ALA A 540 18.72 26.54 -24.28
N PHE A 541 19.30 27.56 -23.66
CA PHE A 541 19.05 28.93 -24.09
C PHE A 541 19.73 29.23 -25.41
N ASP A 542 20.93 28.68 -25.63
CA ASP A 542 21.58 28.77 -26.93
C ASP A 542 20.81 28.01 -28.00
N PHE A 543 20.17 26.92 -27.62
CA PHE A 543 19.23 26.24 -28.52
C PHE A 543 18.04 27.14 -28.84
N LEU A 544 17.48 27.79 -27.82
CA LEU A 544 16.26 28.57 -28.00
C LEU A 544 16.49 29.83 -28.83
N LEU A 545 17.66 30.46 -28.71
CA LEU A 545 17.93 31.67 -29.48
C LEU A 545 17.93 31.43 -30.98
N GLN A 546 18.42 30.27 -31.41
CA GLN A 546 18.38 29.91 -32.82
C GLN A 546 17.13 29.14 -33.22
N ARG A 547 16.30 28.73 -32.25
CA ARG A 547 15.04 28.10 -32.62
C ARG A 547 13.88 29.09 -32.76
N VAL A 548 13.90 30.18 -31.98
CA VAL A 548 12.65 30.86 -31.61
C VAL A 548 11.90 31.48 -32.80
N GLU A 549 12.63 31.87 -33.86
CA GLU A 549 11.96 32.40 -35.04
C GLU A 549 11.10 31.32 -35.71
N LYS A 550 11.68 30.15 -35.93
CA LYS A 550 10.94 29.05 -36.51
C LYS A 550 9.88 28.52 -35.54
N THR A 551 10.10 28.63 -34.22
CA THR A 551 9.09 28.13 -33.29
C THR A 551 7.84 28.98 -33.36
N LEU A 552 8.00 30.30 -33.36
CA LEU A 552 6.82 31.16 -33.47
C LEU A 552 6.20 31.08 -34.86
N ARG A 553 7.02 30.86 -35.89
CA ARG A 553 6.50 30.64 -37.23
C ARG A 553 5.59 29.41 -37.28
N HIS A 554 6.06 28.29 -36.73
CA HIS A 554 5.27 27.06 -36.71
C HIS A 554 4.05 27.18 -35.82
N ALA A 555 4.18 27.92 -34.70
CA ALA A 555 3.04 28.13 -33.82
C ALA A 555 1.95 28.94 -34.50
N LEU A 556 2.33 29.97 -35.26
CA LEU A 556 1.32 30.75 -35.97
C LEU A 556 0.77 29.99 -37.17
N GLU A 557 1.56 29.13 -37.81
CA GLU A 557 1.08 28.38 -38.96
C GLU A 557 0.28 27.14 -38.58
N GLU A 558 0.33 26.70 -37.33
CA GLU A 558 -0.39 25.48 -36.94
C GLU A 558 -1.47 25.70 -35.90
N GLU A 559 -1.18 26.45 -34.83
CA GLU A 559 -2.20 26.70 -33.82
C GLU A 559 -3.27 27.67 -34.35
N GLU A 560 -2.88 28.56 -35.27
CA GLU A 560 -3.85 29.45 -35.90
C GLU A 560 -4.19 29.04 -37.32
N LYS A 561 -3.38 28.17 -37.94
CA LYS A 561 -3.58 27.67 -39.31
C LYS A 561 -3.66 28.79 -40.34
N VAL A 562 -2.84 29.82 -40.17
CA VAL A 562 -2.72 30.90 -41.14
C VAL A 562 -1.27 30.98 -41.60
N PRO A 563 -1.00 31.42 -42.84
CA PRO A 563 0.39 31.54 -43.28
C PRO A 563 1.10 32.69 -42.59
N VAL A 564 2.43 32.55 -42.46
CA VAL A 564 3.24 33.59 -41.85
C VAL A 564 3.36 34.82 -42.73
N GLU A 565 3.14 34.67 -44.05
CA GLU A 565 3.16 35.82 -44.94
C GLU A 565 1.96 36.73 -44.77
N GLN A 566 0.91 36.26 -44.09
CA GLN A 566 -0.27 37.09 -43.87
C GLN A 566 0.03 38.23 -42.89
N VAL A 567 0.78 37.94 -41.83
CA VAL A 567 1.08 38.94 -40.81
C VAL A 567 2.30 39.76 -41.26
N THR A 568 2.39 40.97 -40.75
CA THR A 568 3.46 41.91 -41.12
C THR A 568 4.33 42.26 -39.92
N ASN A 569 3.79 42.12 -38.70
CA ASN A 569 4.41 42.64 -37.48
C ASN A 569 5.27 41.60 -36.79
N PHE A 570 5.94 40.74 -37.58
CA PHE A 570 6.81 39.71 -37.02
C PHE A 570 8.05 40.30 -36.35
N GLU A 571 8.58 41.41 -36.88
CA GLU A 571 9.90 41.86 -36.51
C GLU A 571 9.94 42.45 -35.09
N GLU A 572 8.90 43.20 -34.69
CA GLU A 572 8.98 43.84 -33.38
C GLU A 572 8.71 42.86 -32.25
N VAL A 573 7.83 41.88 -32.45
CA VAL A 573 7.66 40.86 -31.42
C VAL A 573 8.86 39.93 -31.39
N CYS A 574 9.50 39.68 -32.55
CA CYS A 574 10.75 38.93 -32.55
C CYS A 574 11.85 39.68 -31.80
N ASP A 575 11.91 41.00 -31.95
CA ASP A 575 12.92 41.79 -31.24
C ASP A 575 12.63 41.83 -29.73
N GLU A 576 11.36 41.89 -29.34
CA GLU A 576 11.02 41.78 -27.92
C GLU A 576 11.42 40.42 -27.35
N ILE A 577 11.20 39.36 -28.15
CA ILE A 577 11.62 38.02 -27.76
C ILE A 577 13.14 37.98 -27.57
N LYS A 578 13.88 38.55 -28.52
CA LYS A 578 15.33 38.55 -28.43
C LYS A 578 15.83 39.34 -27.24
N SER A 579 15.22 40.49 -26.96
CA SER A 579 15.66 41.29 -25.81
C SER A 579 15.41 40.57 -24.50
N LYS A 580 14.22 39.98 -24.34
CA LYS A 580 13.92 39.24 -23.10
C LYS A 580 14.81 38.01 -22.96
N LEU A 581 14.98 37.24 -24.03
CA LEU A 581 15.73 35.99 -23.92
C LEU A 581 17.22 36.27 -23.76
N ALA A 582 17.71 37.37 -24.34
CA ALA A 582 19.10 37.76 -24.15
C ALA A 582 19.35 38.31 -22.75
N SER A 583 18.35 39.00 -22.17
CA SER A 583 18.50 39.39 -20.78
C SER A 583 18.33 38.21 -19.83
N LEU A 584 17.88 37.06 -20.34
CA LEU A 584 17.91 35.84 -19.54
C LEU A 584 19.29 35.15 -19.50
N LYS A 585 20.12 35.29 -20.53
CA LYS A 585 21.45 34.64 -20.51
C LYS A 585 22.39 35.19 -19.46
N ASP A 586 22.21 36.42 -18.99
CA ASP A 586 23.30 37.19 -18.40
C ASP A 586 23.81 36.60 -17.10
N VAL A 587 22.99 35.82 -16.39
CA VAL A 587 23.47 35.09 -15.21
C VAL A 587 22.68 33.79 -15.07
N PRO A 588 23.34 32.66 -14.80
CA PRO A 588 22.60 31.40 -14.57
C PRO A 588 21.76 31.44 -13.31
N SER A 589 22.38 31.72 -12.17
CA SER A 589 21.66 31.77 -10.90
C SER A 589 21.00 33.13 -10.73
N ARG A 590 19.70 33.12 -10.45
CA ARG A 590 18.96 34.37 -10.45
C ARG A 590 17.75 34.20 -9.53
N ILE A 591 17.21 35.31 -9.02
CA ILE A 591 16.11 35.29 -8.06
C ILE A 591 15.07 36.33 -8.48
N GLU A 592 13.88 35.86 -8.89
CA GLU A 592 12.72 36.75 -9.10
C GLU A 592 11.41 36.01 -8.85
N CYS A 593 10.32 36.66 -9.27
CA CYS A 593 8.98 36.14 -9.05
C CYS A 593 8.61 35.16 -10.15
N PRO A 594 8.23 33.93 -9.85
CA PRO A 594 7.82 33.00 -10.89
C PRO A 594 6.32 32.96 -11.12
N LEU A 595 5.94 32.90 -12.40
CA LEU A 595 4.58 32.60 -12.79
C LEU A 595 4.36 31.09 -12.77
N ILE A 596 3.20 30.67 -12.26
CA ILE A 596 2.91 29.27 -11.99
C ILE A 596 2.10 28.71 -13.14
N TYR A 597 2.61 27.67 -13.80
CA TYR A 597 2.00 27.14 -15.01
C TYR A 597 1.68 25.66 -14.84
N HIS A 598 0.83 25.18 -15.76
CA HIS A 598 0.32 23.81 -15.78
C HIS A 598 0.52 23.28 -17.19
N LEU A 599 1.67 22.66 -17.41
CA LEU A 599 2.17 22.27 -18.73
C LEU A 599 1.59 20.91 -19.10
N ASP A 600 0.60 20.91 -19.99
CA ASP A 600 -0.09 19.72 -20.46
C ASP A 600 -1.12 20.10 -21.52
N VAL A 601 -1.49 19.11 -22.34
CA VAL A 601 -2.80 19.13 -22.97
C VAL A 601 -3.81 18.85 -21.87
N GLY A 602 -4.97 19.52 -21.93
CA GLY A 602 -6.09 18.95 -21.21
C GLY A 602 -6.38 17.62 -21.88
N ALA A 603 -6.01 16.53 -21.21
CA ALA A 603 -6.04 15.18 -21.76
C ALA A 603 -5.19 15.02 -23.02
N MET A 604 -3.86 14.96 -22.85
CA MET A 604 -2.95 14.48 -23.91
C MET A 604 -3.41 13.16 -24.50
N TYR A 605 -4.01 12.32 -23.66
CA TYR A 605 -4.25 10.92 -23.99
C TYR A 605 -5.15 10.70 -25.21
N PRO A 606 -6.28 11.41 -25.41
CA PRO A 606 -6.99 11.26 -26.70
C PRO A 606 -6.12 11.55 -27.91
N ASN A 607 -5.25 12.56 -27.85
CA ASN A 607 -4.32 12.79 -28.94
C ASN A 607 -3.31 11.66 -29.06
N ILE A 608 -2.98 10.99 -27.95
CA ILE A 608 -2.08 9.84 -28.03
C ILE A 608 -2.77 8.67 -28.74
N ILE A 609 -4.08 8.47 -28.52
CA ILE A 609 -4.83 7.57 -29.41
C ILE A 609 -4.79 8.05 -30.86
N LEU A 610 -4.99 9.35 -31.09
CA LEU A 610 -5.14 9.85 -32.46
C LEU A 610 -3.86 9.71 -33.28
N THR A 611 -2.75 10.25 -32.78
CA THR A 611 -1.52 10.28 -33.55
C THR A 611 -0.84 8.92 -33.66
N ASN A 612 -1.22 7.95 -32.84
CA ASN A 612 -0.66 6.61 -32.92
C ASN A 612 -1.60 5.63 -33.60
N ARG A 613 -2.79 6.09 -33.99
CA ARG A 613 -3.83 5.29 -34.64
C ARG A 613 -4.18 4.07 -33.78
N LEU A 614 -4.36 4.32 -32.49
CA LEU A 614 -4.59 3.28 -31.50
C LEU A 614 -6.09 2.98 -31.40
N GLN A 615 -6.41 1.71 -31.15
CA GLN A 615 -7.80 1.31 -30.88
C GLN A 615 -7.78 -0.04 -30.18
N PRO A 616 -8.69 -0.28 -29.23
CA PRO A 616 -8.57 -1.48 -28.38
C PRO A 616 -8.83 -2.80 -29.09
N SER A 617 -9.35 -2.78 -30.31
CA SER A 617 -9.65 -4.02 -31.02
C SER A 617 -8.58 -4.42 -32.03
N ALA A 618 -7.50 -3.66 -32.16
CA ALA A 618 -6.49 -3.89 -33.18
C ALA A 618 -5.10 -3.99 -32.56
N MET A 619 -4.98 -4.78 -31.51
CA MET A 619 -3.69 -5.06 -30.88
C MET A 619 -3.63 -6.52 -30.46
N VAL A 620 -2.70 -7.26 -31.06
CA VAL A 620 -2.57 -8.70 -30.88
C VAL A 620 -1.11 -9.05 -30.62
N ASP A 621 -0.86 -10.34 -30.46
CA ASP A 621 0.50 -10.85 -30.32
C ASP A 621 1.06 -11.25 -31.69
N GLU A 622 2.28 -11.80 -31.69
CA GLU A 622 2.94 -12.15 -32.94
C GLU A 622 2.38 -13.42 -33.56
N ALA A 623 1.75 -14.29 -32.77
CA ALA A 623 1.32 -15.60 -33.26
C ALA A 623 0.15 -15.47 -34.24
N THR A 624 -0.96 -14.89 -33.80
CA THR A 624 -2.08 -14.67 -34.70
C THR A 624 -1.81 -13.57 -35.72
N CYS A 625 -0.79 -12.74 -35.50
CA CYS A 625 -0.35 -11.82 -36.55
C CYS A 625 0.33 -12.57 -37.69
N ALA A 626 1.17 -13.56 -37.35
CA ALA A 626 1.76 -14.42 -38.37
C ALA A 626 0.72 -15.37 -38.97
N ALA A 627 -0.36 -15.65 -38.25
CA ALA A 627 -1.45 -16.44 -38.83
C ALA A 627 -2.14 -15.68 -39.95
N CYS A 628 -2.24 -14.36 -39.84
CA CYS A 628 -2.78 -13.54 -40.92
C CYS A 628 -1.80 -13.53 -42.09
N ASP A 629 -2.32 -13.69 -43.30
CA ASP A 629 -1.49 -13.91 -44.48
C ASP A 629 -1.07 -12.62 -45.17
N PHE A 630 -1.42 -11.46 -44.64
CA PHE A 630 -1.09 -10.19 -45.26
C PHE A 630 0.02 -9.44 -44.54
N ASN A 631 0.85 -10.13 -43.76
CA ASN A 631 1.98 -9.48 -43.12
C ASN A 631 3.05 -9.14 -44.15
N LYS A 632 3.68 -7.97 -43.98
CA LYS A 632 4.71 -7.53 -44.89
C LYS A 632 5.68 -6.61 -44.16
N PRO A 633 6.98 -6.87 -44.23
CA PRO A 633 7.95 -5.97 -43.61
C PRO A 633 8.06 -4.66 -44.39
N GLY A 634 8.48 -3.62 -43.68
CA GLY A 634 8.62 -2.30 -44.26
C GLY A 634 7.31 -1.67 -44.69
N ALA A 635 6.25 -1.84 -43.90
CA ALA A 635 4.94 -1.30 -44.21
C ALA A 635 4.27 -0.85 -42.93
N ASN A 636 3.09 -0.23 -43.09
CA ASN A 636 2.33 0.25 -41.95
C ASN A 636 1.45 -0.82 -41.33
N CYS A 637 1.43 -2.03 -41.90
CA CYS A 637 0.63 -3.11 -41.32
C CYS A 637 1.20 -3.59 -39.99
N GLN A 638 2.53 -3.55 -39.85
CA GLN A 638 3.21 -3.95 -38.62
C GLN A 638 3.85 -2.71 -37.99
N ARG A 639 3.28 -2.24 -36.88
CA ARG A 639 3.90 -1.19 -36.08
C ARG A 639 3.90 -1.66 -34.64
N LYS A 640 4.91 -1.25 -33.87
CA LYS A 640 5.05 -1.68 -32.49
C LYS A 640 5.19 -0.47 -31.58
N MET A 641 4.74 -0.63 -30.33
CA MET A 641 4.78 0.44 -29.35
C MET A 641 5.03 -0.15 -27.98
N ALA A 642 5.63 0.66 -27.10
CA ALA A 642 6.20 0.18 -25.85
C ALA A 642 5.32 0.53 -24.65
N TRP A 643 5.31 -0.38 -23.68
CA TRP A 643 4.66 -0.15 -22.39
C TRP A 643 5.33 -1.07 -21.37
N GLN A 644 4.90 -0.99 -20.12
CA GLN A 644 5.46 -1.87 -19.10
C GLN A 644 4.35 -2.54 -18.30
N TRP A 645 4.57 -3.81 -18.00
CA TRP A 645 3.59 -4.74 -17.46
C TRP A 645 3.96 -5.11 -16.03
N ARG A 646 2.95 -5.28 -15.17
CA ARG A 646 3.17 -5.67 -13.79
C ARG A 646 2.32 -6.90 -13.48
N GLY A 647 2.93 -7.89 -12.85
CA GLY A 647 2.17 -9.04 -12.40
C GLY A 647 2.62 -9.59 -11.06
N GLU A 648 1.69 -9.63 -10.10
CA GLU A 648 1.93 -10.32 -8.84
C GLU A 648 1.31 -11.69 -8.96
N PHE A 649 2.14 -12.73 -8.88
CA PHE A 649 1.69 -14.08 -9.20
C PHE A 649 2.23 -15.08 -8.18
N MET A 650 2.05 -16.36 -8.52
CA MET A 650 2.31 -17.47 -7.63
C MET A 650 3.57 -18.19 -8.10
N PRO A 651 4.56 -18.42 -7.25
CA PRO A 651 5.85 -18.92 -7.74
C PRO A 651 5.84 -20.41 -8.04
N ALA A 652 4.73 -21.08 -7.76
CA ALA A 652 4.59 -22.49 -8.08
C ALA A 652 4.48 -22.69 -9.59
N SER A 653 5.00 -23.82 -10.06
CA SER A 653 5.15 -24.05 -11.49
C SER A 653 3.82 -24.44 -12.14
N ARG A 654 3.89 -24.92 -13.37
CA ARG A 654 2.70 -25.28 -14.13
C ARG A 654 2.36 -26.76 -14.04
N SER A 655 3.39 -27.63 -14.07
CA SER A 655 3.14 -29.07 -13.95
C SER A 655 2.60 -29.44 -12.58
N GLU A 656 3.03 -28.73 -11.53
CA GLU A 656 2.48 -28.94 -10.21
C GLU A 656 1.00 -28.58 -10.16
N TYR A 657 0.54 -27.66 -11.01
CA TYR A 657 -0.87 -27.30 -11.01
C TYR A 657 -1.72 -28.43 -11.56
N HIS A 658 -1.23 -29.11 -12.61
CA HIS A 658 -1.88 -30.34 -13.05
C HIS A 658 -1.80 -31.41 -11.98
N ARG A 659 -0.68 -31.46 -11.24
CA ARG A 659 -0.55 -32.45 -10.17
C ARG A 659 -1.58 -32.22 -9.06
N ILE A 660 -1.73 -30.98 -8.61
CA ILE A 660 -2.66 -30.69 -7.52
C ILE A 660 -4.10 -30.75 -8.03
N GLN A 661 -4.32 -30.48 -9.32
CA GLN A 661 -5.63 -30.69 -9.92
C GLN A 661 -6.01 -32.16 -9.91
N HIS A 662 -5.05 -33.04 -10.21
CA HIS A 662 -5.31 -34.47 -10.16
C HIS A 662 -5.49 -34.95 -8.73
N GLN A 663 -4.76 -34.36 -7.78
CA GLN A 663 -4.87 -34.76 -6.39
C GLN A 663 -6.09 -34.15 -5.68
N LEU A 664 -6.78 -33.21 -6.32
CA LEU A 664 -8.00 -32.64 -5.77
C LEU A 664 -9.24 -33.18 -6.50
N GLU A 665 -9.07 -34.23 -7.29
CA GLU A 665 -10.16 -34.90 -7.97
C GLU A 665 -10.52 -36.18 -7.25
N SER A 666 -11.82 -36.52 -7.27
CA SER A 666 -12.38 -37.78 -6.77
C SER A 666 -12.06 -38.00 -5.29
N GLU A 667 -12.56 -37.08 -4.47
CA GLU A 667 -12.45 -37.20 -3.01
C GLU A 667 -13.63 -36.48 -2.38
N LYS A 668 -13.89 -36.83 -1.12
CA LYS A 668 -14.99 -36.22 -0.38
C LYS A 668 -14.62 -34.81 0.05
N PHE A 669 -15.60 -33.92 0.03
CA PHE A 669 -15.42 -32.51 0.35
C PHE A 669 -16.72 -31.93 0.88
N PRO A 670 -16.65 -31.02 1.84
CA PRO A 670 -17.87 -30.51 2.50
C PRO A 670 -18.68 -29.62 1.56
N PRO A 671 -19.96 -29.94 1.35
CA PRO A 671 -20.82 -29.05 0.59
C PRO A 671 -21.09 -27.75 1.34
N LEU A 672 -21.30 -26.67 0.57
CA LEU A 672 -21.65 -25.40 1.17
C LEU A 672 -23.14 -25.30 1.43
N PHE A 673 -23.96 -26.01 0.67
CA PHE A 673 -25.38 -26.08 0.94
C PHE A 673 -25.62 -26.91 2.19
N PRO A 674 -26.35 -26.39 3.19
CA PRO A 674 -26.59 -27.17 4.42
C PRO A 674 -27.40 -28.43 4.14
N GLU A 675 -27.07 -29.47 4.90
CA GLU A 675 -27.55 -30.86 4.80
C GLU A 675 -27.69 -31.34 3.36
N GLY A 676 -26.73 -31.00 2.52
CA GLY A 676 -26.78 -31.33 1.12
C GLY A 676 -26.32 -32.73 0.83
N PRO A 677 -26.51 -33.16 -0.42
CA PRO A 677 -26.08 -34.51 -0.82
C PRO A 677 -24.60 -34.56 -1.10
N ALA A 678 -24.13 -35.73 -1.53
CA ALA A 678 -22.70 -35.93 -1.83
C ALA A 678 -22.38 -35.26 -3.16
N ARG A 679 -21.77 -34.07 -3.09
CA ARG A 679 -21.39 -33.35 -4.30
C ARG A 679 -20.16 -33.97 -4.95
N ALA A 680 -20.05 -33.76 -6.25
CA ALA A 680 -18.95 -34.27 -7.07
C ALA A 680 -18.20 -33.08 -7.69
N PHE A 681 -17.27 -33.40 -8.58
CA PHE A 681 -16.38 -32.39 -9.14
C PHE A 681 -17.06 -31.51 -10.19
N HIS A 682 -17.99 -32.09 -10.96
CA HIS A 682 -18.46 -31.43 -12.17
C HIS A 682 -19.41 -30.27 -11.88
N GLU A 683 -20.27 -30.39 -10.87
CA GLU A 683 -21.26 -29.35 -10.65
C GLU A 683 -20.77 -28.23 -9.74
N LEU A 684 -19.51 -28.29 -9.30
CA LEU A 684 -18.97 -27.23 -8.46
C LEU A 684 -18.78 -25.95 -9.27
N SER A 685 -19.22 -24.83 -8.70
CA SER A 685 -18.99 -23.54 -9.34
C SER A 685 -17.53 -23.14 -9.20
N ARG A 686 -17.12 -22.17 -10.04
CA ARG A 686 -15.70 -21.84 -10.15
C ARG A 686 -15.17 -21.09 -8.94
N GLU A 687 -16.03 -20.34 -8.24
CA GLU A 687 -15.53 -19.44 -7.20
C GLU A 687 -15.18 -20.19 -5.91
N GLU A 688 -16.00 -21.18 -5.53
CA GLU A 688 -15.71 -21.96 -4.33
C GLU A 688 -14.46 -22.82 -4.51
N GLN A 689 -14.36 -23.52 -5.64
CA GLN A 689 -13.16 -24.28 -5.93
C GLN A 689 -11.96 -23.38 -6.18
N ALA A 690 -12.19 -22.14 -6.61
CA ALA A 690 -11.10 -21.17 -6.74
C ALA A 690 -10.53 -20.81 -5.37
N LYS A 691 -11.40 -20.58 -4.38
CA LYS A 691 -10.90 -20.33 -3.04
C LYS A 691 -10.19 -21.55 -2.47
N TYR A 692 -10.73 -22.75 -2.73
CA TYR A 692 -10.08 -23.97 -2.25
C TYR A 692 -8.71 -24.16 -2.89
N GLU A 693 -8.61 -23.91 -4.19
CA GLU A 693 -7.35 -24.04 -4.90
C GLU A 693 -6.33 -23.00 -4.45
N LYS A 694 -6.78 -21.77 -4.18
CA LYS A 694 -5.88 -20.75 -3.66
C LYS A 694 -5.38 -21.13 -2.28
N ARG A 695 -6.24 -21.68 -1.42
CA ARG A 695 -5.81 -22.14 -0.11
C ARG A 695 -4.81 -23.28 -0.23
N ARG A 696 -5.05 -24.21 -1.16
CA ARG A 696 -4.14 -25.34 -1.35
C ARG A 696 -2.76 -24.87 -1.81
N LEU A 697 -2.69 -23.95 -2.78
CA LEU A 697 -1.38 -23.49 -3.22
C LEU A 697 -0.71 -22.59 -2.19
N ALA A 698 -1.49 -21.82 -1.42
CA ALA A 698 -0.90 -21.03 -0.34
C ALA A 698 -0.34 -21.92 0.75
N ASP A 699 -0.93 -23.10 0.96
CA ASP A 699 -0.34 -24.04 1.90
C ASP A 699 0.87 -24.75 1.29
N TYR A 700 0.82 -25.00 -0.02
CA TYR A 700 1.89 -25.75 -0.68
C TYR A 700 3.18 -24.93 -0.77
N CYS A 701 3.06 -23.63 -1.04
CA CYS A 701 4.25 -22.80 -1.16
C CYS A 701 4.53 -21.94 0.05
N ARG A 702 3.85 -22.17 1.18
CA ARG A 702 4.35 -21.68 2.44
C ARG A 702 5.46 -22.57 2.99
N LYS A 703 5.74 -23.68 2.31
CA LYS A 703 6.63 -24.72 2.80
C LYS A 703 7.77 -25.05 1.85
N ALA A 704 7.53 -25.08 0.54
CA ALA A 704 8.50 -25.62 -0.40
C ALA A 704 9.22 -24.57 -1.23
N TYR A 705 8.58 -23.44 -1.56
CA TYR A 705 9.16 -22.50 -2.51
C TYR A 705 9.52 -21.15 -1.89
N LYS A 706 9.28 -20.96 -0.58
CA LYS A 706 9.74 -19.84 0.25
C LYS A 706 8.97 -18.55 -0.06
N LYS A 707 8.16 -18.56 -1.12
CA LYS A 707 7.38 -17.40 -1.53
C LYS A 707 5.97 -17.84 -1.90
N ILE A 708 5.04 -16.89 -1.86
CA ILE A 708 3.73 -17.09 -2.48
C ILE A 708 3.35 -15.96 -3.42
N HIS A 709 3.99 -14.81 -3.34
CA HIS A 709 3.65 -13.66 -4.18
C HIS A 709 4.94 -13.11 -4.78
N ILE A 710 5.10 -13.28 -6.09
CA ILE A 710 6.25 -12.75 -6.81
C ILE A 710 5.78 -11.62 -7.70
N THR A 711 6.39 -10.44 -7.54
CA THR A 711 6.02 -9.25 -8.29
C THR A 711 7.01 -9.04 -9.42
N LYS A 712 6.60 -9.39 -10.63
CA LYS A 712 7.45 -9.25 -11.81
C LYS A 712 7.01 -8.00 -12.58
N VAL A 713 7.96 -7.09 -12.80
CA VAL A 713 7.75 -5.87 -13.58
C VAL A 713 8.63 -5.97 -14.81
N GLU A 714 8.02 -5.91 -15.99
CA GLU A 714 8.77 -6.07 -17.23
C GLU A 714 8.30 -5.05 -18.25
N GLU A 715 8.98 -5.02 -19.39
CA GLU A 715 8.63 -4.14 -20.49
C GLU A 715 8.16 -4.98 -21.67
N ARG A 716 7.17 -4.47 -22.42
CA ARG A 716 6.60 -5.20 -23.52
C ARG A 716 6.38 -4.28 -24.72
N LEU A 717 6.42 -4.88 -25.90
CA LEU A 717 6.14 -4.21 -27.16
C LEU A 717 4.94 -4.88 -27.80
N THR A 718 3.95 -4.08 -28.20
CA THR A 718 2.74 -4.59 -28.83
C THR A 718 2.70 -4.15 -30.28
N THR A 719 2.21 -5.05 -31.13
CA THR A 719 2.01 -4.76 -32.54
C THR A 719 0.56 -4.34 -32.76
N ILE A 720 0.36 -3.13 -33.29
CA ILE A 720 -0.95 -2.62 -33.60
C ILE A 720 -1.18 -2.79 -35.10
N CYS A 721 -2.29 -3.44 -35.46
CA CYS A 721 -2.61 -3.71 -36.85
C CYS A 721 -3.09 -2.43 -37.52
N GLN A 722 -3.48 -2.53 -38.79
CA GLN A 722 -4.21 -1.44 -39.41
C GLN A 722 -5.66 -1.47 -38.93
N ARG A 723 -6.43 -0.50 -39.42
CA ARG A 723 -7.82 -0.37 -38.98
C ARG A 723 -8.67 -1.42 -39.67
N GLU A 724 -8.90 -2.54 -38.98
CA GLU A 724 -9.93 -3.48 -39.42
C GLU A 724 -11.30 -2.83 -39.41
N ASN A 725 -11.63 -2.18 -38.30
CA ASN A 725 -12.70 -1.20 -38.25
C ASN A 725 -12.20 -0.07 -37.36
N SER A 726 -12.26 1.15 -37.89
CA SER A 726 -11.64 2.30 -37.23
C SER A 726 -12.62 3.02 -36.31
N PHE A 727 -13.56 2.28 -35.70
CA PHE A 727 -14.69 2.89 -35.01
C PHE A 727 -14.26 3.67 -33.77
N TYR A 728 -13.24 3.21 -33.05
CA TYR A 728 -12.79 3.98 -31.89
C TYR A 728 -11.93 5.18 -32.30
N VAL A 729 -11.41 5.19 -33.52
CA VAL A 729 -10.53 6.27 -33.95
C VAL A 729 -11.32 7.41 -34.56
N ASP A 730 -12.22 7.12 -35.50
CA ASP A 730 -12.95 8.18 -36.19
C ASP A 730 -13.96 8.84 -35.27
N THR A 731 -14.42 8.16 -34.23
CA THR A 731 -15.24 8.82 -33.21
C THR A 731 -14.47 9.94 -32.54
N VAL A 732 -13.24 9.66 -32.12
CA VAL A 732 -12.44 10.69 -31.45
C VAL A 732 -12.04 11.78 -32.43
N ARG A 733 -11.73 11.41 -33.68
CA ARG A 733 -11.38 12.41 -34.71
C ARG A 733 -12.54 13.36 -34.98
N ALA A 734 -13.71 12.81 -35.28
CA ALA A 734 -14.89 13.63 -35.56
C ALA A 734 -15.33 14.41 -34.34
N PHE A 735 -15.15 13.84 -33.16
CA PHE A 735 -15.61 14.52 -31.96
C PHE A 735 -14.67 15.67 -31.61
N ARG A 736 -13.36 15.50 -31.84
CA ARG A 736 -12.40 16.57 -31.62
C ARG A 736 -12.60 17.71 -32.61
N ASP A 737 -12.73 17.40 -33.91
CA ASP A 737 -12.84 18.53 -34.83
C ASP A 737 -14.25 19.13 -34.80
N ARG A 738 -15.26 18.40 -34.32
CA ARG A 738 -16.55 19.02 -34.07
C ARG A 738 -16.52 19.87 -32.82
N ARG A 739 -15.71 19.49 -31.83
CA ARG A 739 -15.45 20.37 -30.68
C ARG A 739 -14.81 21.67 -31.12
N TYR A 740 -13.80 21.60 -31.99
CA TYR A 740 -13.16 22.83 -32.46
C TYR A 740 -14.08 23.64 -33.37
N GLU A 741 -14.92 22.98 -34.16
CA GLU A 741 -15.92 23.68 -34.97
C GLU A 741 -16.92 24.43 -34.10
N PHE A 742 -17.39 23.79 -33.02
CA PHE A 742 -18.31 24.47 -32.12
C PHE A 742 -17.61 25.58 -31.35
N LYS A 743 -16.32 25.42 -31.04
CA LYS A 743 -15.57 26.50 -30.41
C LYS A 743 -15.47 27.71 -31.33
N GLY A 744 -15.19 27.47 -32.62
CA GLY A 744 -15.12 28.57 -33.58
C GLY A 744 -16.47 29.24 -33.78
N LEU A 745 -17.53 28.46 -33.86
CA LEU A 745 -18.87 29.02 -34.00
C LEU A 745 -19.26 29.84 -32.77
N HIS A 746 -18.90 29.35 -31.58
CA HIS A 746 -19.19 30.08 -30.35
C HIS A 746 -18.41 31.38 -30.29
N LYS A 747 -17.14 31.37 -30.73
CA LYS A 747 -16.37 32.61 -30.76
C LYS A 747 -16.94 33.60 -31.77
N VAL A 748 -17.40 33.10 -32.92
CA VAL A 748 -18.01 33.97 -33.93
C VAL A 748 -19.28 34.62 -33.38
N TRP A 749 -20.13 33.83 -32.73
CA TRP A 749 -21.35 34.40 -32.18
C TRP A 749 -21.05 35.25 -30.94
N LYS A 750 -19.96 34.99 -30.24
CA LYS A 750 -19.54 35.87 -29.14
C LYS A 750 -19.12 37.24 -29.66
N LYS A 751 -18.40 37.27 -30.78
CA LYS A 751 -18.08 38.56 -31.40
C LYS A 751 -19.34 39.24 -31.94
N LYS A 752 -20.29 38.45 -32.45
CA LYS A 752 -21.57 39.00 -32.86
C LYS A 752 -22.30 39.66 -31.68
N LEU A 753 -22.29 39.01 -30.52
CA LEU A 753 -22.84 39.63 -29.32
C LEU A 753 -22.04 40.86 -28.88
N SER A 754 -20.72 40.80 -29.02
CA SER A 754 -19.88 41.91 -28.58
C SER A 754 -20.05 43.14 -29.47
N ALA A 755 -20.57 42.95 -30.68
CA ALA A 755 -21.01 44.10 -31.47
C ALA A 755 -22.47 44.44 -31.20
N ALA A 756 -23.29 43.44 -30.93
CA ALA A 756 -24.73 43.63 -30.79
C ALA A 756 -25.11 44.35 -29.50
N VAL A 757 -24.27 44.27 -28.46
CA VAL A 757 -24.59 44.97 -27.21
C VAL A 757 -24.55 46.48 -27.40
N GLU A 758 -23.77 46.97 -28.37
CA GLU A 758 -23.85 48.39 -28.73
C GLU A 758 -24.62 48.63 -30.01
N VAL A 759 -25.07 47.58 -30.71
CA VAL A 759 -26.03 47.79 -31.80
C VAL A 759 -27.36 48.30 -31.25
N GLY A 760 -27.86 47.68 -30.19
CA GLY A 760 -29.13 48.09 -29.61
C GLY A 760 -30.33 47.53 -30.34
N ASP A 761 -30.44 46.20 -30.38
CA ASP A 761 -31.38 45.47 -31.22
C ASP A 761 -32.05 44.34 -30.41
N ALA A 762 -32.72 44.70 -29.32
CA ALA A 762 -33.14 43.84 -28.20
C ALA A 762 -33.58 42.40 -28.51
N ALA A 763 -34.49 42.21 -29.46
CA ALA A 763 -34.91 40.86 -29.80
C ALA A 763 -33.78 40.06 -30.45
N GLU A 764 -33.06 40.68 -31.38
CA GLU A 764 -31.91 40.05 -32.00
C GLU A 764 -30.79 39.80 -30.98
N VAL A 765 -30.58 40.71 -30.03
CA VAL A 765 -29.50 40.47 -29.09
C VAL A 765 -29.88 39.35 -28.13
N LYS A 766 -31.18 39.22 -27.82
CA LYS A 766 -31.65 38.10 -27.01
C LYS A 766 -31.46 36.78 -27.76
N ARG A 767 -31.79 36.75 -29.05
CA ARG A 767 -31.67 35.49 -29.78
C ARG A 767 -30.21 35.12 -30.02
N CYS A 768 -29.31 36.09 -30.23
CA CYS A 768 -27.92 35.70 -30.39
C CYS A 768 -27.28 35.38 -29.05
N LYS A 769 -27.78 35.95 -27.95
CA LYS A 769 -27.36 35.50 -26.63
C LYS A 769 -27.76 34.05 -26.40
N ASN A 770 -28.98 33.68 -26.80
CA ASN A 770 -29.41 32.28 -26.73
C ASN A 770 -28.51 31.39 -27.58
N MET A 771 -28.17 31.84 -28.79
CA MET A 771 -27.31 31.06 -29.67
C MET A 771 -25.91 30.89 -29.09
N GLU A 772 -25.35 31.93 -28.49
CA GLU A 772 -24.00 31.80 -27.96
C GLU A 772 -23.97 30.98 -26.68
N VAL A 773 -25.02 31.04 -25.85
CA VAL A 773 -25.11 30.14 -24.70
C VAL A 773 -25.22 28.68 -25.17
N LEU A 774 -26.01 28.44 -26.21
CA LEU A 774 -26.13 27.09 -26.78
C LEU A 774 -24.77 26.59 -27.28
N TYR A 775 -24.05 27.43 -28.03
CA TYR A 775 -22.77 26.99 -28.58
C TYR A 775 -21.72 26.81 -27.49
N ASP A 776 -21.76 27.66 -26.46
CA ASP A 776 -20.87 27.49 -25.31
C ASP A 776 -21.14 26.18 -24.58
N SER A 777 -22.42 25.81 -24.46
CA SER A 777 -22.74 24.56 -23.77
C SER A 777 -22.32 23.35 -24.60
N LEU A 778 -22.48 23.40 -25.92
CA LEU A 778 -21.97 22.32 -26.76
C LEU A 778 -20.45 22.20 -26.65
N GLN A 779 -19.75 23.35 -26.63
CA GLN A 779 -18.29 23.33 -26.46
C GLN A 779 -17.88 22.74 -25.13
N LEU A 780 -18.59 23.11 -24.04
CA LEU A 780 -18.26 22.61 -22.71
C LEU A 780 -18.54 21.11 -22.59
N ALA A 781 -19.66 20.65 -23.14
CA ALA A 781 -19.97 19.21 -23.09
C ALA A 781 -18.98 18.40 -23.90
N HIS A 782 -18.59 18.91 -25.06
CA HIS A 782 -17.60 18.21 -25.87
C HIS A 782 -16.25 18.16 -25.16
N LYS A 783 -15.89 19.25 -24.47
CA LYS A 783 -14.66 19.25 -23.67
C LYS A 783 -14.71 18.23 -22.55
N CYS A 784 -15.86 18.12 -21.88
CA CYS A 784 -16.01 17.15 -20.80
C CYS A 784 -15.90 15.71 -21.31
N ILE A 785 -16.48 15.41 -22.48
CA ILE A 785 -16.38 14.04 -23.00
C ILE A 785 -14.97 13.74 -23.50
N LEU A 786 -14.29 14.75 -24.08
CA LEU A 786 -12.90 14.58 -24.45
C LEU A 786 -12.02 14.34 -23.23
N ASN A 787 -12.35 14.91 -22.09
CA ASN A 787 -11.67 14.55 -20.84
C ASN A 787 -12.11 13.18 -20.33
N SER A 788 -13.34 12.77 -20.65
CA SER A 788 -13.94 11.54 -20.17
C SER A 788 -13.38 10.28 -20.83
N PHE A 789 -12.84 10.39 -22.05
CA PHE A 789 -12.25 9.22 -22.72
C PHE A 789 -11.16 8.56 -21.87
N TYR A 790 -10.24 9.36 -21.31
CA TYR A 790 -9.18 8.81 -20.46
C TYR A 790 -9.74 8.14 -19.22
N GLY A 791 -10.70 8.78 -18.55
CA GLY A 791 -11.30 8.17 -17.38
C GLY A 791 -12.07 6.90 -17.68
N TYR A 792 -12.57 6.77 -18.91
CA TYR A 792 -13.18 5.51 -19.33
C TYR A 792 -12.14 4.42 -19.52
N VAL A 793 -11.02 4.76 -20.16
CA VAL A 793 -10.04 3.73 -20.51
C VAL A 793 -9.34 3.19 -19.26
N MET A 794 -9.17 4.02 -18.23
CA MET A 794 -8.37 3.65 -17.05
C MET A 794 -9.10 2.77 -16.05
N ARG A 795 -10.20 2.09 -16.41
CA ARG A 795 -10.80 1.13 -15.50
C ARG A 795 -10.91 -0.22 -16.17
N LYS A 796 -10.85 -1.28 -15.36
CA LYS A 796 -10.93 -2.65 -15.81
C LYS A 796 -12.35 -3.15 -15.68
N GLY A 797 -12.76 -4.00 -16.62
CA GLY A 797 -14.11 -4.51 -16.65
C GLY A 797 -15.06 -3.75 -17.57
N ALA A 798 -14.60 -2.68 -18.20
CA ALA A 798 -15.42 -1.99 -19.18
C ALA A 798 -15.58 -2.83 -20.44
N ARG A 799 -16.67 -2.59 -21.17
CA ARG A 799 -17.04 -3.49 -22.26
C ARG A 799 -16.09 -3.33 -23.45
N TRP A 800 -15.60 -2.12 -23.71
CA TRP A 800 -14.39 -1.93 -24.53
C TRP A 800 -13.28 -1.43 -23.62
N TYR A 801 -12.61 -2.35 -22.94
CA TYR A 801 -11.39 -2.00 -22.22
C TYR A 801 -10.31 -2.97 -22.64
N SER A 802 -9.20 -2.44 -23.13
CA SER A 802 -8.02 -3.24 -23.44
C SER A 802 -6.94 -2.94 -22.43
N MET A 803 -6.34 -4.01 -21.91
CA MET A 803 -5.21 -3.91 -21.00
C MET A 803 -4.02 -3.20 -21.64
N GLU A 804 -3.62 -3.67 -22.82
CA GLU A 804 -2.45 -3.12 -23.47
C GLU A 804 -2.67 -1.68 -23.92
N MET A 805 -3.92 -1.31 -24.27
CA MET A 805 -4.17 0.08 -24.64
C MET A 805 -3.98 1.02 -23.47
N ALA A 806 -4.49 0.66 -22.30
CA ALA A 806 -4.30 1.49 -21.11
C ALA A 806 -2.83 1.59 -20.74
N GLY A 807 -2.11 0.47 -20.82
CA GLY A 807 -0.68 0.50 -20.54
C GLY A 807 0.09 1.40 -21.50
N ILE A 808 -0.20 1.27 -22.80
CA ILE A 808 0.47 2.07 -23.82
C ILE A 808 0.23 3.56 -23.59
N VAL A 809 -1.04 3.92 -23.37
CA VAL A 809 -1.39 5.32 -23.21
C VAL A 809 -0.72 5.91 -21.97
N CYS A 810 -0.76 5.18 -20.84
CA CYS A 810 -0.16 5.74 -19.63
C CYS A 810 1.36 5.82 -19.74
N PHE A 811 2.01 4.83 -20.39
CA PHE A 811 3.46 4.88 -20.50
C PHE A 811 3.92 5.96 -21.47
N THR A 812 3.22 6.15 -22.59
CA THR A 812 3.61 7.21 -23.51
C THR A 812 3.33 8.58 -22.91
N GLY A 813 2.27 8.70 -22.11
CA GLY A 813 2.07 9.92 -21.35
C GLY A 813 3.22 10.20 -20.39
N ALA A 814 3.70 9.15 -19.71
CA ALA A 814 4.86 9.28 -18.83
C ALA A 814 6.10 9.72 -19.58
N ASN A 815 6.36 9.11 -20.74
CA ASN A 815 7.57 9.41 -21.50
C ASN A 815 7.55 10.83 -22.03
N ILE A 816 6.41 11.26 -22.59
CA ILE A 816 6.29 12.62 -23.10
C ILE A 816 6.44 13.63 -21.95
N ILE A 817 5.79 13.34 -20.81
CA ILE A 817 5.80 14.33 -19.74
C ILE A 817 7.15 14.36 -19.03
N THR A 818 7.92 13.26 -19.04
CA THR A 818 9.26 13.33 -18.47
C THR A 818 10.28 13.90 -19.45
N GLN A 819 10.03 13.80 -20.76
CA GLN A 819 10.80 14.59 -21.71
C GLN A 819 10.58 16.09 -21.47
N ALA A 820 9.33 16.47 -21.24
CA ALA A 820 9.02 17.85 -20.92
C ALA A 820 9.65 18.28 -19.60
N ARG A 821 9.65 17.40 -18.59
CA ARG A 821 10.32 17.70 -17.34
C ARG A 821 11.83 17.82 -17.52
N GLU A 822 12.43 16.94 -18.33
CA GLU A 822 13.85 16.98 -18.62
C GLU A 822 14.27 18.28 -19.28
N LEU A 823 13.44 18.81 -20.18
CA LEU A 823 13.77 20.12 -20.73
C LEU A 823 13.45 21.27 -19.77
N ILE A 824 12.36 21.20 -19.01
CA ILE A 824 11.93 22.36 -18.22
C ILE A 824 12.67 22.45 -16.90
N GLU A 825 13.48 21.45 -16.55
CA GLU A 825 14.31 21.54 -15.35
C GLU A 825 15.41 22.59 -15.45
N GLN A 826 15.67 23.13 -16.65
CA GLN A 826 16.77 24.05 -16.86
C GLN A 826 16.34 25.50 -17.07
N ILE A 827 15.03 25.73 -17.13
CA ILE A 827 14.50 27.10 -17.38
C ILE A 827 13.71 27.53 -16.13
N GLY A 828 14.07 26.99 -14.96
CA GLY A 828 13.34 27.32 -13.75
C GLY A 828 13.38 26.21 -12.72
N ARG A 829 12.30 26.06 -11.97
CA ARG A 829 12.25 25.01 -10.96
C ARG A 829 10.93 24.25 -11.03
N PRO A 830 10.80 23.27 -11.91
CA PRO A 830 9.56 22.49 -11.98
C PRO A 830 9.34 21.66 -10.73
N LEU A 831 8.07 21.43 -10.42
CA LEU A 831 7.67 21.06 -9.08
C LEU A 831 7.07 19.67 -8.96
N GLU A 832 6.00 19.38 -9.70
CA GLU A 832 5.19 18.20 -9.42
C GLU A 832 4.84 17.49 -10.72
N LEU A 833 5.38 16.28 -10.87
CA LEU A 833 5.08 15.42 -12.00
C LEU A 833 3.79 14.66 -11.72
N ASP A 834 2.93 14.53 -12.72
CA ASP A 834 1.59 14.03 -12.51
C ASP A 834 1.17 13.23 -13.75
N THR A 835 0.14 12.40 -13.56
CA THR A 835 -0.53 11.69 -14.64
C THR A 835 -1.55 12.58 -15.36
N ASP A 836 -1.42 13.90 -15.19
CA ASP A 836 -2.34 14.86 -15.86
C ASP A 836 -1.52 15.98 -16.51
N GLY A 837 -0.39 16.35 -15.90
CA GLY A 837 0.39 17.47 -16.41
C GLY A 837 1.40 17.96 -15.40
N ILE A 838 2.47 18.57 -15.94
CA ILE A 838 3.48 19.18 -15.09
C ILE A 838 2.89 20.41 -14.40
N TRP A 839 3.03 20.46 -13.10
CA TRP A 839 2.70 21.66 -12.33
C TRP A 839 4.01 22.32 -11.94
N CYS A 840 4.33 23.45 -12.57
CA CYS A 840 5.67 24.01 -12.45
C CYS A 840 5.61 25.52 -12.31
N VAL A 841 6.79 26.13 -12.18
CA VAL A 841 6.94 27.58 -12.20
C VAL A 841 7.89 27.93 -13.32
N LEU A 842 7.84 29.21 -13.73
CA LEU A 842 8.73 29.74 -14.75
C LEU A 842 9.04 31.17 -14.33
N PRO A 843 10.19 31.72 -14.71
CA PRO A 843 10.50 33.10 -14.33
C PRO A 843 9.61 34.10 -15.05
N ASN A 844 9.43 35.27 -14.43
CA ASN A 844 8.61 36.30 -15.05
C ASN A 844 9.37 37.05 -16.14
N SER A 845 10.71 37.03 -16.09
CA SER A 845 11.48 37.61 -17.18
C SER A 845 11.43 36.74 -18.43
N PHE A 846 11.15 35.47 -18.27
CA PHE A 846 10.76 34.60 -19.36
C PHE A 846 9.43 35.11 -19.91
N PRO A 847 9.31 35.37 -21.22
CA PRO A 847 8.07 35.94 -21.74
C PRO A 847 6.91 34.97 -21.66
N GLU A 848 5.71 35.54 -21.46
CA GLU A 848 4.55 34.78 -21.04
C GLU A 848 3.42 34.71 -22.06
N ASN A 849 3.12 35.80 -22.76
CA ASN A 849 1.94 35.84 -23.62
C ASN A 849 2.11 37.01 -24.57
N PHE A 850 1.82 36.79 -25.86
CA PHE A 850 2.02 37.80 -26.87
C PHE A 850 0.71 38.12 -27.57
N VAL A 851 0.43 39.41 -27.72
CA VAL A 851 -0.66 39.89 -28.56
C VAL A 851 -0.08 40.36 -29.88
N PHE A 852 -0.76 40.01 -30.97
CA PHE A 852 -0.33 40.32 -32.32
C PHE A 852 -1.37 41.21 -32.97
N LYS A 853 -0.95 42.37 -33.45
CA LYS A 853 -1.80 43.25 -34.23
C LYS A 853 -1.75 42.81 -35.70
N THR A 854 -2.77 42.07 -36.11
CA THR A 854 -2.81 41.41 -37.40
C THR A 854 -3.77 42.15 -38.32
N THR A 855 -3.33 42.39 -39.57
CA THR A 855 -4.11 43.13 -40.54
C THR A 855 -5.34 42.37 -41.05
N ASN A 856 -5.47 41.09 -40.71
CA ASN A 856 -6.63 40.31 -41.15
C ASN A 856 -7.91 40.84 -40.50
N VAL A 857 -8.97 40.92 -41.31
CA VAL A 857 -10.23 41.47 -40.82
C VAL A 857 -11.00 40.44 -39.99
N LYS A 858 -10.72 39.15 -40.17
CA LYS A 858 -11.39 38.14 -39.37
C LYS A 858 -10.83 38.10 -37.96
N LYS A 859 -9.62 38.61 -37.75
CA LYS A 859 -8.98 38.65 -36.44
C LYS A 859 -8.03 39.84 -36.38
N PRO A 860 -8.45 40.93 -35.74
CA PRO A 860 -7.54 42.08 -35.58
C PRO A 860 -6.44 41.82 -34.57
N LYS A 861 -6.66 40.93 -33.61
CA LYS A 861 -5.67 40.60 -32.58
C LYS A 861 -5.53 39.08 -32.50
N VAL A 862 -4.29 38.63 -32.31
CA VAL A 862 -3.98 37.20 -32.21
C VAL A 862 -3.23 36.98 -30.91
N THR A 863 -3.78 36.14 -30.04
CA THR A 863 -3.14 35.80 -28.78
C THR A 863 -2.37 34.51 -28.95
N ILE A 864 -1.05 34.56 -28.72
CA ILE A 864 -0.20 33.39 -28.86
C ILE A 864 0.61 33.23 -27.57
N SER A 865 0.82 31.98 -27.17
CA SER A 865 1.51 31.67 -25.93
C SER A 865 2.93 31.20 -26.25
N TYR A 866 3.91 31.77 -25.56
CA TYR A 866 5.33 31.47 -25.79
C TYR A 866 5.74 30.13 -25.18
N PRO A 867 5.42 29.81 -23.90
CA PRO A 867 5.64 28.42 -23.46
C PRO A 867 4.84 27.40 -24.24
N GLY A 868 3.65 27.78 -24.70
CA GLY A 868 2.88 26.88 -25.55
C GLY A 868 3.59 26.54 -26.84
N ALA A 869 4.21 27.54 -27.47
CA ALA A 869 4.99 27.29 -28.69
C ALA A 869 6.23 26.45 -28.39
N MET A 870 6.88 26.69 -27.25
CA MET A 870 8.04 25.88 -26.87
C MET A 870 7.66 24.42 -26.66
N LEU A 871 6.54 24.17 -26.01
CA LEU A 871 6.10 22.79 -25.81
C LEU A 871 5.62 22.18 -27.12
N ASN A 872 5.09 23.00 -28.02
CA ASN A 872 4.66 22.49 -29.31
C ASN A 872 5.86 22.05 -30.16
N ILE A 873 6.96 22.82 -30.16
CA ILE A 873 8.13 22.31 -30.86
C ILE A 873 8.75 21.12 -30.12
N MET A 874 8.60 21.06 -28.80
CA MET A 874 9.06 19.91 -28.04
C MET A 874 8.39 18.64 -28.53
N VAL A 875 7.06 18.64 -28.56
CA VAL A 875 6.31 17.46 -29.01
C VAL A 875 6.35 17.27 -30.52
N LYS A 876 6.76 18.29 -31.28
CA LYS A 876 6.86 18.11 -32.72
C LYS A 876 8.20 17.51 -33.12
N GLU A 877 9.31 18.11 -32.67
CA GLU A 877 10.63 17.60 -32.99
C GLU A 877 10.93 16.30 -32.25
N GLY A 878 10.42 16.15 -31.03
CA GLY A 878 10.68 14.92 -30.29
C GLY A 878 10.01 13.70 -30.90
N PHE A 879 8.83 13.89 -31.48
CA PHE A 879 8.01 12.79 -31.98
C PHE A 879 7.55 13.10 -33.41
N THR A 880 8.32 12.64 -34.39
CA THR A 880 7.94 12.71 -35.79
C THR A 880 7.46 11.32 -36.22
N ASN A 881 6.25 11.26 -36.78
CA ASN A 881 5.63 10.01 -37.15
C ASN A 881 5.11 10.09 -38.58
N ASP A 882 5.42 9.06 -39.38
CA ASP A 882 5.05 9.02 -40.78
C ASP A 882 3.79 8.21 -41.06
N GLN A 883 3.10 7.74 -40.01
CA GLN A 883 1.94 6.87 -40.20
C GLN A 883 0.65 7.63 -40.48
N TYR A 884 0.65 8.95 -40.41
CA TYR A 884 -0.56 9.72 -40.64
C TYR A 884 -0.83 9.86 -42.14
N GLN A 885 -2.08 9.61 -42.53
CA GLN A 885 -2.50 9.74 -43.91
C GLN A 885 -3.90 10.35 -43.95
N GLU A 886 -4.21 10.99 -45.08
CA GLU A 886 -5.51 11.63 -45.28
C GLU A 886 -6.21 11.01 -46.49
N LEU A 887 -7.51 10.74 -46.34
CA LEU A 887 -8.34 10.18 -47.39
C LEU A 887 -9.34 11.25 -47.81
N ALA A 888 -8.94 12.08 -48.78
CA ALA A 888 -9.79 13.19 -49.20
C ALA A 888 -10.85 12.74 -50.19
N GLU A 889 -10.43 12.24 -51.35
CA GLU A 889 -11.36 11.85 -52.42
C GLU A 889 -10.99 10.47 -52.92
N PRO A 890 -11.84 9.45 -52.72
CA PRO A 890 -11.54 8.12 -53.28
C PRO A 890 -11.61 8.05 -54.80
N SER A 891 -12.26 9.01 -55.46
CA SER A 891 -12.43 8.92 -56.91
C SER A 891 -11.12 9.22 -57.65
N SER A 892 -10.36 10.21 -57.18
CA SER A 892 -9.11 10.58 -57.82
C SER A 892 -7.93 9.73 -57.36
N LEU A 893 -8.14 8.88 -56.34
CA LEU A 893 -7.09 8.02 -55.76
C LEU A 893 -5.87 8.83 -55.31
N THR A 894 -6.13 9.97 -54.69
CA THR A 894 -5.06 10.82 -54.18
C THR A 894 -4.70 10.45 -52.75
N TYR A 895 -3.45 10.70 -52.38
CA TYR A 895 -2.94 10.40 -51.04
C TYR A 895 -1.88 11.44 -50.70
N VAL A 896 -2.27 12.47 -49.95
CA VAL A 896 -1.32 13.47 -49.49
C VAL A 896 -0.55 12.92 -48.30
N THR A 897 0.72 13.31 -48.19
CA THR A 897 1.60 12.82 -47.13
C THR A 897 1.94 13.96 -46.19
N ARG A 898 1.45 13.86 -44.95
CA ARG A 898 1.73 14.86 -43.92
C ARG A 898 1.58 14.19 -42.55
N SER A 899 2.19 14.82 -41.55
CA SER A 899 2.24 14.29 -40.20
C SER A 899 1.35 15.10 -39.28
N GLU A 900 0.63 14.41 -38.40
CA GLU A 900 -0.26 15.06 -37.44
C GLU A 900 0.44 15.11 -36.09
N ASN A 901 0.69 16.33 -35.60
CA ASN A 901 1.46 16.58 -34.38
C ASN A 901 0.69 17.50 -33.46
N SER A 902 -0.59 17.18 -33.22
CA SER A 902 -1.53 18.08 -32.58
C SER A 902 -1.50 18.01 -31.05
N ILE A 903 -0.35 17.68 -30.46
CA ILE A 903 -0.21 17.68 -29.00
C ILE A 903 -0.08 19.13 -28.54
N PHE A 904 -1.18 19.72 -28.10
CA PHE A 904 -1.21 21.14 -27.74
C PHE A 904 -1.13 21.28 -26.21
N PHE A 905 0.10 21.38 -25.72
CA PHE A 905 0.29 21.67 -24.29
C PHE A 905 -0.15 23.10 -24.00
N GLU A 906 -1.40 23.28 -23.58
CA GLU A 906 -1.94 24.60 -23.34
C GLU A 906 -1.64 25.00 -21.90
N VAL A 907 -0.75 25.97 -21.74
CA VAL A 907 -0.54 26.60 -20.44
C VAL A 907 -1.81 27.35 -20.07
N ASP A 908 -2.40 26.99 -18.94
CA ASP A 908 -3.71 27.51 -18.58
C ASP A 908 -3.65 28.93 -18.03
N GLY A 909 -2.47 29.48 -17.84
CA GLY A 909 -2.32 30.83 -17.36
C GLY A 909 -1.61 30.89 -16.03
N PRO A 910 -1.04 32.05 -15.71
CA PRO A 910 -0.31 32.19 -14.44
C PRO A 910 -1.25 32.21 -13.25
N TYR A 911 -1.09 31.25 -12.36
CA TYR A 911 -1.89 31.16 -11.16
C TYR A 911 -1.34 32.08 -10.07
N LEU A 912 -2.02 32.09 -8.93
CA LEU A 912 -1.58 32.89 -7.81
C LEU A 912 -0.74 32.10 -6.82
N ALA A 913 -1.10 30.85 -6.53
CA ALA A 913 -0.36 30.12 -5.52
C ALA A 913 -0.37 28.62 -5.81
N MET A 914 0.57 27.94 -5.16
CA MET A 914 0.75 26.51 -5.28
C MET A 914 1.34 25.99 -3.98
N ILE A 915 0.67 25.00 -3.38
CA ILE A 915 1.09 24.41 -2.12
C ILE A 915 1.26 22.91 -2.32
N LEU A 916 2.40 22.39 -1.88
CA LEU A 916 2.70 20.97 -1.92
C LEU A 916 2.93 20.43 -0.51
N PRO A 917 2.44 19.24 -0.20
CA PRO A 917 2.78 18.61 1.08
C PRO A 917 4.03 17.76 0.99
N ALA A 918 4.37 17.07 2.07
CA ALA A 918 5.50 16.16 2.10
C ALA A 918 5.04 14.81 2.64
N SER A 919 5.99 13.91 2.87
CA SER A 919 5.71 12.52 3.20
C SER A 919 6.40 12.09 4.48
N LYS A 920 5.77 11.13 5.16
CA LYS A 920 6.23 10.62 6.46
C LYS A 920 7.08 9.35 6.35
N GLU A 921 8.12 9.37 5.51
CA GLU A 921 9.28 8.50 5.68
C GLU A 921 10.38 9.11 4.83
N GLU A 922 11.58 8.56 4.96
CA GLU A 922 12.74 9.07 4.23
C GLU A 922 12.64 8.67 2.77
N GLY A 923 12.18 9.59 1.93
CA GLY A 923 12.36 9.48 0.48
C GLY A 923 11.20 8.92 -0.31
N LYS A 924 10.00 8.78 0.25
CA LYS A 924 8.90 8.30 -0.57
C LYS A 924 8.21 9.45 -1.28
N LYS A 925 7.53 9.11 -2.36
CA LYS A 925 6.87 10.06 -3.25
C LYS A 925 5.38 10.13 -2.92
N LEU A 926 4.83 11.34 -3.03
CA LEU A 926 3.45 11.58 -2.66
C LEU A 926 2.51 11.00 -3.72
N LYS A 927 1.22 10.96 -3.39
CA LYS A 927 0.20 10.36 -4.24
C LYS A 927 -0.89 11.39 -4.52
N LYS A 928 -0.69 12.18 -5.57
CA LYS A 928 -1.69 13.11 -6.12
C LYS A 928 -2.16 14.11 -5.07
N ARG A 929 -1.21 14.77 -4.43
CA ARG A 929 -1.51 15.69 -3.33
C ARG A 929 -0.92 17.06 -3.65
N TYR A 930 -1.79 18.05 -3.88
CA TYR A 930 -1.38 19.44 -4.02
C TYR A 930 -2.60 20.35 -3.96
N ALA A 931 -2.33 21.65 -3.90
CA ALA A 931 -3.37 22.67 -3.96
C ALA A 931 -2.90 23.79 -4.87
N VAL A 932 -3.78 24.24 -5.77
CA VAL A 932 -3.48 25.29 -6.73
C VAL A 932 -4.51 26.39 -6.54
N PHE A 933 -4.04 27.62 -6.35
CA PHE A 933 -4.90 28.75 -6.02
C PHE A 933 -4.86 29.75 -7.18
N ASN A 934 -6.06 30.11 -7.67
CA ASN A 934 -6.20 31.00 -8.82
C ASN A 934 -6.01 32.45 -8.39
N GLU A 935 -6.02 33.36 -9.38
CA GLU A 935 -5.47 34.70 -9.19
C GLU A 935 -6.33 35.54 -8.25
N ASP A 936 -7.65 35.37 -8.27
CA ASP A 936 -8.54 36.16 -7.44
C ASP A 936 -8.75 35.55 -6.05
N GLY A 937 -7.85 34.67 -5.62
CA GLY A 937 -7.96 34.03 -4.32
C GLY A 937 -8.85 32.81 -4.28
N SER A 938 -9.64 32.57 -5.32
CA SER A 938 -10.48 31.38 -5.36
C SER A 938 -9.61 30.14 -5.54
N LEU A 939 -9.93 29.09 -4.78
CA LEU A 939 -9.16 27.85 -4.79
C LEU A 939 -9.43 27.17 -6.13
N ALA A 940 -8.44 27.25 -7.02
CA ALA A 940 -8.60 26.72 -8.37
C ALA A 940 -8.76 25.21 -8.38
N GLU A 941 -7.95 24.48 -7.60
CA GLU A 941 -8.02 23.03 -7.62
C GLU A 941 -7.35 22.51 -6.37
N LEU A 942 -7.85 21.37 -5.88
CA LEU A 942 -7.27 20.71 -4.72
C LEU A 942 -7.31 19.21 -4.96
N LYS A 943 -6.29 18.48 -4.53
CA LYS A 943 -6.31 17.04 -4.78
C LYS A 943 -5.51 16.29 -3.74
N GLY A 944 -6.10 15.22 -3.21
CA GLY A 944 -5.41 14.28 -2.35
C GLY A 944 -5.31 14.64 -0.90
N PHE A 945 -6.09 15.60 -0.43
CA PHE A 945 -5.96 16.09 0.93
C PHE A 945 -7.07 15.56 1.84
N GLU A 946 -6.96 15.93 3.12
CA GLU A 946 -7.85 15.41 4.16
C GLU A 946 -9.27 15.96 4.04
N VAL A 947 -9.45 17.07 3.33
CA VAL A 947 -10.74 17.75 3.25
C VAL A 947 -11.57 17.07 2.16
N LYS A 948 -10.94 16.16 1.41
CA LYS A 948 -11.66 15.42 0.36
C LYS A 948 -12.77 14.55 0.96
N ARG A 949 -12.46 13.84 2.03
CA ARG A 949 -13.42 12.93 2.67
C ARG A 949 -14.08 13.65 3.83
N ARG A 950 -15.42 13.58 3.87
CA ARG A 950 -16.19 14.24 4.91
C ARG A 950 -15.99 13.57 6.28
N GLY A 951 -15.48 12.35 6.31
CA GLY A 951 -15.23 11.66 7.57
C GLY A 951 -13.96 12.14 8.25
N GLU A 952 -13.21 11.20 8.81
CA GLU A 952 -12.06 11.44 9.70
C GLU A 952 -12.54 12.34 10.84
N LEU A 953 -11.68 13.24 11.29
CA LEU A 953 -12.05 14.20 12.32
C LEU A 953 -12.29 15.57 11.69
N GLN A 954 -13.21 16.32 12.30
CA GLN A 954 -13.37 17.73 12.01
C GLN A 954 -12.65 18.61 13.01
N LEU A 955 -11.77 18.02 13.83
CA LEU A 955 -10.70 18.78 14.46
C LEU A 955 -9.69 19.27 13.43
N ILE A 956 -9.55 18.53 12.33
CA ILE A 956 -8.55 18.82 11.31
C ILE A 956 -9.09 19.76 10.22
N LYS A 957 -10.41 19.78 10.00
CA LYS A 957 -10.99 20.55 8.89
C LYS A 957 -10.75 22.05 9.06
N ILE A 958 -11.01 22.59 10.26
CA ILE A 958 -10.86 24.01 10.48
C ILE A 958 -9.39 24.42 10.41
N PHE A 959 -8.49 23.55 10.89
CA PHE A 959 -7.06 23.83 10.80
C PHE A 959 -6.60 23.87 9.35
N GLN A 960 -7.09 22.92 8.54
CA GLN A 960 -6.67 22.87 7.14
C GLN A 960 -7.23 24.02 6.33
N SER A 961 -8.48 24.41 6.60
CA SER A 961 -9.05 25.59 5.95
C SER A 961 -8.30 26.85 6.35
N SER A 962 -7.98 26.99 7.64
CA SER A 962 -7.28 28.18 8.09
C SER A 962 -5.82 28.21 7.67
N VAL A 963 -5.24 27.07 7.28
CA VAL A 963 -3.88 27.17 6.74
C VAL A 963 -3.92 27.42 5.23
N PHE A 964 -4.86 26.84 4.48
CA PHE A 964 -4.90 27.11 3.04
C PHE A 964 -5.43 28.50 2.70
N GLU A 965 -6.22 29.11 3.59
CA GLU A 965 -6.62 30.48 3.35
C GLU A 965 -5.55 31.48 3.77
N ALA A 966 -4.44 31.01 4.34
CA ALA A 966 -3.44 31.90 4.91
C ALA A 966 -2.07 31.78 4.25
N PHE A 967 -1.96 31.17 3.08
CA PHE A 967 -0.71 31.21 2.35
C PHE A 967 -0.57 32.43 1.45
N LEU A 968 -1.62 33.24 1.31
CA LEU A 968 -1.61 34.36 0.39
C LEU A 968 -1.19 35.66 1.07
N LYS A 969 -0.42 35.55 2.13
CA LYS A 969 0.00 36.70 2.92
C LYS A 969 1.52 36.80 2.94
N GLY A 970 2.02 38.03 2.87
CA GLY A 970 3.44 38.28 2.88
C GLY A 970 4.07 38.21 1.51
N SER A 971 5.32 38.64 1.44
CA SER A 971 6.07 38.68 0.19
C SER A 971 7.23 37.70 0.14
N THR A 972 7.93 37.46 1.24
CA THR A 972 9.04 36.53 1.30
C THR A 972 8.59 35.24 1.98
N LEU A 973 9.44 34.21 1.87
CA LEU A 973 9.15 32.92 2.50
C LEU A 973 9.06 33.06 4.02
N GLU A 974 9.86 33.98 4.58
CA GLU A 974 9.80 34.26 6.01
C GLU A 974 8.42 34.75 6.43
N GLU A 975 7.81 35.63 5.64
CA GLU A 975 6.53 36.20 6.03
C GLU A 975 5.38 35.21 5.85
N VAL A 976 5.40 34.42 4.79
CA VAL A 976 4.31 33.46 4.58
C VAL A 976 4.38 32.34 5.61
N TYR A 977 5.60 31.86 5.94
CA TYR A 977 5.70 30.91 7.04
C TYR A 977 5.50 31.57 8.40
N GLY A 978 5.66 32.89 8.50
CA GLY A 978 5.26 33.57 9.72
C GLY A 978 3.76 33.54 9.92
N SER A 979 3.00 33.78 8.85
CA SER A 979 1.54 33.74 8.95
C SER A 979 1.04 32.31 9.20
N VAL A 980 1.66 31.32 8.53
CA VAL A 980 1.31 29.93 8.76
C VAL A 980 1.69 29.51 10.18
N ALA A 981 2.82 30.00 10.69
CA ALA A 981 3.20 29.76 12.08
C ALA A 981 2.20 30.39 13.04
N LYS A 982 1.65 31.57 12.69
CA LYS A 982 0.60 32.16 13.51
C LYS A 982 -0.64 31.28 13.55
N VAL A 983 -1.07 30.76 12.40
CA VAL A 983 -2.27 29.94 12.34
C VAL A 983 -2.07 28.63 13.11
N ALA A 984 -0.96 27.93 12.85
CA ALA A 984 -0.68 26.68 13.53
C ALA A 984 -0.41 26.89 15.01
N ASP A 985 0.20 28.02 15.38
CA ASP A 985 0.41 28.34 16.79
C ASP A 985 -0.91 28.56 17.49
N TYR A 986 -1.85 29.25 16.84
CA TYR A 986 -3.20 29.41 17.39
C TYR A 986 -3.87 28.06 17.62
N TRP A 987 -3.85 27.18 16.61
CA TRP A 987 -4.63 25.96 16.75
C TRP A 987 -3.96 24.95 17.69
N LEU A 988 -2.63 24.84 17.63
CA LEU A 988 -1.92 24.02 18.59
C LEU A 988 -1.91 24.61 19.99
N ASP A 989 -2.18 25.92 20.15
CA ASP A 989 -2.31 26.47 21.49
C ASP A 989 -3.71 26.25 22.04
N VAL A 990 -4.71 26.20 21.17
CA VAL A 990 -6.03 25.72 21.59
C VAL A 990 -5.95 24.26 22.02
N LEU A 991 -5.23 23.43 21.24
CA LEU A 991 -5.06 22.03 21.63
C LEU A 991 -4.21 21.85 22.88
N TYR A 992 -3.14 22.64 23.02
CA TYR A 992 -2.18 22.46 24.11
C TYR A 992 -2.74 22.89 25.45
N SER A 993 -3.65 23.86 25.46
CA SER A 993 -4.34 24.28 26.67
C SER A 993 -5.56 23.40 26.97
N LYS A 994 -5.68 22.26 26.27
CA LYS A 994 -6.73 21.26 26.47
C LYS A 994 -8.12 21.81 26.17
N ALA A 995 -8.18 22.90 25.40
CA ALA A 995 -9.42 23.57 24.98
C ALA A 995 -10.26 23.97 26.19
N ALA A 996 -9.69 24.88 26.98
CA ALA A 996 -10.26 25.23 28.28
C ALA A 996 -11.12 26.49 28.25
N ASN A 997 -10.75 27.49 27.44
CA ASN A 997 -11.40 28.80 27.53
C ASN A 997 -12.82 28.78 26.97
N MET A 998 -13.02 28.17 25.80
CA MET A 998 -14.32 28.16 25.15
C MET A 998 -15.27 27.21 25.87
N PRO A 999 -16.59 27.40 25.68
CA PRO A 999 -17.55 26.43 26.22
C PRO A 999 -17.35 25.04 25.66
N ASP A 1000 -17.60 24.04 26.50
CA ASP A 1000 -17.28 22.65 26.19
C ASP A 1000 -18.36 21.96 25.36
N SER A 1001 -19.52 22.60 25.15
CA SER A 1001 -20.63 21.95 24.47
C SER A 1001 -20.30 21.64 23.02
N GLU A 1002 -19.67 22.57 22.31
CA GLU A 1002 -19.25 22.31 20.94
C GLU A 1002 -17.98 21.48 20.87
N LEU A 1003 -17.25 21.35 21.97
CA LEU A 1003 -16.01 20.59 21.95
C LEU A 1003 -16.24 19.09 21.81
N PHE A 1004 -17.35 18.58 22.37
CA PHE A 1004 -17.67 17.17 22.19
C PHE A 1004 -18.00 16.86 20.73
N GLU A 1005 -18.59 17.81 20.02
CA GLU A 1005 -18.76 17.68 18.58
C GLU A 1005 -17.43 17.79 17.86
N LEU A 1006 -16.59 18.74 18.27
CA LEU A 1006 -15.35 19.05 17.56
C LEU A 1006 -14.36 17.89 17.64
N ILE A 1007 -14.21 17.28 18.82
CA ILE A 1007 -13.13 16.33 19.03
C ILE A 1007 -13.49 14.93 18.52
N SER A 1008 -14.72 14.48 18.72
CA SER A 1008 -15.10 13.09 18.51
C SER A 1008 -15.04 12.70 17.04
N GLU A 1009 -14.81 11.41 16.80
CA GLU A 1009 -14.75 10.86 15.45
C GLU A 1009 -15.93 9.93 15.21
N ASN A 1010 -16.49 9.99 14.01
CA ASN A 1010 -17.69 9.22 13.66
C ASN A 1010 -17.34 8.20 12.60
N ARG A 1011 -17.43 6.92 12.96
CA ARG A 1011 -17.19 5.82 12.03
C ARG A 1011 -18.49 5.07 11.77
N SER A 1012 -18.74 4.76 10.50
CA SER A 1012 -19.91 3.97 10.14
C SER A 1012 -19.71 2.50 10.52
N MET A 1013 -20.83 1.80 10.67
CA MET A 1013 -20.83 0.37 10.98
C MET A 1013 -21.68 -0.31 9.92
N SER A 1014 -21.04 -1.06 9.04
CA SER A 1014 -21.71 -1.63 7.87
C SER A 1014 -22.38 -2.96 8.17
N ARG A 1015 -21.63 -3.92 8.68
CA ARG A 1015 -22.17 -5.24 8.99
C ARG A 1015 -22.70 -5.25 10.42
N LYS A 1016 -23.02 -6.44 10.92
CA LYS A 1016 -23.41 -6.63 12.32
C LYS A 1016 -22.21 -7.05 13.15
N LEU A 1017 -22.46 -7.24 14.44
CA LEU A 1017 -21.39 -7.62 15.36
C LEU A 1017 -20.91 -9.05 15.12
N GLU A 1018 -21.78 -9.91 14.62
CA GLU A 1018 -21.47 -11.32 14.42
C GLU A 1018 -21.02 -11.65 13.00
N ASP A 1019 -21.01 -10.67 12.09
CA ASP A 1019 -20.63 -10.96 10.72
C ASP A 1019 -19.12 -11.12 10.56
N TYR A 1020 -18.33 -10.32 11.28
CA TYR A 1020 -16.89 -10.44 11.20
C TYR A 1020 -16.35 -11.68 11.91
N GLY A 1021 -17.14 -12.26 12.81
CA GLY A 1021 -16.72 -13.46 13.50
C GLY A 1021 -15.91 -13.13 14.74
N GLU A 1022 -14.75 -13.79 14.88
CA GLU A 1022 -13.90 -13.61 16.04
C GLU A 1022 -12.97 -12.41 15.92
N GLN A 1023 -12.96 -11.74 14.77
CA GLN A 1023 -12.09 -10.57 14.60
C GLN A 1023 -12.64 -9.38 15.39
N LYS A 1024 -11.73 -8.67 16.05
CA LYS A 1024 -12.09 -7.54 16.89
C LYS A 1024 -11.31 -6.31 16.44
N SER A 1025 -12.01 -5.20 16.30
CA SER A 1025 -11.41 -3.94 15.85
C SER A 1025 -12.01 -2.80 16.67
N THR A 1026 -11.72 -1.57 16.26
CA THR A 1026 -12.22 -0.40 16.97
C THR A 1026 -13.73 -0.27 16.86
N SER A 1027 -14.26 -0.43 15.65
CA SER A 1027 -15.71 -0.33 15.45
C SER A 1027 -16.44 -1.49 16.13
N ILE A 1028 -15.83 -2.67 16.14
CA ILE A 1028 -16.42 -3.82 16.83
C ILE A 1028 -16.49 -3.57 18.33
N SER A 1029 -15.40 -3.03 18.90
CA SER A 1029 -15.39 -2.69 20.32
C SER A 1029 -16.41 -1.60 20.65
N THR A 1030 -16.53 -0.60 19.76
CA THR A 1030 -17.52 0.46 19.99
C THR A 1030 -18.94 -0.07 19.94
N ALA A 1031 -19.22 -0.98 19.00
CA ALA A 1031 -20.53 -1.62 18.93
C ALA A 1031 -20.78 -2.49 20.17
N LYS A 1032 -19.74 -3.15 20.68
CA LYS A 1032 -19.88 -3.91 21.92
C LYS A 1032 -20.19 -3.00 23.10
N ARG A 1033 -19.54 -1.84 23.18
CA ARG A 1033 -19.84 -0.88 24.24
C ARG A 1033 -21.25 -0.35 24.12
N LEU A 1034 -21.71 -0.11 22.88
CA LEU A 1034 -23.08 0.36 22.67
C LEU A 1034 -24.10 -0.71 23.05
N ALA A 1035 -23.78 -1.97 22.78
CA ALA A 1035 -24.63 -3.08 23.24
C ALA A 1035 -24.65 -3.16 24.75
N GLU A 1036 -23.51 -2.92 25.39
CA GLU A 1036 -23.46 -2.91 26.85
C GLU A 1036 -24.11 -1.67 27.45
N PHE A 1037 -24.39 -0.65 26.63
CA PHE A 1037 -25.07 0.54 27.14
C PHE A 1037 -26.52 0.23 27.50
N LEU A 1038 -27.32 -0.21 26.53
CA LEU A 1038 -28.72 -0.51 26.78
C LEU A 1038 -29.02 -2.00 26.67
N GLY A 1039 -28.70 -2.64 25.56
CA GLY A 1039 -28.96 -4.05 25.41
C GLY A 1039 -29.13 -4.43 23.96
N ASP A 1040 -29.80 -5.57 23.76
CA ASP A 1040 -30.02 -6.11 22.42
C ASP A 1040 -31.07 -5.33 21.64
N GLN A 1041 -31.87 -4.50 22.30
CA GLN A 1041 -32.84 -3.67 21.60
C GLN A 1041 -32.16 -2.64 20.70
N MET A 1042 -31.05 -2.06 21.16
CA MET A 1042 -30.29 -1.16 20.31
C MET A 1042 -29.57 -1.92 19.20
N VAL A 1043 -29.18 -3.18 19.46
CA VAL A 1043 -28.57 -4.02 18.44
C VAL A 1043 -29.57 -4.35 17.34
N LYS A 1044 -30.86 -4.50 17.69
CA LYS A 1044 -31.90 -4.79 16.71
C LYS A 1044 -32.02 -3.67 15.68
N ASP A 1045 -31.85 -2.43 16.11
CA ASP A 1045 -31.91 -1.29 15.18
C ASP A 1045 -30.58 -0.54 15.17
N ALA A 1046 -29.48 -1.28 15.08
CA ALA A 1046 -28.14 -0.68 15.11
C ALA A 1046 -27.70 -0.21 13.73
N GLY A 1047 -28.52 0.60 13.06
CA GLY A 1047 -28.17 1.22 11.81
C GLY A 1047 -27.51 2.57 11.95
N LEU A 1048 -27.27 3.03 13.18
CA LEU A 1048 -26.67 4.33 13.41
C LEU A 1048 -25.15 4.23 13.35
N SER A 1049 -24.53 5.17 12.64
CA SER A 1049 -23.08 5.24 12.59
C SER A 1049 -22.55 5.72 13.95
N CYS A 1050 -21.56 5.00 14.47
CA CYS A 1050 -21.13 5.18 15.85
C CYS A 1050 -20.07 6.27 15.97
N ARG A 1051 -20.30 7.20 16.90
CA ARG A 1051 -19.32 8.22 17.24
C ARG A 1051 -18.59 7.80 18.51
N TYR A 1052 -17.33 8.22 18.61
CA TYR A 1052 -16.48 7.74 19.70
C TYR A 1052 -15.33 8.70 19.94
N ILE A 1053 -14.73 8.55 21.11
CA ILE A 1053 -13.46 9.15 21.48
C ILE A 1053 -12.55 8.04 22.02
N ILE A 1054 -11.30 8.39 22.30
CA ILE A 1054 -10.28 7.42 22.72
C ILE A 1054 -9.97 7.63 24.19
N SER A 1055 -10.09 6.56 24.98
CA SER A 1055 -9.74 6.60 26.39
C SER A 1055 -8.23 6.68 26.57
N ARG A 1056 -7.82 7.13 27.75
CA ARG A 1056 -6.42 7.37 28.04
C ARG A 1056 -5.88 6.55 29.21
N LYS A 1057 -6.66 6.44 30.29
CA LYS A 1057 -6.13 5.92 31.55
C LYS A 1057 -5.74 4.43 31.52
N PRO A 1058 -6.38 3.54 30.74
CA PRO A 1058 -5.76 2.21 30.58
C PRO A 1058 -4.62 2.19 29.58
N GLU A 1059 -3.41 2.53 30.04
CA GLU A 1059 -2.25 2.48 29.15
C GLU A 1059 -1.87 1.03 28.85
N GLY A 1060 -1.06 0.86 27.80
CA GLY A 1060 -0.58 -0.43 27.38
C GLY A 1060 -1.52 -1.19 26.47
N SER A 1061 -2.83 -1.11 26.73
CA SER A 1061 -3.80 -1.74 25.85
C SER A 1061 -3.83 -1.00 24.51
N PRO A 1062 -3.94 -1.72 23.39
CA PRO A 1062 -3.90 -1.06 22.08
C PRO A 1062 -5.13 -0.22 21.81
N VAL A 1063 -4.96 0.75 20.91
CA VAL A 1063 -6.03 1.70 20.59
C VAL A 1063 -7.20 1.04 19.87
N THR A 1064 -7.00 -0.16 19.31
CA THR A 1064 -8.10 -0.88 18.69
C THR A 1064 -9.12 -1.37 19.71
N GLU A 1065 -8.75 -1.43 20.98
CA GLU A 1065 -9.63 -1.84 22.07
C GLU A 1065 -9.81 -0.70 23.08
N ARG A 1066 -9.71 0.54 22.59
CA ARG A 1066 -9.66 1.71 23.46
C ARG A 1066 -10.57 2.81 22.93
N ALA A 1067 -11.80 2.46 22.59
CA ALA A 1067 -12.76 3.42 22.05
C ALA A 1067 -14.01 3.44 22.93
N ILE A 1068 -14.45 4.63 23.30
CA ILE A 1068 -15.68 4.78 24.08
C ILE A 1068 -16.64 5.73 23.37
N PRO A 1069 -17.93 5.37 23.26
CA PRO A 1069 -18.89 6.26 22.60
C PRO A 1069 -19.26 7.45 23.49
N LEU A 1070 -19.93 8.43 22.86
CA LEU A 1070 -20.49 9.54 23.60
C LEU A 1070 -21.93 9.28 24.05
N ALA A 1071 -22.53 8.15 23.65
CA ALA A 1071 -23.88 7.84 24.06
C ALA A 1071 -24.00 7.54 25.55
N ILE A 1072 -22.90 7.10 26.19
CA ILE A 1072 -22.92 6.87 27.62
C ILE A 1072 -23.01 8.19 28.37
N PHE A 1073 -22.51 9.27 27.78
CA PHE A 1073 -22.40 10.53 28.51
C PHE A 1073 -23.71 11.30 28.52
N GLN A 1074 -24.68 10.90 27.69
CA GLN A 1074 -26.01 11.51 27.70
C GLN A 1074 -26.97 10.82 28.64
N ALA A 1075 -26.57 9.72 29.27
CA ALA A 1075 -27.44 8.97 30.17
C ALA A 1075 -27.53 9.70 31.52
N GLU A 1076 -28.36 9.20 32.42
CA GLU A 1076 -28.52 9.82 33.72
C GLU A 1076 -27.26 9.58 34.55
N PRO A 1077 -26.88 10.54 35.41
CA PRO A 1077 -25.49 10.60 35.90
C PRO A 1077 -25.02 9.40 36.73
N THR A 1078 -25.89 8.72 37.48
CA THR A 1078 -25.41 7.68 38.38
C THR A 1078 -25.00 6.42 37.62
N VAL A 1079 -25.79 6.01 36.63
CA VAL A 1079 -25.40 4.86 35.81
C VAL A 1079 -24.19 5.22 34.94
N ARG A 1080 -24.11 6.48 34.50
CA ARG A 1080 -22.91 6.99 33.83
C ARG A 1080 -21.67 6.80 34.70
N LYS A 1081 -21.74 7.24 35.96
CA LYS A 1081 -20.60 7.15 36.87
C LYS A 1081 -20.21 5.70 37.14
N HIS A 1082 -21.20 4.86 37.49
CA HIS A 1082 -20.90 3.47 37.82
C HIS A 1082 -20.37 2.70 36.62
N PHE A 1083 -20.98 2.89 35.45
CA PHE A 1083 -20.58 2.06 34.32
C PHE A 1083 -19.34 2.64 33.64
N LEU A 1084 -19.01 3.90 33.92
CA LEU A 1084 -17.71 4.44 33.52
C LEU A 1084 -16.60 3.91 34.40
N ARG A 1085 -16.85 3.80 35.71
CA ARG A 1085 -15.91 3.08 36.58
C ARG A 1085 -15.78 1.61 36.18
N LYS A 1086 -16.86 1.02 35.66
CA LYS A 1086 -16.77 -0.34 35.15
C LYS A 1086 -15.91 -0.40 33.89
N TRP A 1087 -16.01 0.60 33.01
CA TRP A 1087 -15.21 0.60 31.79
C TRP A 1087 -13.73 0.81 32.06
N LEU A 1088 -13.37 1.82 32.85
CA LEU A 1088 -11.98 2.28 32.96
C LEU A 1088 -11.11 1.35 33.78
N LYS A 1089 -11.67 0.29 34.38
CA LYS A 1089 -10.93 -0.71 35.16
C LYS A 1089 -10.19 -0.07 36.33
N SER A 1090 -10.79 0.99 36.90
CA SER A 1090 -10.19 1.70 38.02
C SER A 1090 -11.33 2.21 38.89
N SER A 1091 -11.66 1.43 39.94
CA SER A 1091 -12.75 1.79 40.83
C SER A 1091 -12.33 2.77 41.92
N SER A 1092 -11.04 3.07 42.03
CA SER A 1092 -10.53 4.01 43.02
C SER A 1092 -10.43 5.43 42.49
N LEU A 1093 -10.85 5.66 41.25
CA LEU A 1093 -10.80 6.98 40.65
C LEU A 1093 -11.89 7.86 41.26
N GLN A 1094 -11.68 9.18 41.23
CA GLN A 1094 -12.57 10.12 41.90
C GLN A 1094 -13.24 11.11 40.96
N ASP A 1095 -12.62 11.46 39.83
CA ASP A 1095 -13.12 12.51 38.96
C ASP A 1095 -13.94 11.90 37.82
N PHE A 1096 -14.92 12.66 37.34
CA PHE A 1096 -15.79 12.22 36.26
C PHE A 1096 -15.85 13.20 35.09
N ASP A 1097 -15.30 14.40 35.24
CA ASP A 1097 -15.34 15.38 34.17
C ASP A 1097 -14.42 14.97 33.03
N ILE A 1098 -14.72 15.48 31.83
CA ILE A 1098 -14.00 15.06 30.62
C ILE A 1098 -12.80 15.99 30.50
N ARG A 1099 -11.75 15.66 31.24
CA ARG A 1099 -10.48 16.36 31.19
C ARG A 1099 -9.29 15.42 31.05
N ALA A 1100 -9.34 14.25 31.69
CA ALA A 1100 -8.20 13.35 31.75
C ALA A 1100 -8.38 12.06 30.97
N ILE A 1101 -9.62 11.58 30.81
CA ILE A 1101 -9.84 10.34 30.06
C ILE A 1101 -9.67 10.53 28.56
N LEU A 1102 -9.61 11.77 28.09
CA LEU A 1102 -9.27 12.02 26.71
C LEU A 1102 -7.81 11.66 26.47
N ASP A 1103 -7.56 10.88 25.41
CA ASP A 1103 -6.19 10.53 25.03
C ASP A 1103 -5.61 11.69 24.22
N TRP A 1104 -5.16 12.71 24.95
CA TRP A 1104 -4.62 13.90 24.28
C TRP A 1104 -3.32 13.60 23.56
N ASP A 1105 -2.60 12.55 23.95
CA ASP A 1105 -1.40 12.15 23.22
C ASP A 1105 -1.74 11.72 21.80
N TYR A 1106 -2.80 10.92 21.63
CA TYR A 1106 -3.20 10.50 20.29
C TYR A 1106 -3.70 11.68 19.47
N TYR A 1107 -4.43 12.60 20.09
CA TYR A 1107 -4.95 13.75 19.36
C TYR A 1107 -3.83 14.69 18.92
N ILE A 1108 -2.88 14.97 19.82
CA ILE A 1108 -1.77 15.83 19.44
C ILE A 1108 -0.85 15.10 18.47
N GLU A 1109 -0.83 13.76 18.48
CA GLU A 1109 -0.05 13.05 17.48
C GLU A 1109 -0.72 13.13 16.11
N ARG A 1110 -2.06 13.09 16.07
CA ARG A 1110 -2.76 13.27 14.80
C ARG A 1110 -2.55 14.67 14.23
N LEU A 1111 -2.75 15.70 15.06
CA LEU A 1111 -2.55 17.06 14.59
C LEU A 1111 -1.07 17.32 14.30
N GLY A 1112 -0.18 16.64 15.02
CA GLY A 1112 1.24 16.73 14.73
C GLY A 1112 1.59 16.12 13.39
N SER A 1113 1.03 14.95 13.08
CA SER A 1113 1.27 14.34 11.77
C SER A 1113 0.74 15.23 10.65
N ALA A 1114 -0.42 15.87 10.88
CA ALA A 1114 -0.94 16.83 9.91
C ALA A 1114 0.03 18.00 9.71
N ILE A 1115 0.50 18.61 10.80
CA ILE A 1115 1.33 19.80 10.65
C ILE A 1115 2.73 19.44 10.14
N GLN A 1116 3.18 18.20 10.38
CA GLN A 1116 4.41 17.72 9.75
C GLN A 1116 4.22 17.56 8.25
N LYS A 1117 3.18 16.86 7.84
CA LYS A 1117 3.06 16.52 6.43
C LYS A 1117 2.56 17.68 5.58
N ILE A 1118 2.07 18.76 6.16
CA ILE A 1118 1.60 19.91 5.41
C ILE A 1118 2.61 21.05 5.42
N ILE A 1119 3.18 21.38 6.57
CA ILE A 1119 3.91 22.64 6.75
C ILE A 1119 5.40 22.42 7.03
N THR A 1120 5.74 21.74 8.12
CA THR A 1120 7.09 21.85 8.67
C THR A 1120 8.12 21.12 7.83
N ILE A 1121 7.79 19.96 7.30
CA ILE A 1121 8.72 19.22 6.46
C ILE A 1121 8.94 19.93 5.11
N PRO A 1122 7.92 20.46 4.42
CA PRO A 1122 8.23 21.34 3.27
C PRO A 1122 9.02 22.59 3.66
N ALA A 1123 8.84 23.11 4.88
CA ALA A 1123 9.66 24.23 5.32
C ALA A 1123 11.12 23.81 5.45
N ALA A 1124 11.38 22.62 5.99
CA ALA A 1124 12.74 22.13 6.09
C ALA A 1124 13.33 21.84 4.72
N LEU A 1125 12.50 21.44 3.76
CA LEU A 1125 12.96 21.30 2.38
C LEU A 1125 13.04 22.63 1.65
N GLN A 1126 12.56 23.72 2.24
CA GLN A 1126 12.68 25.06 1.68
C GLN A 1126 13.71 25.90 2.45
N GLN A 1127 14.75 25.24 2.97
CA GLN A 1127 15.95 25.83 3.60
C GLN A 1127 15.65 26.87 4.68
N VAL A 1128 14.48 26.84 5.30
CA VAL A 1128 14.13 27.79 6.35
C VAL A 1128 14.05 27.02 7.66
N LYS A 1129 14.29 27.74 8.76
CA LYS A 1129 14.10 27.18 10.09
C LYS A 1129 12.64 26.83 10.31
N ASN A 1130 12.41 25.94 11.28
CA ASN A 1130 11.09 25.35 11.48
C ASN A 1130 10.09 26.41 11.95
N PRO A 1131 8.96 26.57 11.26
CA PRO A 1131 7.96 27.55 11.72
C PRO A 1131 7.24 27.13 12.99
N VAL A 1132 7.19 25.84 13.28
CA VAL A 1132 6.65 25.33 14.54
C VAL A 1132 7.79 24.64 15.28
N PRO A 1133 8.60 25.37 16.04
CA PRO A 1133 9.75 24.75 16.72
C PRO A 1133 9.36 23.78 17.82
N ARG A 1134 8.12 23.84 18.31
CA ARG A 1134 7.66 22.92 19.35
C ARG A 1134 7.23 21.57 18.80
N VAL A 1135 7.19 21.41 17.48
CA VAL A 1135 6.96 20.11 16.85
C VAL A 1135 8.26 19.70 16.17
N LYS A 1136 8.86 18.62 16.66
CA LYS A 1136 10.16 18.20 16.18
C LYS A 1136 10.05 17.48 14.84
N HIS A 1137 11.15 17.49 14.10
CA HIS A 1137 11.24 16.79 12.83
C HIS A 1137 11.33 15.29 13.06
N PRO A 1138 11.06 14.48 12.03
CA PRO A 1138 11.42 13.07 12.11
C PRO A 1138 12.93 12.90 12.10
N ASP A 1139 13.37 11.71 12.51
CA ASP A 1139 14.80 11.46 12.72
C ASP A 1139 15.59 11.54 11.42
N TRP A 1140 15.05 10.98 10.34
CA TRP A 1140 15.77 10.97 9.06
C TRP A 1140 15.94 12.38 8.52
N LEU A 1141 14.88 13.20 8.57
CA LEU A 1141 14.97 14.57 8.08
C LEU A 1141 15.85 15.43 8.97
N HIS A 1142 15.82 15.20 10.28
CA HIS A 1142 16.71 15.92 11.18
C HIS A 1142 18.16 15.58 10.89
N LYS A 1143 18.45 14.31 10.61
CA LYS A 1143 19.81 13.90 10.26
C LYS A 1143 20.26 14.54 8.96
N LYS A 1144 19.41 14.48 7.93
CA LYS A 1144 19.76 15.04 6.63
C LYS A 1144 19.92 16.56 6.68
N LEU A 1145 19.07 17.24 7.45
CA LEU A 1145 19.17 18.69 7.56
C LEU A 1145 20.41 19.11 8.35
N LEU A 1146 20.72 18.42 9.44
CA LEU A 1146 21.92 18.76 10.20
C LEU A 1146 23.20 18.33 9.49
N GLU A 1147 23.11 17.41 8.53
CA GLU A 1147 24.27 17.10 7.70
C GLU A 1147 24.43 18.10 6.56
N LYS A 1148 23.32 18.62 6.01
CA LYS A 1148 23.39 19.47 4.83
C LYS A 1148 23.99 20.84 5.16
N ASN A 1149 23.50 21.49 6.21
CA ASN A 1149 23.86 22.88 6.47
C ASN A 1149 25.28 23.06 7.00
N ASP A 1150 25.94 21.98 7.39
CA ASP A 1150 27.29 22.08 7.89
C ASP A 1150 28.28 22.12 6.72
N VAL A 1151 29.08 23.20 6.65
CA VAL A 1151 29.92 23.45 5.47
C VAL A 1151 31.02 22.42 5.32
N TYR A 1152 31.48 21.82 6.43
CA TYR A 1152 32.22 20.57 6.42
C TYR A 1152 31.46 19.52 5.61
N LYS A 1153 32.04 19.08 4.50
CA LYS A 1153 31.34 18.26 3.51
C LYS A 1153 32.22 17.16 2.96
N GLN A 1154 31.58 16.18 2.32
CA GLN A 1154 32.26 15.00 1.80
C GLN A 1154 32.78 15.26 0.39
N LYS A 1155 34.07 14.99 0.18
CA LYS A 1155 34.66 15.15 -1.14
C LYS A 1155 34.85 13.78 -1.80
N LYS A 1156 34.53 13.73 -3.09
CA LYS A 1156 34.55 12.49 -3.85
C LYS A 1156 35.99 12.13 -4.24
N ILE A 1157 36.12 11.19 -5.17
CA ILE A 1157 37.41 10.59 -5.48
C ILE A 1157 37.89 10.88 -6.89
N SER A 1158 36.99 11.23 -7.82
CA SER A 1158 37.42 11.55 -9.19
C SER A 1158 38.26 12.83 -9.25
N GLU A 1159 38.16 13.69 -8.24
CA GLU A 1159 38.94 14.92 -8.20
C GLU A 1159 40.25 14.76 -7.45
N LEU A 1160 40.22 14.08 -6.30
CA LEU A 1160 41.44 13.90 -5.51
C LEU A 1160 42.37 12.85 -6.11
N PHE A 1161 41.81 11.89 -6.86
CA PHE A 1161 42.59 10.93 -7.62
C PHE A 1161 42.22 11.06 -9.10
N THR A 1162 43.25 11.10 -9.95
CA THR A 1162 43.05 11.30 -11.38
C THR A 1162 42.63 9.99 -12.04
N LEU A 1163 42.24 10.07 -13.30
CA LEU A 1163 41.78 8.93 -14.08
C LEU A 1163 42.95 8.37 -14.89
N GLU A 1164 43.07 7.04 -14.94
CA GLU A 1164 44.15 6.38 -15.64
C GLU A 1164 43.70 5.55 -16.83
N GLY A 1165 42.42 5.31 -17.00
CA GLY A 1165 42.00 4.58 -18.18
C GLY A 1165 40.56 4.11 -18.10
N ARG A 1166 40.04 3.75 -19.27
CA ARG A 1166 38.70 3.19 -19.44
C ARG A 1166 38.83 1.95 -20.32
N ARG A 1167 38.24 0.84 -19.90
CA ARG A 1167 38.34 -0.40 -20.66
C ARG A 1167 37.03 -1.18 -20.56
N GLN A 1168 36.91 -2.18 -21.43
CA GLN A 1168 35.82 -3.15 -21.35
C GLN A 1168 36.32 -4.47 -21.90
N VAL A 1169 35.75 -5.57 -21.41
CA VAL A 1169 36.09 -6.89 -21.92
C VAL A 1169 35.32 -7.10 -23.22
N THR A 1170 35.94 -6.73 -24.34
CA THR A 1170 35.27 -6.76 -25.63
C THR A 1170 35.22 -8.18 -26.18
N MET A 1171 34.25 -8.41 -27.05
CA MET A 1171 34.09 -9.71 -27.70
C MET A 1171 35.09 -9.87 -28.83
N ALA A 1172 35.61 -11.07 -28.99
CA ALA A 1172 36.58 -11.36 -30.04
C ALA A 1172 35.96 -12.23 -31.13
N MET B 1 -5.89 -45.31 31.99
CA MET B 1 -4.77 -45.51 32.90
C MET B 1 -3.52 -45.88 32.13
N PHE B 2 -2.64 -44.91 31.92
CA PHE B 2 -1.40 -45.10 31.18
C PHE B 2 -0.25 -44.49 31.96
N GLU B 3 0.94 -45.06 31.80
CA GLU B 3 2.10 -44.63 32.56
C GLU B 3 3.36 -44.87 31.75
N ALA B 4 4.29 -43.91 31.78
CA ALA B 4 5.54 -44.04 31.06
C ALA B 4 6.63 -43.24 31.77
N ARG B 5 7.86 -43.78 31.69
CA ARG B 5 9.04 -43.21 32.31
C ARG B 5 10.13 -43.00 31.26
N LEU B 6 10.90 -41.93 31.43
CA LEU B 6 12.12 -41.69 30.67
C LEU B 6 13.20 -41.22 31.63
N VAL B 7 14.31 -41.96 31.66
CA VAL B 7 15.48 -41.56 32.45
C VAL B 7 16.31 -40.48 31.76
N GLN B 8 15.88 -40.00 30.61
CA GLN B 8 16.53 -38.93 29.88
C GLN B 8 15.46 -38.03 29.27
N GLY B 9 15.77 -36.75 29.14
CA GLY B 9 14.82 -35.79 28.61
C GLY B 9 15.23 -35.14 27.30
N SER B 10 16.39 -35.49 26.74
CA SER B 10 16.83 -34.86 25.50
C SER B 10 15.93 -35.27 24.33
N ILE B 11 15.70 -36.57 24.18
CA ILE B 11 15.10 -37.10 22.95
C ILE B 11 13.64 -36.69 22.83
N LEU B 12 12.88 -36.79 23.92
CA LEU B 12 11.47 -36.44 23.85
C LEU B 12 11.26 -34.94 23.76
N LYS B 13 12.22 -34.13 24.23
CA LYS B 13 12.13 -32.70 24.02
C LYS B 13 12.49 -32.32 22.58
N LYS B 14 13.46 -33.02 21.98
CA LYS B 14 13.93 -32.62 20.67
C LYS B 14 13.15 -33.22 19.51
N VAL B 15 12.36 -34.28 19.74
CA VAL B 15 11.51 -34.77 18.65
C VAL B 15 10.44 -33.75 18.29
N LEU B 16 9.91 -33.02 19.29
CA LEU B 16 8.87 -32.03 19.02
C LEU B 16 9.45 -30.83 18.28
N GLU B 17 10.68 -30.43 18.63
CA GLU B 17 11.38 -29.41 17.85
C GLU B 17 11.68 -29.89 16.45
N ALA B 18 11.97 -31.19 16.30
CA ALA B 18 12.30 -31.76 15.00
C ALA B 18 11.10 -31.94 14.10
N LEU B 19 9.89 -32.00 14.66
CA LEU B 19 8.73 -32.38 13.87
C LEU B 19 7.69 -31.27 13.75
N LYS B 20 7.81 -30.16 14.49
CA LYS B 20 6.77 -29.14 14.52
C LYS B 20 6.57 -28.42 13.19
N ASP B 21 7.54 -28.47 12.28
CA ASP B 21 7.42 -27.70 11.05
C ASP B 21 6.63 -28.43 9.98
N LEU B 22 6.82 -29.73 9.84
CA LEU B 22 6.12 -30.47 8.78
C LEU B 22 4.66 -30.70 9.13
N ILE B 23 4.37 -30.96 10.41
CA ILE B 23 3.07 -31.42 10.85
C ILE B 23 2.49 -30.40 11.81
N ASN B 24 1.24 -30.00 11.57
CA ASN B 24 0.50 -29.11 12.46
C ASN B 24 -0.48 -29.87 13.34
N GLU B 25 -1.15 -30.87 12.79
CA GLU B 25 -2.10 -31.71 13.52
C GLU B 25 -1.74 -33.17 13.32
N ALA B 26 -1.71 -33.92 14.42
CA ALA B 26 -1.32 -35.33 14.37
C ALA B 26 -2.30 -36.15 15.20
N CYS B 27 -2.11 -37.47 15.15
CA CYS B 27 -2.94 -38.42 15.88
C CYS B 27 -2.04 -39.48 16.50
N TRP B 28 -1.71 -39.31 17.78
CA TRP B 28 -0.94 -40.30 18.52
C TRP B 28 -1.72 -41.60 18.68
N ASP B 29 -1.00 -42.70 18.75
CA ASP B 29 -1.58 -44.01 19.01
C ASP B 29 -0.78 -44.66 20.13
N ILE B 30 -1.38 -44.79 21.30
CA ILE B 30 -0.74 -45.38 22.47
C ILE B 30 -1.32 -46.78 22.67
N SER B 31 -0.45 -47.78 22.76
CA SER B 31 -0.89 -49.16 22.88
C SER B 31 0.23 -50.00 23.46
N SER B 32 -0.01 -51.31 23.56
CA SER B 32 0.99 -52.24 24.05
C SER B 32 2.15 -52.40 23.08
N SER B 33 1.97 -52.01 21.81
CA SER B 33 3.08 -51.96 20.88
C SER B 33 3.90 -50.70 21.04
N GLY B 34 3.40 -49.72 21.80
CA GLY B 34 4.13 -48.49 22.04
C GLY B 34 3.42 -47.26 21.55
N VAL B 35 4.17 -46.38 20.89
CA VAL B 35 3.66 -45.11 20.38
C VAL B 35 3.80 -45.11 18.87
N ASN B 36 2.69 -44.84 18.18
CA ASN B 36 2.64 -44.81 16.73
C ASN B 36 2.14 -43.44 16.27
N LEU B 37 2.76 -42.91 15.21
CA LEU B 37 2.27 -41.68 14.57
C LEU B 37 2.61 -41.77 13.08
N GLN B 38 1.61 -42.04 12.26
CA GLN B 38 1.70 -41.86 10.81
C GLN B 38 1.01 -40.56 10.45
N SER B 39 1.66 -39.72 9.65
CA SER B 39 1.03 -38.45 9.32
C SER B 39 1.48 -37.92 7.97
N MET B 40 0.55 -37.25 7.30
CA MET B 40 0.83 -36.40 6.15
C MET B 40 1.20 -35.00 6.62
N ASP B 41 2.08 -34.36 5.88
CA ASP B 41 2.29 -32.93 6.07
C ASP B 41 1.12 -32.16 5.45
N SER B 42 1.10 -30.85 5.71
CA SER B 42 -0.05 -30.04 5.33
C SER B 42 -0.16 -29.83 3.82
N SER B 43 0.85 -30.21 3.04
CA SER B 43 0.78 -30.17 1.59
C SER B 43 0.57 -31.55 0.97
N HIS B 44 0.58 -32.61 1.78
CA HIS B 44 0.35 -34.00 1.36
C HIS B 44 1.34 -34.44 0.28
N VAL B 45 2.63 -34.26 0.58
CA VAL B 45 3.71 -34.77 -0.27
C VAL B 45 4.60 -35.67 0.57
N SER B 46 5.04 -35.17 1.71
CA SER B 46 5.94 -35.92 2.59
C SER B 46 5.15 -36.70 3.64
N LEU B 47 5.67 -37.87 4.00
CA LEU B 47 5.08 -38.74 5.01
C LEU B 47 6.02 -38.81 6.20
N VAL B 48 5.45 -38.82 7.41
CA VAL B 48 6.27 -38.97 8.60
C VAL B 48 5.74 -40.15 9.42
N GLN B 49 6.67 -40.81 10.10
CA GLN B 49 6.36 -41.91 11.01
C GLN B 49 7.21 -41.76 12.26
N LEU B 50 6.57 -41.48 13.38
CA LEU B 50 7.24 -41.50 14.68
C LEU B 50 6.83 -42.78 15.39
N THR B 51 7.80 -43.64 15.68
CA THR B 51 7.54 -44.93 16.29
C THR B 51 8.40 -45.09 17.53
N LEU B 52 7.77 -45.44 18.64
CA LEU B 52 8.49 -45.75 19.88
C LEU B 52 8.07 -47.13 20.36
N ARG B 53 9.04 -48.03 20.43
CA ARG B 53 8.81 -49.37 20.95
C ARG B 53 8.58 -49.33 22.46
N SER B 54 7.94 -50.37 22.97
CA SER B 54 7.60 -50.41 24.39
C SER B 54 8.81 -50.73 25.26
N GLU B 55 9.75 -51.51 24.76
CA GLU B 55 10.89 -51.94 25.56
C GLU B 55 11.92 -50.82 25.77
N GLY B 56 11.85 -49.75 24.99
CA GLY B 56 12.78 -48.64 25.18
C GLY B 56 12.49 -47.81 26.42
N PHE B 57 11.24 -47.76 26.85
CA PHE B 57 10.87 -47.03 28.05
C PHE B 57 11.39 -47.75 29.29
N ASP B 58 11.49 -47.02 30.39
CA ASP B 58 11.88 -47.63 31.66
C ASP B 58 10.79 -48.55 32.18
N THR B 59 9.61 -47.99 32.47
CA THR B 59 8.40 -48.77 32.70
C THR B 59 7.32 -48.25 31.77
N TYR B 60 6.66 -49.15 31.06
CA TYR B 60 5.64 -48.77 30.07
C TYR B 60 4.47 -49.73 30.23
N ARG B 61 3.50 -49.36 31.07
CA ARG B 61 2.30 -50.16 31.28
C ARG B 61 1.09 -49.36 30.85
N CYS B 62 0.23 -49.99 30.05
CA CYS B 62 -0.91 -49.33 29.44
C CYS B 62 -2.12 -50.24 29.60
N ASP B 63 -3.22 -49.91 28.91
CA ASP B 63 -4.43 -50.69 28.98
C ASP B 63 -4.76 -51.38 27.65
N ARG B 64 -4.95 -50.61 26.59
CA ARG B 64 -5.32 -51.13 25.27
C ARG B 64 -5.12 -50.03 24.24
N ASN B 65 -5.41 -50.36 22.98
CA ASN B 65 -5.15 -49.47 21.85
C ASN B 65 -6.02 -48.22 21.95
N LEU B 66 -5.37 -47.05 21.98
CA LEU B 66 -6.08 -45.78 22.08
C LEU B 66 -5.49 -44.81 21.06
N ALA B 67 -6.36 -44.26 20.21
CA ALA B 67 -5.98 -43.22 19.27
C ALA B 67 -6.44 -41.87 19.80
N MET B 68 -5.53 -40.92 19.90
CA MET B 68 -5.80 -39.63 20.50
C MET B 68 -5.32 -38.54 19.53
N GLY B 69 -6.06 -37.44 19.48
CA GLY B 69 -5.89 -36.51 18.37
C GLY B 69 -5.56 -35.06 18.67
N VAL B 70 -4.70 -34.77 19.64
CA VAL B 70 -4.28 -33.39 19.82
C VAL B 70 -3.25 -33.02 18.76
N ASN B 71 -3.04 -31.72 18.59
CA ASN B 71 -2.05 -31.23 17.64
C ASN B 71 -0.65 -31.35 18.21
N LEU B 72 0.32 -30.85 17.44
CA LEU B 72 1.74 -31.02 17.73
C LEU B 72 2.43 -29.73 18.12
N THR B 73 2.01 -28.60 17.53
CA THR B 73 2.63 -27.32 17.85
C THR B 73 2.40 -26.93 19.29
N SER B 74 1.21 -27.20 19.84
CA SER B 74 0.97 -26.97 21.25
C SER B 74 1.86 -27.83 22.13
N MET B 75 2.05 -29.10 21.74
CA MET B 75 2.91 -30.00 22.51
C MET B 75 4.35 -29.51 22.53
N SER B 76 4.85 -29.08 21.37
CA SER B 76 6.21 -28.55 21.32
C SER B 76 6.31 -27.23 22.07
N LYS B 77 5.25 -26.44 22.07
CA LYS B 77 5.23 -25.19 22.80
C LYS B 77 5.26 -25.43 24.31
N ILE B 78 4.59 -26.46 24.79
CA ILE B 78 4.47 -26.65 26.23
C ILE B 78 5.62 -27.49 26.78
N LEU B 79 6.19 -28.39 25.97
CA LEU B 79 7.12 -29.37 26.52
C LEU B 79 8.58 -28.94 26.36
N LYS B 80 8.87 -27.90 25.59
CA LYS B 80 10.25 -27.50 25.33
C LYS B 80 10.92 -26.82 26.52
N CYS B 81 10.22 -26.65 27.64
CA CYS B 81 10.85 -26.13 28.84
C CYS B 81 11.79 -27.14 29.47
N ALA B 82 11.61 -28.42 29.17
CA ALA B 82 12.48 -29.45 29.69
C ALA B 82 13.85 -29.41 28.99
N GLY B 83 14.89 -29.71 29.75
CA GLY B 83 16.26 -29.68 29.25
C GLY B 83 16.71 -31.01 28.70
N ASN B 84 18.03 -31.19 28.67
CA ASN B 84 18.64 -32.41 28.19
C ASN B 84 19.04 -33.36 29.33
N GLU B 85 18.65 -33.04 30.56
CA GLU B 85 19.00 -33.85 31.72
C GLU B 85 17.81 -34.16 32.62
N ASP B 86 16.75 -33.35 32.58
CA ASP B 86 15.55 -33.57 33.37
C ASP B 86 14.86 -34.86 32.94
N ILE B 87 14.37 -35.64 33.94
CA ILE B 87 13.75 -36.93 33.64
C ILE B 87 12.24 -36.76 33.53
N ILE B 88 11.61 -37.67 32.77
CA ILE B 88 10.29 -37.46 32.22
C ILE B 88 9.37 -38.54 32.78
N THR B 89 8.14 -38.17 33.14
CA THR B 89 7.13 -39.16 33.49
C THR B 89 5.79 -38.69 32.96
N LEU B 90 4.98 -39.60 32.41
CA LEU B 90 3.64 -39.23 31.97
C LEU B 90 2.63 -40.24 32.48
N ARG B 91 1.50 -39.74 32.97
CA ARG B 91 0.41 -40.54 33.50
C ARG B 91 -0.91 -40.13 32.86
N ALA B 92 -1.86 -41.05 32.87
CA ALA B 92 -3.14 -40.86 32.20
C ALA B 92 -4.20 -41.76 32.82
N GLU B 93 -5.46 -41.37 32.64
CA GLU B 93 -6.59 -42.15 33.08
C GLU B 93 -7.62 -42.24 31.94
N ASP B 94 -8.30 -43.37 31.86
CA ASP B 94 -9.33 -43.54 30.82
C ASP B 94 -10.53 -42.65 31.08
N ASN B 95 -10.99 -42.57 32.34
CA ASN B 95 -12.14 -41.75 32.66
C ASN B 95 -11.83 -40.27 32.59
N ALA B 96 -10.60 -39.89 32.94
CA ALA B 96 -10.19 -38.49 32.84
C ALA B 96 -10.01 -38.08 31.39
N ASP B 97 -10.31 -36.82 31.10
CA ASP B 97 -10.22 -36.28 29.76
C ASP B 97 -8.92 -35.51 29.54
N THR B 98 -7.96 -35.61 30.45
CA THR B 98 -6.69 -34.91 30.35
C THR B 98 -5.56 -35.85 30.71
N LEU B 99 -4.37 -35.58 30.19
CA LEU B 99 -3.19 -36.40 30.44
C LEU B 99 -2.13 -35.57 31.15
N ALA B 100 -1.62 -36.09 32.26
CA ALA B 100 -0.64 -35.36 33.07
C ALA B 100 0.77 -35.87 32.78
N LEU B 101 1.75 -35.02 33.04
CA LEU B 101 3.15 -35.39 32.87
C LEU B 101 4.02 -34.51 33.73
N VAL B 102 4.97 -35.12 34.43
CA VAL B 102 5.88 -34.37 35.29
C VAL B 102 7.27 -34.37 34.66
N PHE B 103 7.90 -33.20 34.73
CA PHE B 103 9.32 -33.02 34.49
C PHE B 103 9.98 -32.94 35.85
N GLU B 104 10.76 -33.95 36.21
CA GLU B 104 11.36 -34.01 37.55
C GLU B 104 12.87 -34.05 37.43
N ALA B 105 13.53 -33.63 38.49
CA ALA B 105 14.97 -33.62 38.58
C ALA B 105 15.46 -34.72 39.52
N PRO B 106 16.68 -35.23 39.31
CA PRO B 106 17.19 -36.30 40.20
C PRO B 106 17.38 -35.87 41.65
N ASN B 107 17.51 -34.58 41.93
CA ASN B 107 17.62 -34.11 43.30
C ASN B 107 16.25 -33.84 43.93
N GLN B 108 15.17 -34.08 43.19
CA GLN B 108 13.79 -33.99 43.67
C GLN B 108 13.45 -32.59 44.18
N GLU B 109 14.03 -31.56 43.57
CA GLU B 109 13.71 -30.18 43.89
C GLU B 109 13.03 -29.47 42.72
N LYS B 110 13.68 -29.44 41.55
CA LYS B 110 13.07 -28.86 40.36
C LYS B 110 12.08 -29.87 39.79
N VAL B 111 10.80 -29.53 39.86
CA VAL B 111 9.74 -30.44 39.43
C VAL B 111 8.58 -29.61 38.91
N SER B 112 7.95 -30.07 37.84
CA SER B 112 6.86 -29.34 37.21
C SER B 112 5.91 -30.32 36.55
N ASP B 113 4.66 -30.34 37.01
CA ASP B 113 3.61 -31.10 36.36
C ASP B 113 2.81 -30.24 35.39
N TYR B 114 2.50 -30.80 34.23
CA TYR B 114 1.63 -30.16 33.24
C TYR B 114 0.57 -31.17 32.84
N GLU B 115 -0.69 -30.74 32.86
CA GLU B 115 -1.79 -31.54 32.34
C GLU B 115 -2.29 -30.92 31.05
N MET B 116 -2.50 -31.76 30.04
CA MET B 116 -2.87 -31.31 28.71
C MET B 116 -4.24 -31.88 28.36
N LYS B 117 -5.08 -31.03 27.76
CA LYS B 117 -6.43 -31.39 27.35
C LYS B 117 -6.39 -32.23 26.08
N LEU B 118 -7.54 -32.80 25.74
CA LEU B 118 -7.70 -33.63 24.54
C LEU B 118 -8.72 -32.98 23.61
N MET B 119 -8.23 -32.36 22.55
CA MET B 119 -9.07 -31.98 21.43
C MET B 119 -9.04 -33.10 20.40
N ASP B 120 -10.22 -33.45 19.89
CA ASP B 120 -10.43 -34.71 19.19
C ASP B 120 -10.66 -34.46 17.70
N LEU B 121 -9.73 -34.93 16.88
CA LEU B 121 -9.95 -35.07 15.44
C LEU B 121 -9.17 -36.30 14.98
N ASP B 122 -9.82 -37.15 14.21
CA ASP B 122 -9.23 -38.41 13.76
C ASP B 122 -8.99 -38.34 12.26
N VAL B 123 -7.71 -38.29 11.87
CA VAL B 123 -7.34 -38.32 10.46
C VAL B 123 -7.35 -39.78 10.00
N GLU B 124 -7.32 -39.99 8.69
CA GLU B 124 -7.34 -41.35 8.16
C GLU B 124 -6.01 -42.05 8.42
N GLN B 125 -6.07 -43.33 8.74
CA GLN B 125 -4.90 -44.14 9.03
C GLN B 125 -4.55 -44.91 7.75
N LEU B 126 -3.61 -44.35 6.99
CA LEU B 126 -3.17 -44.99 5.75
C LEU B 126 -2.07 -46.00 6.03
N GLY B 127 -2.04 -47.06 5.22
CA GLY B 127 -1.03 -48.09 5.35
C GLY B 127 0.26 -47.70 4.64
N ILE B 128 1.36 -47.75 5.38
CA ILE B 128 2.66 -47.36 4.82
C ILE B 128 3.20 -48.51 4.00
N PRO B 129 3.51 -48.30 2.71
CA PRO B 129 4.11 -49.36 1.91
C PRO B 129 5.54 -49.63 2.37
N GLU B 130 5.85 -50.91 2.60
CA GLU B 130 7.16 -51.33 3.03
C GLU B 130 7.78 -52.19 1.94
N GLN B 131 8.90 -51.73 1.39
CA GLN B 131 9.59 -52.43 0.31
C GLN B 131 11.09 -52.34 0.56
N GLU B 132 11.85 -52.98 -0.33
CA GLU B 132 13.30 -52.99 -0.19
C GLU B 132 13.88 -51.62 -0.53
N TYR B 133 15.08 -51.37 -0.01
CA TYR B 133 15.83 -50.15 -0.29
C TYR B 133 17.09 -50.53 -1.06
N SER B 134 17.20 -50.01 -2.29
CA SER B 134 18.28 -50.43 -3.17
C SER B 134 19.63 -49.85 -2.73
N CYS B 135 19.65 -48.61 -2.27
CA CYS B 135 20.87 -47.96 -1.82
C CYS B 135 20.67 -47.41 -0.41
N VAL B 136 21.61 -47.71 0.47
CA VAL B 136 21.58 -47.28 1.87
C VAL B 136 22.90 -46.58 2.17
N VAL B 137 22.82 -45.36 2.69
CA VAL B 137 23.99 -44.64 3.17
C VAL B 137 23.76 -44.29 4.64
N LYS B 138 24.78 -44.54 5.46
CA LYS B 138 24.73 -44.32 6.90
C LYS B 138 25.81 -43.31 7.22
N MET B 139 25.43 -42.05 7.43
CA MET B 139 26.43 -41.00 7.46
C MET B 139 26.10 -40.00 8.56
N PRO B 140 27.10 -39.28 9.08
CA PRO B 140 26.87 -38.42 10.26
C PRO B 140 25.88 -37.31 10.00
N SER B 141 25.18 -36.91 11.07
CA SER B 141 24.12 -35.94 10.95
C SER B 141 24.63 -34.50 10.93
N GLY B 142 25.76 -34.23 11.59
CA GLY B 142 26.31 -32.88 11.57
C GLY B 142 26.81 -32.49 10.19
N GLU B 143 27.51 -33.40 9.52
CA GLU B 143 27.93 -33.17 8.14
C GLU B 143 26.74 -33.06 7.21
N PHE B 144 25.65 -33.79 7.50
CA PHE B 144 24.46 -33.70 6.66
C PHE B 144 23.76 -32.35 6.84
N ALA B 145 23.72 -31.85 8.08
CA ALA B 145 23.18 -30.51 8.32
C ALA B 145 24.02 -29.44 7.65
N ARG B 146 25.35 -29.58 7.74
CA ARG B 146 26.24 -28.64 7.07
C ARG B 146 26.05 -28.69 5.56
N ILE B 147 25.88 -29.88 4.97
CA ILE B 147 25.75 -29.95 3.52
C ILE B 147 24.37 -29.48 3.06
N CYS B 148 23.33 -29.64 3.89
CA CYS B 148 22.02 -29.16 3.48
C CYS B 148 21.94 -27.63 3.57
N ARG B 149 22.43 -27.05 4.67
CA ARG B 149 22.51 -25.59 4.75
C ARG B 149 23.53 -25.04 3.77
N ASP B 150 24.49 -25.85 3.33
CA ASP B 150 25.43 -25.48 2.28
C ASP B 150 24.71 -25.34 0.95
N LEU B 151 23.95 -26.36 0.56
CA LEU B 151 23.31 -26.35 -0.75
C LEU B 151 22.03 -25.53 -0.77
N SER B 152 21.54 -25.07 0.39
CA SER B 152 20.36 -24.23 0.39
C SER B 152 20.62 -22.88 -0.25
N HIS B 153 21.84 -22.35 -0.11
CA HIS B 153 22.13 -21.00 -0.61
C HIS B 153 22.31 -20.98 -2.12
N ILE B 154 22.95 -22.01 -2.69
CA ILE B 154 23.24 -22.01 -4.12
C ILE B 154 21.98 -22.26 -4.93
N GLY B 155 21.35 -23.42 -4.72
CA GLY B 155 20.19 -23.77 -5.52
C GLY B 155 18.96 -24.16 -4.73
N ASP B 156 17.97 -24.71 -5.42
CA ASP B 156 16.74 -25.18 -4.81
C ASP B 156 16.47 -26.65 -5.07
N ALA B 157 16.72 -27.14 -6.28
CA ALA B 157 16.50 -28.53 -6.62
C ALA B 157 17.84 -29.27 -6.56
N VAL B 158 17.99 -30.16 -5.58
CA VAL B 158 19.20 -30.94 -5.40
C VAL B 158 19.04 -32.27 -6.14
N VAL B 159 20.04 -32.64 -6.90
CA VAL B 159 20.07 -33.97 -7.49
C VAL B 159 21.07 -34.82 -6.72
N ILE B 160 20.60 -35.97 -6.26
CA ILE B 160 21.38 -36.85 -5.40
C ILE B 160 21.64 -38.14 -6.15
N SER B 161 22.90 -38.57 -6.15
CA SER B 161 23.35 -39.78 -6.80
C SER B 161 23.94 -40.73 -5.78
N CYS B 162 23.54 -41.99 -5.83
CA CYS B 162 24.18 -43.06 -5.07
C CYS B 162 24.83 -44.01 -6.05
N ALA B 163 26.15 -44.16 -5.92
CA ALA B 163 26.97 -44.96 -6.83
C ALA B 163 27.91 -45.82 -6.01
N LYS B 164 28.78 -46.55 -6.71
CA LYS B 164 29.73 -47.45 -6.04
C LYS B 164 30.78 -46.67 -5.26
N ASP B 165 31.23 -45.53 -5.77
CA ASP B 165 32.28 -44.77 -5.09
C ASP B 165 31.75 -44.09 -3.83
N GLY B 166 30.44 -43.86 -3.76
CA GLY B 166 29.87 -43.21 -2.60
C GLY B 166 28.57 -42.49 -2.89
N VAL B 167 28.41 -41.29 -2.35
CA VAL B 167 27.23 -40.48 -2.58
C VAL B 167 27.69 -39.15 -3.16
N LYS B 168 26.86 -38.55 -4.01
CA LYS B 168 27.20 -37.31 -4.71
C LYS B 168 25.99 -36.39 -4.70
N PHE B 169 26.09 -35.29 -3.96
CA PHE B 169 25.10 -34.23 -4.00
C PHE B 169 25.47 -33.26 -5.10
N SER B 170 24.46 -32.70 -5.75
CA SER B 170 24.72 -31.68 -6.77
C SER B 170 23.58 -30.68 -6.77
N ALA B 171 23.92 -29.42 -7.01
CA ALA B 171 22.93 -28.34 -7.00
C ALA B 171 23.07 -27.51 -8.24
N SER B 172 21.95 -27.27 -8.92
CA SER B 172 21.88 -26.36 -10.05
C SER B 172 21.53 -24.96 -9.53
N GLY B 173 21.19 -24.05 -10.42
CA GLY B 173 20.73 -22.73 -10.04
C GLY B 173 21.45 -21.63 -10.81
N GLU B 174 20.98 -20.41 -10.56
CA GLU B 174 21.50 -19.24 -11.26
C GLU B 174 22.84 -18.74 -10.70
N LEU B 175 23.21 -19.15 -9.48
CA LEU B 175 24.48 -18.77 -8.90
C LEU B 175 25.52 -19.87 -8.98
N GLY B 176 25.47 -20.69 -10.03
CA GLY B 176 26.43 -21.74 -10.24
C GLY B 176 25.85 -23.11 -9.93
N ASN B 177 26.66 -24.13 -10.20
CA ASN B 177 26.30 -25.51 -9.92
C ASN B 177 27.37 -26.13 -9.05
N GLY B 178 26.98 -26.64 -7.89
CA GLY B 178 27.90 -27.21 -6.91
C GLY B 178 27.85 -28.73 -6.94
N ASN B 179 28.98 -29.36 -6.63
CA ASN B 179 29.11 -30.80 -6.65
C ASN B 179 29.90 -31.25 -5.43
N ILE B 180 29.32 -32.14 -4.63
CA ILE B 180 29.93 -32.62 -3.40
C ILE B 180 29.96 -34.14 -3.44
N LYS B 181 31.13 -34.72 -3.22
CA LYS B 181 31.31 -36.16 -3.23
C LYS B 181 31.69 -36.64 -1.84
N LEU B 182 31.13 -37.77 -1.43
CA LEU B 182 31.50 -38.42 -0.17
C LEU B 182 31.74 -39.90 -0.45
N SER B 183 32.97 -40.33 -0.23
CA SER B 183 33.42 -41.68 -0.58
C SER B 183 33.37 -42.57 0.67
N GLN B 184 33.65 -43.85 0.48
CA GLN B 184 33.71 -44.79 1.58
C GLN B 184 34.87 -44.46 2.51
N THR B 185 34.68 -44.74 3.79
CA THR B 185 35.71 -44.59 4.81
C THR B 185 36.00 -45.99 5.36
N SER B 186 36.89 -46.72 4.67
CA SER B 186 37.21 -48.08 5.06
C SER B 186 38.34 -48.15 6.08
N ASN B 187 39.25 -47.18 6.07
CA ASN B 187 40.35 -47.17 7.02
C ASN B 187 39.97 -46.61 8.39
N VAL B 188 38.74 -46.11 8.53
CA VAL B 188 38.27 -45.58 9.81
C VAL B 188 37.36 -46.63 10.45
N ASP B 189 37.78 -47.19 11.58
CA ASP B 189 37.00 -48.19 12.28
C ASP B 189 35.94 -47.59 13.19
N LYS B 190 36.20 -46.41 13.75
CA LYS B 190 35.22 -45.74 14.58
C LYS B 190 34.11 -45.17 13.71
N GLU B 191 32.87 -45.21 14.21
CA GLU B 191 31.69 -44.99 13.39
C GLU B 191 30.87 -43.77 13.80
N GLU B 192 31.40 -42.91 14.68
CA GLU B 192 30.67 -41.69 14.99
C GLU B 192 30.96 -40.56 14.01
N GLU B 193 31.91 -40.75 13.10
CA GLU B 193 32.17 -39.80 12.03
C GLU B 193 32.33 -40.44 10.66
N ALA B 194 32.42 -41.77 10.58
CA ALA B 194 32.57 -42.45 9.30
C ALA B 194 31.22 -42.65 8.64
N VAL B 195 31.26 -43.17 7.41
CA VAL B 195 30.07 -43.47 6.64
C VAL B 195 30.04 -44.96 6.34
N THR B 196 28.87 -45.45 5.94
CA THR B 196 28.68 -46.86 5.60
C THR B 196 27.81 -46.93 4.35
N ILE B 197 28.19 -47.77 3.40
CA ILE B 197 27.54 -47.82 2.09
C ILE B 197 27.04 -49.24 1.87
N GLU B 198 25.74 -49.38 1.60
CA GLU B 198 25.15 -50.61 1.09
C GLU B 198 24.62 -50.33 -0.31
N MET B 199 25.08 -51.10 -1.29
CA MET B 199 24.99 -50.71 -2.68
C MET B 199 24.45 -51.86 -3.53
N ASN B 200 23.44 -51.58 -4.34
CA ASN B 200 22.92 -52.56 -5.28
C ASN B 200 23.05 -52.10 -6.73
N GLU B 201 22.53 -50.92 -7.08
CA GLU B 201 22.62 -50.40 -8.43
C GLU B 201 22.59 -48.88 -8.36
N PRO B 202 23.26 -48.18 -9.28
CA PRO B 202 23.38 -46.72 -9.16
C PRO B 202 22.05 -46.02 -9.40
N VAL B 203 21.71 -45.09 -8.51
CA VAL B 203 20.48 -44.33 -8.63
C VAL B 203 20.82 -42.84 -8.57
N GLN B 204 19.91 -42.02 -9.08
CA GLN B 204 20.01 -40.57 -8.95
C GLN B 204 18.63 -39.98 -9.24
N LEU B 205 18.21 -39.03 -8.39
CA LEU B 205 16.97 -38.29 -8.64
C LEU B 205 17.03 -36.90 -8.02
N THR B 206 15.99 -36.12 -8.35
CA THR B 206 15.86 -34.72 -7.97
C THR B 206 14.90 -34.59 -6.79
N PHE B 207 15.29 -33.75 -5.83
CA PHE B 207 14.53 -33.55 -4.60
C PHE B 207 14.58 -32.08 -4.24
N ALA B 208 13.68 -31.65 -3.36
CA ALA B 208 13.53 -30.24 -3.02
C ALA B 208 14.26 -29.92 -1.72
N LEU B 209 15.17 -28.95 -1.80
CA LEU B 209 16.07 -28.66 -0.69
C LEU B 209 15.36 -28.05 0.51
N ARG B 210 14.21 -27.40 0.31
CA ARG B 210 13.44 -26.95 1.46
C ARG B 210 12.92 -28.15 2.27
N TYR B 211 12.46 -29.19 1.58
CA TYR B 211 12.03 -30.39 2.27
C TYR B 211 13.20 -31.14 2.89
N LEU B 212 14.36 -31.14 2.22
CA LEU B 212 15.55 -31.74 2.83
C LEU B 212 15.97 -31.00 4.09
N ASN B 213 15.88 -29.67 4.09
CA ASN B 213 16.14 -28.91 5.31
C ASN B 213 15.12 -29.25 6.39
N PHE B 214 13.85 -29.39 6.01
CA PHE B 214 12.82 -29.75 6.97
C PHE B 214 13.02 -31.16 7.54
N PHE B 215 13.67 -32.06 6.79
CA PHE B 215 14.01 -33.35 7.37
C PHE B 215 15.26 -33.26 8.23
N THR B 216 16.24 -32.44 7.80
CA THR B 216 17.56 -32.48 8.42
C THR B 216 17.57 -31.66 9.71
N LYS B 217 16.55 -30.84 9.94
CA LYS B 217 16.50 -30.11 11.21
C LYS B 217 16.23 -31.02 12.42
N ALA B 218 16.11 -32.33 12.23
CA ALA B 218 16.06 -33.31 13.30
C ALA B 218 17.44 -33.72 13.79
N THR B 219 18.49 -32.99 13.43
CA THR B 219 19.89 -33.41 13.62
C THR B 219 20.41 -33.67 15.05
N PRO B 220 19.88 -33.11 16.15
CA PRO B 220 20.40 -33.53 17.46
C PRO B 220 19.92 -34.89 17.93
N LEU B 221 19.07 -35.58 17.16
CA LEU B 221 18.54 -36.86 17.61
C LEU B 221 19.62 -37.93 17.68
N SER B 222 20.39 -38.08 16.61
CA SER B 222 21.39 -39.14 16.53
C SER B 222 22.64 -38.61 15.87
N SER B 223 23.77 -39.21 16.23
CA SER B 223 25.04 -38.88 15.60
C SER B 223 25.15 -39.39 14.17
N THR B 224 24.25 -40.30 13.76
CA THR B 224 24.25 -40.79 12.39
C THR B 224 22.81 -40.80 11.89
N VAL B 225 22.68 -40.65 10.57
CA VAL B 225 21.39 -40.65 9.89
C VAL B 225 21.52 -41.58 8.70
N THR B 226 20.49 -42.41 8.47
CA THR B 226 20.51 -43.39 7.40
C THR B 226 19.60 -42.92 6.28
N LEU B 227 20.18 -42.37 5.23
CA LEU B 227 19.41 -42.03 4.04
C LEU B 227 19.32 -43.28 3.18
N SER B 228 18.16 -43.51 2.58
CA SER B 228 18.04 -44.68 1.72
C SER B 228 17.06 -44.38 0.59
N MET B 229 17.29 -45.09 -0.53
CA MET B 229 16.59 -44.81 -1.77
C MET B 229 16.41 -46.12 -2.52
N SER B 230 15.32 -46.21 -3.27
CA SER B 230 15.04 -47.36 -4.13
C SER B 230 14.36 -46.80 -5.39
N ALA B 231 13.87 -47.68 -6.26
CA ALA B 231 13.31 -47.27 -7.54
C ALA B 231 11.97 -46.58 -7.33
N ASP B 232 11.95 -45.24 -7.50
CA ASP B 232 10.79 -44.36 -7.57
C ASP B 232 10.01 -44.28 -6.26
N VAL B 233 10.47 -44.92 -5.18
CA VAL B 233 9.83 -44.86 -3.88
C VAL B 233 10.12 -43.46 -3.32
N PRO B 234 9.31 -42.95 -2.39
CA PRO B 234 9.79 -41.82 -1.58
C PRO B 234 11.10 -42.15 -0.88
N LEU B 235 12.06 -41.24 -1.01
CA LEU B 235 13.32 -41.34 -0.31
C LEU B 235 13.06 -41.37 1.18
N VAL B 236 13.74 -42.28 1.89
CA VAL B 236 13.46 -42.53 3.30
C VAL B 236 14.64 -42.04 4.11
N VAL B 237 14.33 -41.34 5.19
CA VAL B 237 15.30 -40.87 6.15
C VAL B 237 15.06 -41.62 7.44
N GLU B 238 16.04 -42.40 7.87
CA GLU B 238 15.97 -43.19 9.09
C GLU B 238 16.78 -42.48 10.16
N TYR B 239 16.15 -42.23 11.30
CA TYR B 239 16.81 -41.65 12.46
C TYR B 239 16.84 -42.73 13.52
N LYS B 240 17.88 -43.57 13.48
CA LYS B 240 18.05 -44.59 14.51
C LYS B 240 18.49 -43.92 15.80
N ILE B 241 17.52 -43.62 16.66
CA ILE B 241 17.82 -42.89 17.89
C ILE B 241 18.58 -43.77 18.87
N ALA B 242 17.93 -44.84 19.32
CA ALA B 242 18.43 -45.77 20.32
C ALA B 242 17.61 -47.05 20.16
N ASP B 243 17.62 -47.89 21.19
CA ASP B 243 16.62 -48.95 21.26
C ASP B 243 15.21 -48.43 21.51
N MET B 244 15.04 -47.13 21.77
CA MET B 244 13.73 -46.56 22.04
C MET B 244 12.82 -46.62 20.82
N GLY B 245 13.31 -46.20 19.65
CA GLY B 245 12.47 -46.25 18.46
C GLY B 245 13.07 -45.47 17.30
N HIS B 246 12.21 -45.22 16.30
CA HIS B 246 12.59 -44.64 15.03
C HIS B 246 11.79 -43.37 14.73
N LEU B 247 12.34 -42.55 13.84
CA LEU B 247 11.66 -41.37 13.31
C LEU B 247 11.98 -41.34 11.82
N LYS B 248 11.00 -41.71 11.00
CA LYS B 248 11.19 -42.03 9.59
C LYS B 248 10.51 -40.98 8.72
N TYR B 249 11.26 -40.43 7.77
CA TYR B 249 10.73 -39.48 6.80
C TYR B 249 10.65 -40.14 5.43
N TYR B 250 9.64 -39.76 4.65
CA TYR B 250 9.46 -40.25 3.29
C TYR B 250 9.13 -39.07 2.38
N LEU B 251 9.88 -38.90 1.30
CA LEU B 251 9.70 -37.78 0.39
C LEU B 251 9.54 -38.25 -1.05
N ALA B 252 8.48 -37.81 -1.70
CA ALA B 252 8.29 -38.11 -3.12
C ALA B 252 9.20 -37.23 -3.96
N PRO B 253 9.84 -37.76 -4.99
CA PRO B 253 10.60 -36.93 -5.92
C PRO B 253 9.68 -36.13 -6.82
N LYS B 254 10.24 -35.08 -7.42
CA LYS B 254 9.48 -34.23 -8.32
C LYS B 254 9.64 -34.69 -9.77
N ILE B 255 8.53 -34.69 -10.50
CA ILE B 255 8.52 -35.14 -11.89
C ILE B 255 9.02 -33.99 -12.76
N GLU B 256 10.03 -34.28 -13.59
CA GLU B 256 10.59 -33.24 -14.51
C GLU B 256 9.91 -33.39 -15.88
N ASP B 257 9.27 -32.32 -16.37
CA ASP B 257 8.62 -32.37 -17.71
C ASP B 257 9.68 -32.69 -18.77
N GLU B 258 9.47 -33.78 -19.53
CA GLU B 258 10.42 -34.16 -20.60
C GLU B 258 10.51 -33.01 -21.61
N GLU B 259 9.40 -32.31 -21.87
CA GLU B 259 9.40 -31.17 -22.81
C GLU B 259 10.42 -30.13 -22.32
N GLY B 260 11.28 -29.64 -23.23
CA GLY B 260 12.30 -28.65 -22.86
C GLY B 260 13.24 -29.19 -21.80
N SER B 261 13.58 -30.48 -21.88
CA SER B 261 14.51 -31.10 -20.91
C SER B 261 15.40 -32.13 -21.62
N MET C 1 29.80 14.26 41.19
CA MET C 1 29.92 13.86 39.80
C MET C 1 29.87 12.34 39.71
N PHE C 2 30.41 11.70 40.75
CA PHE C 2 30.53 10.24 40.87
C PHE C 2 31.33 9.65 39.71
N GLU C 3 32.60 10.04 39.67
CA GLU C 3 33.57 9.38 38.80
C GLU C 3 34.32 8.34 39.63
N ALA C 4 33.57 7.33 40.06
CA ALA C 4 34.06 6.36 41.01
C ALA C 4 35.00 5.34 40.36
N ARG C 5 35.78 4.67 41.21
CA ARG C 5 36.67 3.61 40.78
C ARG C 5 35.94 2.27 40.84
N LEU C 6 36.01 1.51 39.76
CA LEU C 6 35.42 0.18 39.67
C LEU C 6 36.50 -0.82 39.32
N VAL C 7 36.57 -1.91 40.09
CA VAL C 7 37.51 -2.98 39.78
C VAL C 7 37.11 -3.69 38.50
N GLN C 8 35.81 -3.72 38.18
CA GLN C 8 35.30 -4.24 36.93
C GLN C 8 33.97 -3.56 36.63
N GLY C 9 33.80 -3.13 35.39
CA GLY C 9 32.67 -2.31 35.01
C GLY C 9 31.66 -3.02 34.13
N SER C 10 31.65 -4.35 34.19
CA SER C 10 30.68 -5.11 33.40
C SER C 10 29.25 -4.88 33.90
N ILE C 11 29.09 -4.58 35.18
CA ILE C 11 27.76 -4.50 35.80
C ILE C 11 26.95 -3.37 35.18
N LEU C 12 27.57 -2.20 35.02
CA LEU C 12 26.86 -1.05 34.48
C LEU C 12 26.47 -1.27 33.02
N LYS C 13 27.38 -1.84 32.22
CA LYS C 13 27.05 -2.05 30.81
C LYS C 13 25.96 -3.12 30.65
N LYS C 14 25.94 -4.16 31.49
CA LYS C 14 24.86 -5.13 31.30
C LYS C 14 23.53 -4.64 31.87
N VAL C 15 23.53 -3.83 32.94
CA VAL C 15 22.24 -3.34 33.43
C VAL C 15 21.68 -2.32 32.44
N LEU C 16 22.54 -1.58 31.75
CA LEU C 16 22.04 -0.74 30.66
C LEU C 16 21.60 -1.57 29.46
N GLU C 17 22.26 -2.70 29.19
CA GLU C 17 21.85 -3.57 28.10
C GLU C 17 20.47 -4.18 28.37
N ALA C 18 20.20 -4.55 29.62
CA ALA C 18 18.95 -5.23 29.94
C ALA C 18 17.80 -4.25 30.14
N LEU C 19 18.05 -3.12 30.79
CA LEU C 19 17.01 -2.15 31.14
C LEU C 19 16.79 -1.11 30.05
N LYS C 20 17.12 -1.43 28.80
CA LYS C 20 16.87 -0.52 27.70
C LYS C 20 15.43 -0.55 27.21
N ASP C 21 14.61 -1.44 27.75
CA ASP C 21 13.20 -1.53 27.39
C ASP C 21 12.26 -1.20 28.54
N LEU C 22 12.73 -1.28 29.79
CA LEU C 22 11.88 -0.99 30.93
C LEU C 22 11.63 0.51 31.09
N ILE C 23 12.71 1.29 31.19
CA ILE C 23 12.62 2.73 31.40
C ILE C 23 13.04 3.41 30.11
N ASN C 24 12.21 4.35 29.63
CA ASN C 24 12.56 5.08 28.42
C ASN C 24 13.41 6.30 28.70
N GLU C 25 13.40 6.79 29.95
CA GLU C 25 14.25 7.90 30.37
C GLU C 25 14.25 7.92 31.89
N ALA C 26 15.43 7.92 32.49
CA ALA C 26 15.57 7.90 33.94
C ALA C 26 16.49 9.04 34.38
N CYS C 27 16.63 9.18 35.69
CA CYS C 27 17.53 10.16 36.29
C CYS C 27 18.40 9.47 37.33
N TRP C 28 19.71 9.66 37.21
CA TRP C 28 20.67 9.06 38.13
C TRP C 28 20.81 9.97 39.35
N ASP C 29 20.34 9.49 40.50
CA ASP C 29 20.51 10.17 41.77
C ASP C 29 21.69 9.57 42.51
N ILE C 30 22.63 10.41 42.92
CA ILE C 30 23.83 9.96 43.63
C ILE C 30 23.96 10.80 44.89
N SER C 31 24.00 10.13 46.04
CA SER C 31 24.15 10.77 47.33
C SER C 31 25.24 10.02 48.11
N SER C 32 25.39 10.37 49.39
CA SER C 32 26.43 9.77 50.23
C SER C 32 26.22 8.28 50.45
N SER C 33 24.99 7.79 50.32
CA SER C 33 24.74 6.35 50.39
C SER C 33 25.11 5.61 49.12
N GLY C 34 25.42 6.33 48.05
CA GLY C 34 25.78 5.71 46.80
C GLY C 34 24.96 6.19 45.63
N VAL C 35 24.48 5.26 44.82
CA VAL C 35 23.64 5.56 43.67
C VAL C 35 22.27 4.91 43.90
N ASN C 36 21.21 5.70 43.77
CA ASN C 36 19.85 5.22 43.98
C ASN C 36 18.99 5.64 42.80
N LEU C 37 18.62 4.69 41.96
CA LEU C 37 17.69 4.91 40.86
C LEU C 37 16.29 4.51 41.33
N GLN C 38 15.33 5.41 41.13
CA GLN C 38 13.91 5.11 41.32
C GLN C 38 13.18 5.68 40.10
N SER C 39 12.74 4.77 39.23
CA SER C 39 12.16 5.15 37.94
C SER C 39 10.82 4.46 37.75
N MET C 40 9.85 5.20 37.21
CA MET C 40 8.56 4.64 36.87
C MET C 40 8.47 4.49 35.35
N ASP C 41 8.06 3.31 34.90
CA ASP C 41 8.21 2.91 33.50
C ASP C 41 7.23 3.64 32.59
N SER C 42 7.30 3.31 31.30
CA SER C 42 6.51 4.00 30.29
C SER C 42 5.03 3.67 30.40
N SER C 43 4.68 2.43 30.75
CA SER C 43 3.29 2.04 30.87
C SER C 43 2.68 2.42 32.21
N HIS C 44 3.47 3.04 33.09
CA HIS C 44 3.03 3.55 34.40
C HIS C 44 2.43 2.43 35.26
N VAL C 45 3.22 1.37 35.44
CA VAL C 45 2.78 0.17 36.15
C VAL C 45 3.58 -0.04 37.44
N SER C 46 4.90 -0.12 37.32
CA SER C 46 5.76 -0.43 38.47
C SER C 46 6.76 0.68 38.70
N LEU C 47 7.37 0.65 39.89
CA LEU C 47 8.42 1.58 40.28
C LEU C 47 9.68 0.76 40.56
N VAL C 48 10.70 0.93 39.73
CA VAL C 48 11.93 0.14 39.79
C VAL C 48 12.98 0.92 40.55
N GLN C 49 13.61 0.26 41.53
CA GLN C 49 14.67 0.86 42.31
C GLN C 49 15.94 0.02 42.17
N LEU C 50 17.06 0.71 42.02
CA LEU C 50 18.39 0.10 42.03
C LEU C 50 19.25 0.84 43.03
N THR C 51 19.86 0.09 43.95
CA THR C 51 20.74 0.67 44.97
C THR C 51 22.14 0.10 44.76
N LEU C 52 23.10 0.97 44.48
CA LEU C 52 24.51 0.60 44.36
C LEU C 52 25.26 1.42 45.40
N ARG C 53 25.57 0.80 46.53
CA ARG C 53 26.08 1.53 47.69
C ARG C 53 27.51 2.03 47.44
N SER C 54 27.82 3.17 48.07
CA SER C 54 29.11 3.82 47.85
C SER C 54 30.26 2.99 48.40
N GLU C 55 30.04 2.31 49.53
CA GLU C 55 31.10 1.45 50.07
C GLU C 55 31.28 0.18 49.25
N GLY C 56 30.29 -0.19 48.44
CA GLY C 56 30.49 -1.25 47.47
C GLY C 56 31.50 -0.87 46.40
N PHE C 57 31.48 0.40 46.00
CA PHE C 57 32.49 0.91 45.08
C PHE C 57 33.81 1.12 45.80
N ASP C 58 34.86 1.36 45.01
CA ASP C 58 36.18 1.59 45.58
C ASP C 58 36.28 2.96 46.23
N THR C 59 35.68 3.98 45.62
CA THR C 59 35.76 5.34 46.15
C THR C 59 34.50 6.11 45.80
N TYR C 60 34.22 7.13 46.60
CA TYR C 60 33.12 8.05 46.40
C TYR C 60 33.64 9.48 46.40
N ARG C 61 33.14 10.29 45.48
CA ARG C 61 33.54 11.70 45.40
C ARG C 61 32.42 12.49 44.73
N CYS C 62 31.63 13.20 45.54
CA CYS C 62 30.63 14.11 45.02
C CYS C 62 30.56 15.34 45.92
N ASP C 63 30.12 16.45 45.33
CA ASP C 63 29.95 17.67 46.11
C ASP C 63 28.76 17.57 47.05
N ARG C 64 27.63 17.09 46.53
CA ARG C 64 26.39 16.98 47.31
C ARG C 64 25.51 15.94 46.63
N ASN C 65 24.23 15.90 47.02
CA ASN C 65 23.26 15.00 46.40
C ASN C 65 22.99 15.48 44.99
N LEU C 66 23.54 14.78 43.99
CA LEU C 66 23.49 15.22 42.61
C LEU C 66 22.60 14.30 41.80
N ALA C 67 21.65 14.89 41.08
CA ALA C 67 20.73 14.14 40.22
C ALA C 67 20.97 14.60 38.78
N MET C 68 21.46 13.69 37.95
CA MET C 68 21.70 13.96 36.55
C MET C 68 20.68 13.20 35.70
N GLY C 69 19.86 13.94 34.97
CA GLY C 69 18.81 13.33 34.16
C GLY C 69 19.25 12.96 32.77
N VAL C 70 20.14 11.99 32.67
CA VAL C 70 20.64 11.49 31.39
C VAL C 70 19.65 10.47 30.86
N ASN C 71 19.30 10.60 29.57
CA ASN C 71 18.43 9.63 28.91
C ASN C 71 19.04 8.23 29.01
N LEU C 72 18.22 7.27 29.46
CA LEU C 72 18.76 6.00 29.90
C LEU C 72 19.20 5.13 28.72
N THR C 73 18.42 5.12 27.64
CA THR C 73 18.77 4.33 26.47
C THR C 73 19.77 5.02 25.55
N SER C 74 19.99 6.33 25.70
CA SER C 74 20.91 7.02 24.81
C SER C 74 22.36 6.65 25.13
N MET C 75 22.70 6.63 26.41
CA MET C 75 24.06 6.27 26.83
C MET C 75 24.24 4.77 26.99
N SER C 76 23.18 3.98 26.77
CA SER C 76 23.33 2.54 26.71
C SER C 76 24.00 2.09 25.41
N LYS C 77 23.79 2.83 24.33
CA LYS C 77 24.44 2.53 23.06
C LYS C 77 25.93 2.83 23.09
N ILE C 78 26.40 3.61 24.06
CA ILE C 78 27.80 3.96 24.16
C ILE C 78 28.51 3.29 25.34
N LEU C 79 27.77 2.77 26.32
CA LEU C 79 28.42 2.18 27.49
C LEU C 79 28.97 0.80 27.21
N LYS C 80 28.52 0.12 26.15
CA LYS C 80 29.09 -1.17 25.81
C LYS C 80 30.38 -1.04 25.02
N CYS C 81 30.88 0.18 24.82
CA CYS C 81 32.24 0.37 24.31
C CYS C 81 33.26 -0.24 25.25
N ALA C 82 33.06 -0.10 26.56
CA ALA C 82 33.93 -0.74 27.53
C ALA C 82 33.70 -2.23 27.54
N GLY C 83 34.77 -2.99 27.83
CA GLY C 83 34.65 -4.43 27.96
C GLY C 83 34.11 -4.84 29.31
N ASN C 84 33.86 -6.15 29.44
CA ASN C 84 33.44 -6.69 30.72
C ASN C 84 34.58 -6.64 31.74
N GLU C 85 35.82 -6.67 31.27
CA GLU C 85 37.00 -6.54 32.11
C GLU C 85 37.51 -5.11 32.19
N ASP C 86 36.84 -4.17 31.54
CA ASP C 86 37.24 -2.77 31.57
C ASP C 86 36.97 -2.18 32.95
N ILE C 87 37.65 -1.07 33.24
CA ILE C 87 37.53 -0.41 34.54
C ILE C 87 37.16 1.04 34.33
N ILE C 88 36.63 1.65 35.39
CA ILE C 88 36.30 3.07 35.42
C ILE C 88 37.21 3.71 36.46
N THR C 89 37.99 4.72 36.06
CA THR C 89 38.96 5.31 36.97
C THR C 89 38.34 6.46 37.75
N LEU C 90 39.19 7.17 38.50
CA LEU C 90 38.77 8.20 39.44
C LEU C 90 39.30 9.56 39.00
N ARG C 91 38.44 10.57 39.06
CA ARG C 91 38.82 11.95 38.80
C ARG C 91 38.03 12.86 39.74
N ALA C 92 38.53 14.08 39.92
CA ALA C 92 37.95 15.04 40.85
C ALA C 92 37.60 16.32 40.12
N GLU C 93 36.32 16.69 40.17
CA GLU C 93 35.85 17.98 39.65
C GLU C 93 34.64 18.42 40.47
N ASP C 94 34.59 19.72 40.76
CA ASP C 94 33.54 20.28 41.60
C ASP C 94 32.50 21.08 40.84
N ASN C 95 32.87 21.72 39.72
CA ASN C 95 31.93 22.54 38.97
C ASN C 95 31.81 22.04 37.53
N ALA C 96 31.70 20.73 37.36
CA ALA C 96 31.59 20.14 36.02
C ALA C 96 30.16 20.29 35.52
N ASP C 97 29.97 21.14 34.52
CA ASP C 97 28.67 21.32 33.88
C ASP C 97 28.44 20.36 32.71
N THR C 98 29.35 19.40 32.52
CA THR C 98 29.22 18.41 31.45
C THR C 98 29.84 17.12 31.97
N LEU C 99 29.03 16.06 32.11
CA LEU C 99 29.49 14.85 32.76
C LEU C 99 30.25 13.99 31.76
N ALA C 100 31.42 13.53 32.18
CA ALA C 100 32.25 12.67 31.35
C ALA C 100 32.46 11.35 32.08
N LEU C 101 32.58 10.29 31.30
CA LEU C 101 32.85 8.96 31.82
C LEU C 101 34.14 8.44 31.21
N VAL C 102 34.98 7.84 32.07
CA VAL C 102 36.34 7.47 31.70
C VAL C 102 36.40 5.97 31.45
N PHE C 103 37.06 5.59 30.36
CA PHE C 103 37.19 4.20 29.93
C PHE C 103 38.65 3.84 29.92
N GLU C 104 39.02 2.74 30.58
CA GLU C 104 40.42 2.34 30.71
C GLU C 104 40.56 0.86 30.43
N ALA C 105 41.38 0.52 29.44
CA ALA C 105 41.60 -0.86 29.05
C ALA C 105 42.34 -1.62 30.16
N PRO C 106 42.14 -2.94 30.26
CA PRO C 106 42.82 -3.71 31.31
C PRO C 106 44.34 -3.72 31.19
N ASN C 107 44.91 -3.51 30.00
CA ASN C 107 46.35 -3.42 29.83
C ASN C 107 46.90 -2.03 30.06
N GLN C 108 46.04 -1.06 30.41
CA GLN C 108 46.42 0.29 30.83
C GLN C 108 47.21 1.04 29.76
N GLU C 109 46.84 0.83 28.50
CA GLU C 109 47.42 1.61 27.41
C GLU C 109 46.39 2.40 26.62
N LYS C 110 45.10 2.17 26.85
CA LYS C 110 44.03 2.87 26.14
C LYS C 110 43.17 3.61 27.16
N VAL C 111 43.06 4.93 26.99
CA VAL C 111 42.17 5.75 27.80
C VAL C 111 41.19 6.44 26.87
N SER C 112 39.97 6.65 27.38
CA SER C 112 38.91 7.23 26.58
C SER C 112 38.02 8.09 27.46
N ASP C 113 37.52 9.19 26.90
CA ASP C 113 36.55 10.04 27.56
C ASP C 113 35.27 10.09 26.73
N TYR C 114 34.14 9.81 27.36
CA TYR C 114 32.84 9.85 26.70
C TYR C 114 32.00 10.88 27.44
N GLU C 115 31.70 11.99 26.79
CA GLU C 115 31.08 13.12 27.48
C GLU C 115 29.60 13.23 27.13
N MET C 116 28.90 14.04 27.94
CA MET C 116 27.46 14.21 27.83
C MET C 116 27.11 15.52 28.52
N LYS C 117 26.51 16.45 27.77
CA LYS C 117 26.14 17.74 28.34
C LYS C 117 25.01 17.58 29.36
N LEU C 118 25.00 18.50 30.33
CA LEU C 118 24.04 18.42 31.44
C LEU C 118 22.68 18.89 30.97
N MET C 119 21.74 17.95 30.83
CA MET C 119 20.34 18.25 30.60
C MET C 119 19.52 17.46 31.62
N ASP C 120 18.50 18.10 32.18
CA ASP C 120 17.87 17.60 33.38
C ASP C 120 16.34 17.69 33.27
N LEU C 121 15.68 16.70 33.84
CA LEU C 121 14.23 16.71 34.00
C LEU C 121 13.90 16.37 35.46
N ASP C 122 12.85 17.00 35.98
CA ASP C 122 12.44 16.79 37.36
C ASP C 122 11.38 15.70 37.40
N VAL C 123 11.65 14.62 38.12
CA VAL C 123 10.75 13.49 38.25
C VAL C 123 10.29 13.41 39.70
N GLU C 124 8.98 13.28 39.90
CA GLU C 124 8.43 13.24 41.25
C GLU C 124 8.78 11.92 41.94
N GLN C 125 9.24 12.02 43.18
CA GLN C 125 9.57 10.84 43.96
C GLN C 125 8.31 10.25 44.59
N LEU C 126 8.26 8.92 44.64
CA LEU C 126 7.10 8.20 45.15
C LEU C 126 7.50 7.45 46.42
N GLY C 127 6.60 7.48 47.41
CA GLY C 127 6.84 6.74 48.63
C GLY C 127 6.67 5.25 48.44
N ILE C 128 7.48 4.49 49.19
CA ILE C 128 7.50 3.04 49.12
C ILE C 128 6.90 2.48 50.40
N PRO C 129 5.75 1.81 50.35
CA PRO C 129 5.21 1.15 51.55
C PRO C 129 6.03 -0.10 51.89
N GLU C 130 6.57 -0.13 53.10
CA GLU C 130 7.45 -1.22 53.52
C GLU C 130 6.95 -1.79 54.84
N GLN C 131 6.79 -3.11 54.89
CA GLN C 131 6.47 -3.83 56.11
C GLN C 131 6.91 -5.27 55.92
N GLU C 132 6.86 -6.04 57.01
CA GLU C 132 7.25 -7.44 56.97
C GLU C 132 6.25 -8.24 56.14
N TYR C 133 6.69 -8.74 55.00
CA TYR C 133 5.82 -9.52 54.13
C TYR C 133 5.68 -10.94 54.65
N SER C 134 4.61 -11.60 54.23
CA SER C 134 4.30 -12.93 54.76
C SER C 134 5.24 -14.00 54.22
N CYS C 135 5.48 -14.00 52.91
CA CYS C 135 6.25 -15.06 52.27
C CYS C 135 7.40 -14.46 51.48
N VAL C 136 8.62 -14.91 51.78
CA VAL C 136 9.79 -14.54 50.99
C VAL C 136 10.45 -15.82 50.48
N VAL C 137 10.63 -15.90 49.16
CA VAL C 137 11.18 -17.09 48.53
C VAL C 137 12.50 -16.73 47.86
N LYS C 138 13.34 -17.74 47.69
CA LYS C 138 14.69 -17.54 47.16
C LYS C 138 15.06 -18.74 46.30
N MET C 139 15.19 -18.52 45.00
CA MET C 139 15.64 -19.55 44.08
C MET C 139 16.70 -18.95 43.17
N PRO C 140 17.60 -19.76 42.63
CA PRO C 140 18.51 -19.23 41.60
C PRO C 140 17.76 -18.81 40.34
N SER C 141 18.21 -17.70 39.77
CA SER C 141 17.49 -17.03 38.69
C SER C 141 17.58 -17.77 37.37
N GLY C 142 18.46 -18.76 37.26
CA GLY C 142 18.63 -19.52 36.03
C GLY C 142 17.38 -20.27 35.61
N GLU C 143 16.96 -21.27 36.40
CA GLU C 143 15.79 -22.05 36.01
C GLU C 143 14.49 -21.28 36.20
N PHE C 144 14.45 -20.33 37.14
CA PHE C 144 13.25 -19.49 37.26
C PHE C 144 13.06 -18.62 36.03
N ALA C 145 14.13 -17.98 35.54
CA ALA C 145 14.05 -17.24 34.30
C ALA C 145 13.74 -18.16 33.12
N ARG C 146 14.31 -19.37 33.13
CA ARG C 146 14.07 -20.32 32.05
C ARG C 146 12.61 -20.74 31.96
N ILE C 147 11.98 -21.04 33.10
CA ILE C 147 10.57 -21.39 33.08
C ILE C 147 9.69 -20.17 32.88
N CYS C 148 10.17 -18.97 33.23
CA CYS C 148 9.37 -17.77 33.00
C CYS C 148 9.35 -17.40 31.53
N ARG C 149 10.41 -17.72 30.78
CA ARG C 149 10.42 -17.52 29.34
C ARG C 149 9.89 -18.72 28.58
N ASP C 150 9.56 -19.82 29.27
CA ASP C 150 9.00 -21.01 28.63
C ASP C 150 7.57 -21.30 29.06
N LEU C 151 6.95 -20.38 29.78
CA LEU C 151 5.55 -20.54 30.17
C LEU C 151 4.72 -19.29 29.98
N SER C 152 5.34 -18.13 29.76
CA SER C 152 4.60 -16.94 29.35
C SER C 152 4.01 -17.06 27.96
N HIS C 153 4.55 -17.93 27.12
CA HIS C 153 4.11 -18.07 25.75
C HIS C 153 3.08 -19.18 25.56
N ILE C 154 2.56 -19.77 26.63
CA ILE C 154 1.37 -20.60 26.57
C ILE C 154 0.17 -19.96 27.23
N GLY C 155 0.37 -18.93 28.04
CA GLY C 155 -0.74 -18.27 28.71
C GLY C 155 -0.37 -16.88 29.15
N ASP C 156 -1.39 -16.04 29.24
CA ASP C 156 -1.21 -14.63 29.58
C ASP C 156 -1.35 -14.34 31.07
N ALA C 157 -2.16 -15.11 31.79
CA ALA C 157 -2.44 -14.87 33.20
C ALA C 157 -1.99 -16.06 34.05
N VAL C 158 -1.34 -15.76 35.17
CA VAL C 158 -0.87 -16.78 36.10
C VAL C 158 -1.43 -16.49 37.49
N VAL C 159 -1.95 -17.53 38.13
CA VAL C 159 -2.20 -17.51 39.57
C VAL C 159 -0.93 -17.97 40.26
N ILE C 160 -0.32 -17.08 41.02
CA ILE C 160 0.87 -17.36 41.81
C ILE C 160 0.44 -17.59 43.24
N SER C 161 0.86 -18.72 43.81
CA SER C 161 0.40 -19.08 45.15
C SER C 161 1.59 -19.58 45.96
N CYS C 162 1.58 -19.26 47.24
CA CYS C 162 2.65 -19.64 48.15
C CYS C 162 2.06 -20.38 49.34
N ALA C 163 2.59 -21.58 49.60
CA ALA C 163 2.18 -22.41 50.73
C ALA C 163 3.45 -23.05 51.31
N LYS C 164 3.27 -23.91 52.31
CA LYS C 164 4.41 -24.48 53.02
C LYS C 164 5.13 -25.54 52.20
N ASP C 165 4.39 -26.45 51.55
CA ASP C 165 5.02 -27.58 50.89
C ASP C 165 5.75 -27.17 49.63
N GLY C 166 5.12 -26.34 48.80
CA GLY C 166 5.75 -25.91 47.56
C GLY C 166 4.98 -24.80 46.87
N VAL C 167 5.68 -23.74 46.48
CA VAL C 167 5.02 -22.61 45.84
C VAL C 167 4.69 -22.96 44.40
N LYS C 168 3.54 -22.47 43.91
CA LYS C 168 3.04 -22.87 42.61
C LYS C 168 2.77 -21.65 41.74
N PHE C 169 2.96 -21.83 40.43
CA PHE C 169 2.73 -20.81 39.42
C PHE C 169 1.86 -21.47 38.36
N SER C 170 0.58 -21.08 38.26
CA SER C 170 -0.37 -21.77 37.40
C SER C 170 -0.91 -20.83 36.34
N ALA C 171 -0.59 -21.09 35.08
CA ALA C 171 -1.10 -20.31 33.96
C ALA C 171 -1.86 -21.19 33.00
N SER C 172 -3.06 -20.73 32.62
CA SER C 172 -3.90 -21.38 31.64
C SER C 172 -3.79 -20.65 30.31
N GLY C 173 -4.14 -21.37 29.24
CA GLY C 173 -4.14 -20.77 27.92
C GLY C 173 -4.86 -21.68 26.95
N GLU C 174 -5.03 -21.18 25.73
CA GLU C 174 -5.80 -21.87 24.70
C GLU C 174 -5.19 -23.20 24.28
N LEU C 175 -3.93 -23.45 24.60
CA LEU C 175 -3.28 -24.72 24.31
C LEU C 175 -3.08 -25.59 25.55
N GLY C 176 -3.65 -25.20 26.70
CA GLY C 176 -3.58 -26.04 27.87
C GLY C 176 -3.30 -25.30 29.16
N ASN C 177 -3.21 -26.04 30.27
CA ASN C 177 -2.94 -25.47 31.58
C ASN C 177 -1.63 -26.03 32.10
N GLY C 178 -0.74 -25.14 32.56
CA GLY C 178 0.50 -25.57 33.14
C GLY C 178 0.69 -24.91 34.50
N ASN C 179 1.47 -25.57 35.35
CA ASN C 179 1.80 -25.03 36.65
C ASN C 179 3.12 -25.58 37.16
N ILE C 180 3.77 -24.78 38.01
CA ILE C 180 5.12 -25.04 38.48
C ILE C 180 5.06 -25.14 40.00
N LYS C 181 5.68 -26.16 40.57
CA LYS C 181 5.77 -26.32 42.00
C LYS C 181 7.23 -26.37 42.45
N LEU C 182 7.53 -25.64 43.51
CA LEU C 182 8.86 -25.62 44.11
C LEU C 182 8.77 -26.11 45.54
N SER C 183 9.61 -27.09 45.89
CA SER C 183 9.69 -27.63 47.23
C SER C 183 10.76 -26.88 48.03
N GLN C 184 11.12 -27.41 49.18
CA GLN C 184 12.03 -26.75 50.11
C GLN C 184 13.33 -27.54 50.20
N THR C 185 14.46 -26.83 50.15
CA THR C 185 15.78 -27.45 50.31
C THR C 185 16.25 -27.30 51.76
N SER C 186 16.50 -28.42 52.41
CA SER C 186 17.00 -28.44 53.77
C SER C 186 18.34 -29.15 53.94
N ASN C 187 18.58 -30.20 53.15
CA ASN C 187 19.86 -30.90 53.16
C ASN C 187 20.87 -30.30 52.19
N VAL C 188 20.52 -29.21 51.51
CA VAL C 188 21.36 -28.60 50.49
C VAL C 188 21.93 -27.30 51.06
N ASP C 189 23.27 -27.20 51.06
CA ASP C 189 23.94 -25.98 51.49
C ASP C 189 24.55 -25.22 50.32
N LYS C 190 24.62 -25.81 49.14
CA LYS C 190 25.16 -25.14 47.97
C LYS C 190 24.18 -24.09 47.44
N GLU C 191 24.71 -22.97 46.95
CA GLU C 191 23.91 -21.83 46.55
C GLU C 191 23.35 -21.96 45.13
N GLU C 192 23.86 -22.90 44.34
CA GLU C 192 23.55 -22.90 42.91
C GLU C 192 22.14 -23.38 42.61
N GLU C 193 21.51 -24.14 43.51
CA GLU C 193 20.16 -24.63 43.24
C GLU C 193 19.24 -24.62 44.46
N ALA C 194 19.70 -24.10 45.61
CA ALA C 194 18.89 -24.11 46.82
C ALA C 194 17.74 -23.12 46.71
N VAL C 195 16.54 -23.58 47.05
CA VAL C 195 15.32 -22.76 47.01
C VAL C 195 14.79 -22.70 48.44
N THR C 196 15.06 -21.60 49.13
CA THR C 196 14.65 -21.44 50.51
C THR C 196 13.41 -20.55 50.59
N ILE C 197 12.42 -21.00 51.35
CA ILE C 197 11.13 -20.32 51.46
C ILE C 197 10.85 -20.06 52.92
N GLU C 198 10.70 -18.79 53.29
CA GLU C 198 10.19 -18.39 54.59
C GLU C 198 8.72 -18.04 54.45
N MET C 199 7.90 -18.67 55.30
CA MET C 199 6.51 -18.96 55.01
C MET C 199 5.67 -18.56 56.22
N ASN C 200 4.66 -17.71 56.03
CA ASN C 200 3.78 -17.34 57.12
C ASN C 200 2.33 -17.78 56.92
N GLU C 201 1.68 -17.35 55.84
CA GLU C 201 0.33 -17.80 55.55
C GLU C 201 0.21 -17.95 54.04
N PRO C 202 -0.52 -18.96 53.54
CA PRO C 202 -0.58 -19.20 52.10
C PRO C 202 -1.30 -18.07 51.37
N VAL C 203 -0.70 -17.59 50.29
CA VAL C 203 -1.20 -16.42 49.58
C VAL C 203 -1.47 -16.78 48.12
N GLN C 204 -2.44 -16.07 47.53
CA GLN C 204 -2.84 -16.24 46.14
C GLN C 204 -2.88 -14.87 45.49
N LEU C 205 -2.31 -14.76 44.29
CA LEU C 205 -2.33 -13.53 43.51
C LEU C 205 -2.43 -13.90 42.03
N THR C 206 -2.79 -12.93 41.19
CA THR C 206 -2.90 -13.17 39.76
C THR C 206 -2.19 -12.06 39.00
N PHE C 207 -1.41 -12.44 37.99
CA PHE C 207 -0.51 -11.52 37.31
C PHE C 207 -0.43 -11.86 35.83
N ALA C 208 0.09 -10.91 35.05
CA ALA C 208 0.30 -11.08 33.62
C ALA C 208 1.76 -11.42 33.36
N LEU C 209 1.99 -12.48 32.59
CA LEU C 209 3.35 -12.99 32.43
C LEU C 209 4.14 -12.26 31.34
N ARG C 210 3.48 -11.45 30.51
CA ARG C 210 4.19 -10.72 29.47
C ARG C 210 5.16 -9.71 30.08
N TYR C 211 4.76 -9.04 31.15
CA TYR C 211 5.60 -8.05 31.80
C TYR C 211 6.74 -8.69 32.59
N LEU C 212 6.63 -9.97 32.92
CA LEU C 212 7.52 -10.64 33.86
C LEU C 212 8.81 -11.16 33.23
N ASN C 213 8.78 -11.67 32.00
CA ASN C 213 10.01 -12.18 31.40
C ASN C 213 10.66 -11.22 30.40
N PHE C 214 9.98 -10.14 30.03
CA PHE C 214 10.46 -9.32 28.92
C PHE C 214 10.91 -7.94 29.37
N PHE C 215 10.04 -7.21 30.09
CA PHE C 215 10.40 -5.88 30.54
C PHE C 215 11.20 -5.92 31.83
N THR C 216 11.23 -7.05 32.53
CA THR C 216 11.92 -7.18 33.81
C THR C 216 12.91 -8.33 33.76
N LYS C 217 13.72 -8.37 32.71
CA LYS C 217 14.72 -9.42 32.52
C LYS C 217 16.11 -8.78 32.58
N ALA C 218 16.73 -8.85 33.75
CA ALA C 218 18.10 -8.40 33.97
C ALA C 218 18.86 -9.45 34.77
N THR C 219 18.73 -10.70 34.34
CA THR C 219 19.13 -11.85 35.15
C THR C 219 20.63 -11.90 35.55
N PRO C 220 21.61 -11.72 34.66
CA PRO C 220 22.98 -12.08 35.06
C PRO C 220 23.67 -11.07 35.98
N LEU C 221 22.98 -10.01 36.42
CA LEU C 221 23.58 -9.10 37.39
C LEU C 221 23.71 -9.77 38.74
N SER C 222 22.78 -10.66 39.07
CA SER C 222 22.90 -11.50 40.25
C SER C 222 22.75 -12.96 39.82
N SER C 223 22.63 -13.87 40.78
CA SER C 223 22.46 -15.28 40.48
C SER C 223 21.29 -15.91 41.23
N THR C 224 20.80 -15.28 42.30
CA THR C 224 19.65 -15.79 43.04
C THR C 224 18.60 -14.71 43.13
N VAL C 225 17.40 -15.00 42.63
CA VAL C 225 16.25 -14.12 42.77
C VAL C 225 15.54 -14.43 44.09
N THR C 226 15.15 -13.38 44.80
CA THR C 226 14.31 -13.49 45.98
C THR C 226 13.04 -12.68 45.76
N LEU C 227 11.90 -13.31 45.95
CA LEU C 227 10.60 -12.66 45.78
C LEU C 227 9.95 -12.49 47.15
N SER C 228 9.67 -11.25 47.50
CA SER C 228 8.90 -10.92 48.70
C SER C 228 7.45 -10.67 48.30
N MET C 229 6.53 -11.25 49.07
CA MET C 229 5.14 -11.36 48.68
C MET C 229 4.30 -11.45 49.95
N SER C 230 3.10 -10.89 49.90
CA SER C 230 2.16 -10.97 51.02
C SER C 230 0.76 -10.77 50.47
N ALA C 231 -0.23 -10.82 51.36
CA ALA C 231 -1.61 -10.63 50.97
C ALA C 231 -1.87 -9.17 50.65
N ASP C 232 -2.58 -8.94 49.54
CA ASP C 232 -3.05 -7.62 49.11
C ASP C 232 -1.91 -6.63 48.88
N VAL C 233 -0.75 -7.12 48.47
CA VAL C 233 0.38 -6.25 48.11
C VAL C 233 0.91 -6.69 46.76
N PRO C 234 1.57 -5.78 46.03
CA PRO C 234 2.20 -6.18 44.76
C PRO C 234 3.43 -7.07 44.95
N LEU C 235 3.99 -7.51 43.83
CA LEU C 235 5.22 -8.29 43.86
C LEU C 235 6.39 -7.47 44.38
N VAL C 236 7.36 -8.17 44.96
CA VAL C 236 8.70 -7.61 45.17
C VAL C 236 9.68 -8.60 44.56
N VAL C 237 10.24 -8.25 43.41
CA VAL C 237 11.22 -9.11 42.73
C VAL C 237 12.59 -8.53 43.01
N GLU C 238 13.52 -9.35 43.52
CA GLU C 238 14.84 -8.90 43.94
C GLU C 238 15.89 -9.72 43.22
N TYR C 239 16.80 -9.05 42.53
CA TYR C 239 18.08 -9.64 42.11
C TYR C 239 19.14 -9.08 43.05
N LYS C 240 19.77 -9.96 43.84
CA LYS C 240 20.60 -9.54 44.96
C LYS C 240 21.82 -10.44 45.10
N ILE C 241 23.01 -9.86 44.97
CA ILE C 241 24.26 -10.48 45.40
C ILE C 241 25.11 -9.40 46.05
N ALA C 242 25.37 -9.57 47.35
CA ALA C 242 26.44 -8.91 48.13
C ALA C 242 26.31 -7.38 48.02
N ASP C 243 27.41 -6.65 47.90
CA ASP C 243 27.38 -5.21 47.65
C ASP C 243 27.43 -4.87 46.17
N MET C 244 27.55 -5.87 45.30
CA MET C 244 27.71 -5.64 43.88
C MET C 244 26.39 -5.60 43.12
N GLY C 245 25.28 -6.00 43.74
CA GLY C 245 24.01 -5.90 43.03
C GLY C 245 22.76 -6.03 43.86
N HIS C 246 21.83 -5.07 43.68
CA HIS C 246 20.53 -5.11 44.34
C HIS C 246 19.55 -4.33 43.47
N LEU C 247 18.70 -5.03 42.73
CA LEU C 247 17.66 -4.39 41.95
C LEU C 247 16.33 -5.05 42.26
N LYS C 248 15.24 -4.31 42.03
CA LYS C 248 13.94 -4.79 42.45
C LYS C 248 12.82 -4.21 41.59
N TYR C 249 11.77 -5.01 41.44
CA TYR C 249 10.59 -4.68 40.64
C TYR C 249 9.33 -4.81 41.49
N TYR C 250 8.34 -3.99 41.15
CA TYR C 250 7.09 -3.81 41.90
C TYR C 250 5.87 -3.95 41.01
N LEU C 251 5.79 -5.04 40.24
CA LEU C 251 4.60 -5.30 39.42
C LEU C 251 3.38 -5.52 40.31
N ALA C 252 2.28 -4.83 39.99
CA ALA C 252 1.04 -4.71 40.75
C ALA C 252 -0.04 -5.65 40.19
N PRO C 253 -0.91 -6.17 41.06
CA PRO C 253 -2.01 -7.03 40.59
C PRO C 253 -3.04 -6.23 39.79
N LYS C 254 -3.18 -6.56 38.52
CA LYS C 254 -4.15 -5.89 37.64
C LYS C 254 -5.45 -6.70 37.56
N ILE C 255 -6.00 -6.98 38.74
CA ILE C 255 -7.20 -7.80 38.87
C ILE C 255 -8.31 -6.93 39.43
N GLU C 256 -9.44 -6.86 38.72
CA GLU C 256 -10.58 -6.08 39.15
C GLU C 256 -11.42 -6.86 40.16
N ASP C 257 -12.32 -6.14 40.83
CA ASP C 257 -13.16 -6.72 41.87
C ASP C 257 -14.51 -7.16 41.29
N GLU C 258 -14.43 -8.05 40.29
CA GLU C 258 -15.58 -8.72 39.68
C GLU C 258 -16.57 -7.72 39.07
N GLU C 259 -16.05 -6.65 38.48
CA GLU C 259 -16.91 -5.68 37.82
C GLU C 259 -17.30 -6.10 36.41
N GLY C 260 -16.64 -7.12 35.85
CA GLY C 260 -17.01 -7.59 34.52
C GLY C 260 -18.36 -8.26 34.48
N SER C 261 -18.67 -9.07 35.50
CA SER C 261 -19.94 -9.79 35.56
C SER C 261 -20.89 -9.14 36.57
N MET D 1 43.68 -21.47 -18.63
CA MET D 1 44.01 -22.43 -17.58
C MET D 1 44.80 -21.76 -16.46
N PHE D 2 44.06 -21.29 -15.45
CA PHE D 2 44.64 -20.65 -14.28
C PHE D 2 44.41 -21.52 -13.04
N GLU D 3 45.42 -21.61 -12.20
CA GLU D 3 45.35 -22.31 -10.92
C GLU D 3 45.82 -21.38 -9.81
N ALA D 4 45.25 -21.58 -8.61
CA ALA D 4 45.64 -20.79 -7.45
C ALA D 4 45.38 -21.63 -6.21
N ARG D 5 46.44 -22.13 -5.59
CA ARG D 5 46.33 -22.97 -4.40
C ARG D 5 46.42 -22.12 -3.14
N LEU D 6 45.68 -22.52 -2.11
CA LEU D 6 45.75 -21.84 -0.82
C LEU D 6 45.47 -22.88 0.27
N VAL D 7 46.52 -23.29 0.99
CA VAL D 7 46.35 -24.27 2.05
C VAL D 7 45.61 -23.66 3.23
N GLN D 8 46.02 -22.46 3.66
CA GLN D 8 45.36 -21.80 4.77
C GLN D 8 44.16 -21.05 4.18
N GLY D 9 43.05 -21.77 4.02
CA GLY D 9 41.90 -21.25 3.30
C GLY D 9 41.01 -20.29 4.05
N SER D 10 41.29 -20.03 5.32
CA SER D 10 40.45 -19.10 6.07
C SER D 10 40.72 -17.64 5.67
N ILE D 11 41.90 -17.34 5.12
CA ILE D 11 42.22 -15.96 4.80
C ILE D 11 41.47 -15.49 3.55
N LEU D 12 41.21 -16.38 2.60
CA LEU D 12 40.36 -16.01 1.47
C LEU D 12 38.94 -15.74 1.92
N LYS D 13 38.44 -16.52 2.88
CA LYS D 13 37.17 -16.22 3.53
C LYS D 13 37.20 -14.86 4.19
N LYS D 14 38.26 -14.55 4.92
CA LYS D 14 38.29 -13.31 5.69
C LYS D 14 38.42 -12.08 4.79
N VAL D 15 39.15 -12.20 3.67
CA VAL D 15 39.15 -11.07 2.74
C VAL D 15 37.80 -10.95 2.05
N LEU D 16 37.17 -12.06 1.65
CA LEU D 16 35.97 -11.95 0.83
C LEU D 16 34.77 -11.49 1.64
N GLU D 17 34.70 -11.81 2.94
CA GLU D 17 33.59 -11.33 3.75
C GLU D 17 33.72 -9.86 4.11
N ALA D 18 34.84 -9.22 3.80
CA ALA D 18 35.05 -7.81 4.09
C ALA D 18 34.78 -6.90 2.90
N LEU D 19 34.41 -7.47 1.75
CA LEU D 19 34.11 -6.68 0.57
C LEU D 19 32.68 -6.80 0.07
N LYS D 20 31.88 -7.73 0.60
CA LYS D 20 30.46 -7.74 0.28
C LYS D 20 29.75 -6.51 0.84
N ASP D 21 30.14 -6.08 2.04
CA ASP D 21 29.33 -5.15 2.80
C ASP D 21 29.42 -3.70 2.28
N LEU D 22 30.42 -3.36 1.46
CA LEU D 22 30.38 -2.05 0.83
C LEU D 22 30.85 -2.02 -0.62
N ILE D 23 31.20 -3.15 -1.23
CA ILE D 23 31.51 -3.20 -2.65
C ILE D 23 30.54 -4.16 -3.31
N ASN D 24 29.86 -3.70 -4.36
CA ASN D 24 29.00 -4.58 -5.13
C ASN D 24 29.76 -5.31 -6.23
N GLU D 25 30.66 -4.61 -6.93
CA GLU D 25 31.42 -5.20 -8.02
C GLU D 25 32.86 -4.73 -7.97
N ALA D 26 33.78 -5.69 -8.03
CA ALA D 26 35.21 -5.41 -8.14
C ALA D 26 35.80 -6.34 -9.18
N CYS D 27 36.81 -5.85 -9.89
CA CYS D 27 37.36 -6.56 -11.07
C CYS D 27 38.75 -7.08 -10.74
N TRP D 28 38.84 -8.39 -10.52
CA TRP D 28 40.11 -9.04 -10.21
C TRP D 28 41.03 -8.99 -11.42
N ASP D 29 42.29 -8.63 -11.21
CA ASP D 29 43.31 -8.63 -12.25
C ASP D 29 44.36 -9.67 -11.90
N ILE D 30 44.80 -10.44 -12.90
CA ILE D 30 45.80 -11.48 -12.70
C ILE D 30 46.93 -11.28 -13.71
N SER D 31 48.16 -11.43 -13.22
CA SER D 31 49.35 -11.30 -14.05
C SER D 31 50.45 -12.14 -13.42
N SER D 32 51.62 -12.13 -14.08
CA SER D 32 52.75 -12.95 -13.63
C SER D 32 53.26 -12.52 -12.26
N SER D 33 53.08 -11.24 -11.91
CA SER D 33 53.46 -10.76 -10.58
C SER D 33 52.51 -11.21 -9.49
N GLY D 34 51.34 -11.76 -9.85
CA GLY D 34 50.40 -12.25 -8.87
C GLY D 34 49.01 -11.74 -9.16
N VAL D 35 48.19 -11.66 -8.11
CA VAL D 35 46.81 -11.24 -8.23
C VAL D 35 46.65 -9.88 -7.54
N ASN D 36 45.96 -8.97 -8.23
CA ASN D 36 45.69 -7.63 -7.74
C ASN D 36 44.19 -7.39 -7.80
N LEU D 37 43.71 -6.54 -6.91
CA LEU D 37 42.34 -6.04 -6.96
C LEU D 37 42.37 -4.55 -6.70
N GLN D 38 42.30 -3.77 -7.77
CA GLN D 38 42.34 -2.31 -7.75
C GLN D 38 40.96 -1.82 -8.18
N SER D 39 40.10 -1.50 -7.21
CA SER D 39 38.71 -1.23 -7.58
C SER D 39 38.06 -0.22 -6.65
N MET D 40 37.26 0.68 -7.23
CA MET D 40 36.61 1.74 -6.49
C MET D 40 35.25 1.29 -5.97
N ASP D 41 34.70 2.09 -5.06
CA ASP D 41 33.35 1.87 -4.54
C ASP D 41 32.33 2.26 -5.60
N SER D 42 31.18 1.57 -5.59
CA SER D 42 30.06 1.98 -6.43
C SER D 42 29.51 3.34 -6.01
N SER D 43 29.62 3.69 -4.72
CA SER D 43 29.30 5.03 -4.25
C SER D 43 30.41 6.03 -4.60
N HIS D 44 31.56 5.53 -5.09
CA HIS D 44 32.62 6.32 -5.72
C HIS D 44 33.29 7.23 -4.68
N VAL D 45 33.73 6.60 -3.59
CA VAL D 45 34.37 7.31 -2.49
C VAL D 45 35.70 6.67 -2.09
N SER D 46 35.69 5.39 -1.75
CA SER D 46 36.85 4.71 -1.18
C SER D 46 37.19 3.49 -2.03
N LEU D 47 38.44 3.04 -1.97
CA LEU D 47 38.84 2.02 -2.95
C LEU D 47 39.72 0.94 -2.33
N VAL D 48 39.65 -0.24 -2.95
CA VAL D 48 40.31 -1.46 -2.52
C VAL D 48 41.55 -1.69 -3.37
N GLN D 49 42.55 -2.32 -2.75
CA GLN D 49 43.76 -2.75 -3.44
C GLN D 49 44.28 -4.00 -2.75
N LEU D 50 43.86 -5.16 -3.24
CA LEU D 50 44.47 -6.43 -2.86
C LEU D 50 45.74 -6.61 -3.67
N THR D 51 46.79 -7.12 -3.03
CA THR D 51 47.99 -7.54 -3.76
C THR D 51 48.52 -8.81 -3.11
N LEU D 52 48.41 -9.94 -3.82
CA LEU D 52 48.89 -11.22 -3.32
C LEU D 52 49.87 -11.80 -4.32
N ARG D 53 51.05 -12.20 -3.84
CA ARG D 53 52.13 -12.72 -4.66
C ARG D 53 52.16 -14.25 -4.59
N SER D 54 53.22 -14.84 -5.13
CA SER D 54 53.31 -16.27 -5.33
C SER D 54 54.11 -17.00 -4.24
N GLU D 55 54.60 -16.31 -3.23
CA GLU D 55 55.40 -16.94 -2.19
C GLU D 55 54.58 -17.50 -1.04
N GLY D 56 53.25 -17.40 -1.11
CA GLY D 56 52.39 -18.08 -0.16
C GLY D 56 51.45 -19.04 -0.86
N PHE D 57 51.17 -18.75 -2.12
CA PHE D 57 50.39 -19.66 -2.96
C PHE D 57 51.29 -20.84 -3.35
N ASP D 58 50.89 -22.05 -2.95
CA ASP D 58 51.79 -23.20 -3.10
C ASP D 58 51.85 -23.65 -4.55
N THR D 59 50.73 -24.08 -5.11
CA THR D 59 50.65 -24.44 -6.52
C THR D 59 50.06 -23.25 -7.27
N TYR D 60 50.89 -22.59 -8.06
CA TYR D 60 50.50 -21.33 -8.69
C TYR D 60 51.30 -21.12 -9.96
N ARG D 61 50.59 -20.82 -11.05
CA ARG D 61 51.24 -20.46 -12.30
C ARG D 61 50.31 -19.54 -13.09
N CYS D 62 50.90 -18.57 -13.78
CA CYS D 62 50.16 -17.60 -14.57
C CYS D 62 51.13 -16.94 -15.54
N ASP D 63 50.84 -17.05 -16.84
CA ASP D 63 51.72 -16.52 -17.86
C ASP D 63 51.14 -15.36 -18.64
N ARG D 64 49.88 -15.00 -18.42
CA ARG D 64 49.20 -13.97 -19.18
C ARG D 64 48.46 -13.02 -18.24
N ASN D 65 48.33 -11.77 -18.68
CA ASN D 65 47.62 -10.75 -17.92
C ASN D 65 46.18 -10.68 -18.38
N LEU D 66 45.24 -10.85 -17.45
CA LEU D 66 43.83 -10.73 -17.80
C LEU D 66 43.05 -10.26 -16.57
N ALA D 67 41.74 -10.11 -16.76
CA ALA D 67 40.87 -9.59 -15.71
C ALA D 67 39.54 -10.33 -15.74
N MET D 68 38.91 -10.42 -14.57
CA MET D 68 37.57 -10.98 -14.45
C MET D 68 36.77 -10.14 -13.47
N GLY D 69 35.64 -9.62 -13.93
CA GLY D 69 34.79 -8.75 -13.13
C GLY D 69 33.86 -9.51 -12.22
N VAL D 70 34.38 -10.03 -11.11
CA VAL D 70 33.57 -10.86 -10.22
C VAL D 70 32.57 -9.98 -9.46
N ASN D 71 31.44 -10.60 -9.10
CA ASN D 71 30.43 -9.97 -8.28
C ASN D 71 30.76 -10.26 -6.82
N LEU D 72 30.45 -9.31 -5.94
CA LEU D 72 30.81 -9.46 -4.53
C LEU D 72 29.63 -9.80 -3.63
N THR D 73 28.40 -9.51 -4.06
CA THR D 73 27.24 -9.87 -3.26
C THR D 73 26.87 -11.34 -3.42
N SER D 74 27.42 -12.02 -4.42
CA SER D 74 27.12 -13.42 -4.66
C SER D 74 28.32 -14.33 -4.50
N MET D 75 29.54 -13.82 -4.56
CA MET D 75 30.70 -14.67 -4.34
C MET D 75 30.89 -14.99 -2.87
N SER D 76 30.54 -14.07 -1.98
CA SER D 76 30.58 -14.36 -0.54
C SER D 76 29.25 -14.91 -0.05
N LYS D 77 28.76 -15.90 -0.79
CA LYS D 77 27.75 -16.83 -0.33
C LYS D 77 28.12 -18.25 -0.69
N ILE D 78 29.20 -18.45 -1.44
CA ILE D 78 29.66 -19.76 -1.87
C ILE D 78 31.08 -20.07 -1.44
N LEU D 79 31.66 -19.25 -0.56
CA LEU D 79 33.00 -19.53 -0.05
C LEU D 79 33.00 -20.01 1.40
N LYS D 80 31.96 -19.68 2.18
CA LYS D 80 31.80 -20.23 3.52
C LYS D 80 31.34 -21.68 3.52
N CYS D 81 31.18 -22.27 2.33
CA CYS D 81 30.88 -23.70 2.22
C CYS D 81 32.00 -24.53 2.82
N ALA D 82 33.23 -24.11 2.63
CA ALA D 82 34.35 -24.73 3.32
C ALA D 82 34.38 -24.26 4.78
N GLY D 83 34.94 -25.10 5.64
CA GLY D 83 35.17 -24.75 7.02
C GLY D 83 36.45 -23.96 7.18
N ASN D 84 36.83 -23.74 8.43
CA ASN D 84 37.97 -22.91 8.76
C ASN D 84 39.30 -23.66 8.65
N GLU D 85 39.30 -24.90 8.16
CA GLU D 85 40.55 -25.64 8.01
C GLU D 85 40.64 -26.33 6.65
N ASP D 86 39.77 -25.97 5.71
CA ASP D 86 39.82 -26.57 4.38
C ASP D 86 40.81 -25.82 3.51
N ILE D 87 41.26 -26.49 2.44
CA ILE D 87 42.16 -25.87 1.48
C ILE D 87 41.38 -25.55 0.23
N ILE D 88 41.77 -24.45 -0.43
CA ILE D 88 40.98 -23.82 -1.48
C ILE D 88 41.81 -23.74 -2.75
N THR D 89 41.27 -24.23 -3.86
CA THR D 89 41.96 -24.24 -5.14
C THR D 89 41.09 -23.54 -6.18
N LEU D 90 41.53 -22.36 -6.62
CA LEU D 90 40.86 -21.66 -7.71
C LEU D 90 41.36 -22.15 -9.06
N ARG D 91 40.43 -22.23 -10.02
CA ARG D 91 40.73 -22.61 -11.40
C ARG D 91 39.98 -21.69 -12.35
N ALA D 92 40.56 -21.42 -13.51
CA ALA D 92 39.96 -20.54 -14.50
C ALA D 92 40.32 -21.00 -15.90
N GLU D 93 39.56 -20.52 -16.87
CA GLU D 93 39.70 -20.90 -18.28
C GLU D 93 40.08 -19.67 -19.11
N ASP D 94 40.77 -19.93 -20.22
CA ASP D 94 41.23 -18.84 -21.09
C ASP D 94 40.05 -18.15 -21.77
N ASN D 95 39.16 -18.92 -22.39
CA ASN D 95 38.08 -18.34 -23.18
C ASN D 95 36.74 -18.31 -22.46
N ALA D 96 36.55 -19.15 -21.45
CA ALA D 96 35.29 -19.19 -20.72
C ALA D 96 35.34 -18.23 -19.54
N ASP D 97 34.16 -17.74 -19.15
CA ASP D 97 34.00 -16.85 -18.01
C ASP D 97 33.63 -17.61 -16.74
N THR D 98 33.88 -18.91 -16.71
CA THR D 98 33.51 -19.76 -15.59
C THR D 98 34.71 -19.90 -14.66
N LEU D 99 34.54 -19.45 -13.42
CA LEU D 99 35.54 -19.60 -12.37
C LEU D 99 35.16 -20.80 -11.51
N ALA D 100 36.12 -21.70 -11.29
CA ALA D 100 35.87 -22.91 -10.53
C ALA D 100 36.61 -22.85 -9.20
N LEU D 101 35.99 -23.42 -8.18
CA LEU D 101 36.59 -23.53 -6.86
C LEU D 101 36.68 -25.00 -6.50
N VAL D 102 37.65 -25.34 -5.65
CA VAL D 102 37.77 -26.67 -5.08
C VAL D 102 38.00 -26.51 -3.59
N PHE D 103 37.09 -27.07 -2.78
CA PHE D 103 37.25 -27.13 -1.34
C PHE D 103 37.64 -28.56 -0.99
N GLU D 104 38.81 -28.72 -0.36
CA GLU D 104 39.28 -30.03 0.04
C GLU D 104 39.49 -30.05 1.55
N ALA D 105 38.93 -31.07 2.19
CA ALA D 105 39.10 -31.25 3.62
C ALA D 105 40.53 -31.70 3.92
N PRO D 106 41.10 -31.25 5.05
CA PRO D 106 42.46 -31.68 5.40
C PRO D 106 42.57 -33.14 5.78
N ASN D 107 41.49 -33.77 6.22
CA ASN D 107 41.50 -35.18 6.61
C ASN D 107 41.03 -36.11 5.50
N GLN D 108 40.74 -35.57 4.31
CA GLN D 108 40.33 -36.32 3.12
C GLN D 108 39.05 -37.13 3.41
N GLU D 109 37.99 -36.38 3.71
CA GLU D 109 36.67 -36.98 3.87
C GLU D 109 35.57 -36.20 3.16
N LYS D 110 35.78 -34.96 2.75
CA LYS D 110 34.75 -34.18 2.09
C LYS D 110 35.41 -33.37 0.97
N VAL D 111 35.14 -33.74 -0.27
CA VAL D 111 35.68 -33.05 -1.44
C VAL D 111 34.52 -32.39 -2.18
N SER D 112 34.64 -31.08 -2.42
CA SER D 112 33.63 -30.37 -3.19
C SER D 112 34.30 -29.52 -4.25
N ASP D 113 33.65 -29.38 -5.40
CA ASP D 113 34.10 -28.47 -6.44
C ASP D 113 32.92 -27.69 -7.00
N TYR D 114 33.15 -26.42 -7.31
CA TYR D 114 32.12 -25.46 -7.67
C TYR D 114 32.48 -24.84 -9.01
N GLU D 115 31.45 -24.47 -9.77
CA GLU D 115 31.63 -23.62 -10.93
C GLU D 115 30.71 -22.42 -10.79
N MET D 116 31.15 -21.28 -11.32
CA MET D 116 30.34 -20.07 -11.29
C MET D 116 30.59 -19.30 -12.58
N LYS D 117 29.52 -19.05 -13.33
CA LYS D 117 29.65 -18.21 -14.52
C LYS D 117 29.72 -16.75 -14.12
N LEU D 118 30.45 -15.97 -14.91
CA LEU D 118 30.63 -14.56 -14.59
C LEU D 118 30.07 -13.67 -15.68
N MET D 119 30.29 -12.36 -15.56
CA MET D 119 29.85 -11.39 -16.54
C MET D 119 30.94 -10.35 -16.72
N ASP D 120 30.90 -9.66 -17.85
CA ASP D 120 31.83 -8.57 -18.14
C ASP D 120 31.17 -7.22 -17.87
N LEU D 121 31.92 -6.31 -17.27
CA LEU D 121 31.41 -4.99 -16.90
C LEU D 121 32.42 -3.93 -17.33
N ASP D 122 32.13 -2.69 -16.93
CA ASP D 122 32.88 -1.52 -17.34
C ASP D 122 33.02 -0.61 -16.12
N VAL D 123 34.19 -0.67 -15.46
CA VAL D 123 34.48 0.15 -14.29
C VAL D 123 35.72 0.99 -14.59
N GLU D 124 36.14 1.77 -13.61
CA GLU D 124 37.26 2.69 -13.76
C GLU D 124 38.47 2.17 -13.00
N GLN D 125 39.62 2.75 -13.30
CA GLN D 125 40.88 2.41 -12.64
C GLN D 125 41.46 3.67 -12.02
N LEU D 126 41.82 3.59 -10.74
CA LEU D 126 42.42 4.71 -10.01
C LEU D 126 43.77 4.25 -9.47
N GLY D 127 44.83 4.56 -10.21
CA GLY D 127 46.16 4.24 -9.73
C GLY D 127 46.57 5.15 -8.59
N ILE D 128 47.51 4.66 -7.77
CA ILE D 128 47.95 5.38 -6.59
C ILE D 128 49.25 6.11 -6.93
N PRO D 129 49.44 7.34 -6.49
CA PRO D 129 50.77 7.95 -6.52
C PRO D 129 51.53 7.66 -5.22
N GLU D 130 52.86 7.70 -5.33
CA GLU D 130 53.71 7.41 -4.18
C GLU D 130 54.02 8.69 -3.43
N GLN D 131 53.81 8.68 -2.11
CA GLN D 131 54.01 9.91 -1.30
C GLN D 131 54.73 9.59 0.02
N GLU D 132 54.85 10.60 0.89
CA GLU D 132 55.51 10.39 2.21
C GLU D 132 54.69 9.42 3.07
N TYR D 133 53.37 9.64 3.15
CA TYR D 133 52.50 8.77 3.98
C TYR D 133 53.13 8.62 5.36
N SER D 134 53.23 9.72 6.11
CA SER D 134 53.91 9.68 7.43
C SER D 134 52.91 9.37 8.54
N CYS D 135 53.17 9.86 9.76
CA CYS D 135 52.24 9.63 10.90
C CYS D 135 51.82 8.15 10.92
N VAL D 136 52.69 7.27 10.40
CA VAL D 136 52.38 5.85 10.36
C VAL D 136 52.20 5.34 11.78
N VAL D 137 51.12 4.60 12.03
CA VAL D 137 50.91 3.96 13.33
C VAL D 137 50.62 2.48 13.11
N LYS D 138 51.06 1.66 14.05
CA LYS D 138 50.78 0.22 14.07
C LYS D 138 49.94 -0.09 15.30
N MET D 139 48.79 -0.71 15.10
CA MET D 139 47.92 -1.08 16.21
C MET D 139 47.50 -2.54 16.05
N PRO D 140 47.08 -3.19 17.12
CA PRO D 140 46.41 -4.48 16.96
C PRO D 140 45.13 -4.32 16.16
N SER D 141 44.88 -5.28 15.27
CA SER D 141 43.66 -5.22 14.45
C SER D 141 42.41 -5.39 15.28
N GLY D 142 42.46 -6.24 16.31
CA GLY D 142 41.31 -6.46 17.15
C GLY D 142 40.89 -5.22 17.92
N GLU D 143 41.86 -4.53 18.54
CA GLU D 143 41.57 -3.31 19.28
C GLU D 143 41.06 -2.21 18.35
N PHE D 144 41.69 -2.04 17.19
CA PHE D 144 41.28 -0.97 16.28
C PHE D 144 39.89 -1.24 15.71
N ALA D 145 39.62 -2.48 15.31
CA ALA D 145 38.31 -2.84 14.80
C ALA D 145 37.24 -2.72 15.87
N ARG D 146 37.57 -3.13 17.10
CA ARG D 146 36.65 -3.04 18.22
C ARG D 146 36.28 -1.60 18.50
N ILE D 147 37.28 -0.71 18.53
CA ILE D 147 36.99 0.69 18.82
C ILE D 147 36.30 1.37 17.64
N CYS D 148 36.58 0.93 16.41
CA CYS D 148 35.91 1.48 15.24
C CYS D 148 34.44 1.09 15.20
N ARG D 149 34.13 -0.15 15.57
CA ARG D 149 32.74 -0.55 15.73
C ARG D 149 32.07 0.16 16.89
N ASP D 150 32.83 0.44 17.96
CA ASP D 150 32.26 1.08 19.13
C ASP D 150 31.84 2.52 18.87
N LEU D 151 32.70 3.29 18.19
CA LEU D 151 32.42 4.72 18.01
C LEU D 151 31.28 5.00 17.04
N SER D 152 30.78 4.01 16.32
CA SER D 152 29.70 4.19 15.36
C SER D 152 28.39 4.69 15.97
N HIS D 153 28.12 4.38 17.24
CA HIS D 153 26.86 4.77 17.85
C HIS D 153 26.85 6.22 18.32
N ILE D 154 27.97 6.72 18.80
CA ILE D 154 28.00 8.07 19.36
C ILE D 154 28.13 9.12 18.25
N GLY D 155 28.73 8.75 17.13
CA GLY D 155 28.99 9.71 16.07
C GLY D 155 28.90 9.07 14.69
N ASP D 156 28.96 9.92 13.67
CA ASP D 156 28.92 9.48 12.28
C ASP D 156 30.19 9.79 11.51
N ALA D 157 31.09 10.60 12.07
CA ALA D 157 32.36 10.91 11.45
C ALA D 157 33.41 11.02 12.56
N VAL D 158 34.68 10.95 12.18
CA VAL D 158 35.78 10.94 13.13
C VAL D 158 36.79 12.00 12.74
N VAL D 159 37.46 12.57 13.74
CA VAL D 159 38.64 13.40 13.56
C VAL D 159 39.82 12.61 14.10
N ILE D 160 40.83 12.40 13.26
CA ILE D 160 42.01 11.63 13.64
C ILE D 160 43.17 12.61 13.70
N SER D 161 43.84 12.66 14.85
CA SER D 161 44.97 13.57 15.05
C SER D 161 46.18 12.77 15.51
N CYS D 162 47.20 12.73 14.67
CA CYS D 162 48.50 12.17 15.04
C CYS D 162 49.38 13.30 15.58
N ALA D 163 49.61 13.29 16.89
CA ALA D 163 50.40 14.30 17.55
C ALA D 163 51.38 13.60 18.49
N LYS D 164 52.15 14.41 19.25
CA LYS D 164 53.17 13.87 20.14
C LYS D 164 52.54 13.04 21.26
N ASP D 165 51.41 13.50 21.80
CA ASP D 165 50.76 12.81 22.92
C ASP D 165 49.75 11.78 22.37
N GLY D 166 50.29 10.78 21.69
CA GLY D 166 49.49 9.68 21.20
C GLY D 166 48.66 10.02 19.98
N VAL D 167 47.65 9.18 19.74
CA VAL D 167 46.77 9.29 18.59
C VAL D 167 45.37 9.59 19.09
N LYS D 168 44.71 10.55 18.45
CA LYS D 168 43.43 11.10 18.89
C LYS D 168 42.34 10.65 17.92
N PHE D 169 41.43 9.79 18.40
CA PHE D 169 40.26 9.34 17.63
C PHE D 169 39.02 9.99 18.25
N SER D 170 38.58 11.12 17.70
CA SER D 170 37.46 11.85 18.28
C SER D 170 36.29 11.83 17.33
N ALA D 171 35.28 11.02 17.64
CA ALA D 171 34.10 10.99 16.78
C ALA D 171 33.14 12.11 17.15
N SER D 172 32.54 12.71 16.12
CA SER D 172 31.64 13.86 16.27
C SER D 172 30.21 13.37 16.13
N GLY D 173 29.39 13.63 17.15
CA GLY D 173 28.02 13.18 17.15
C GLY D 173 27.11 14.14 17.90
N GLU D 174 25.81 13.96 17.67
CA GLU D 174 24.79 14.82 18.26
C GLU D 174 24.60 14.56 19.74
N LEU D 175 24.87 13.34 20.21
CA LEU D 175 24.61 12.99 21.60
C LEU D 175 25.77 13.39 22.49
N GLY D 176 26.96 12.89 22.19
CA GLY D 176 28.14 13.23 22.94
C GLY D 176 29.38 13.06 22.08
N ASN D 177 30.52 13.25 22.71
CA ASN D 177 31.81 13.13 22.04
C ASN D 177 32.56 11.96 22.66
N GLY D 178 33.01 11.05 21.81
CA GLY D 178 33.83 9.94 22.26
C GLY D 178 35.21 10.00 21.64
N ASN D 179 36.24 10.15 22.47
CA ASN D 179 37.61 10.23 21.98
C ASN D 179 38.46 9.10 22.57
N ILE D 180 39.40 8.62 21.76
CA ILE D 180 40.25 7.48 22.08
C ILE D 180 41.70 7.89 21.97
N LYS D 181 42.49 7.53 22.97
CA LYS D 181 43.91 7.84 23.01
C LYS D 181 44.71 6.55 23.05
N LEU D 182 45.81 6.52 22.30
CA LEU D 182 46.72 5.39 22.27
C LEU D 182 48.05 5.79 22.88
N SER D 183 48.49 5.05 23.89
CA SER D 183 49.71 5.34 24.61
C SER D 183 50.88 4.58 24.00
N GLN D 184 52.04 5.24 23.96
CA GLN D 184 53.25 4.64 23.39
C GLN D 184 53.90 3.74 24.43
N THR D 185 53.41 2.50 24.51
CA THR D 185 54.00 1.48 25.39
C THR D 185 55.05 0.70 24.60
N SER D 186 56.14 1.40 24.28
CA SER D 186 57.20 0.84 23.45
C SER D 186 58.15 -0.06 24.21
N ASN D 187 58.03 -0.17 25.53
CA ASN D 187 58.90 -1.04 26.32
C ASN D 187 58.28 -2.43 26.48
N VAL D 188 57.88 -3.02 25.36
CA VAL D 188 57.37 -4.39 25.30
C VAL D 188 58.15 -5.13 24.25
N ASP D 189 58.67 -6.32 24.59
CA ASP D 189 59.34 -7.15 23.61
C ASP D 189 58.36 -7.74 22.61
N LYS D 190 57.12 -7.97 23.02
CA LYS D 190 56.09 -8.49 22.14
C LYS D 190 55.60 -7.37 21.22
N GLU D 191 55.54 -7.67 19.91
CA GLU D 191 55.10 -6.68 18.94
C GLU D 191 53.58 -6.50 18.93
N GLU D 192 52.84 -7.42 19.53
CA GLU D 192 51.38 -7.34 19.49
C GLU D 192 50.84 -6.19 20.33
N GLU D 193 51.31 -6.07 21.57
CA GLU D 193 50.79 -5.08 22.50
C GLU D 193 51.63 -3.81 22.52
N ALA D 194 52.70 -3.73 21.74
CA ALA D 194 53.52 -2.54 21.62
C ALA D 194 53.19 -1.84 20.31
N VAL D 195 52.76 -0.58 20.40
CA VAL D 195 52.40 0.20 19.22
C VAL D 195 53.61 1.01 18.78
N THR D 196 53.76 1.19 17.48
CA THR D 196 54.80 2.02 16.91
C THR D 196 54.16 3.22 16.23
N ILE D 197 54.59 4.42 16.63
CA ILE D 197 54.06 5.68 16.13
C ILE D 197 55.25 6.53 15.72
N GLU D 198 55.43 6.72 14.41
CA GLU D 198 56.41 7.68 13.92
C GLU D 198 55.73 8.64 12.94
N MET D 199 56.30 9.84 12.85
CA MET D 199 55.63 10.97 12.25
C MET D 199 56.66 12.01 11.83
N ASN D 200 56.21 12.98 11.05
CA ASN D 200 57.00 14.15 10.71
C ASN D 200 56.34 15.46 11.13
N GLU D 201 55.02 15.48 11.32
CA GLU D 201 54.30 16.66 11.77
C GLU D 201 52.99 16.20 12.41
N PRO D 202 52.42 16.98 13.32
CA PRO D 202 51.07 16.65 13.82
C PRO D 202 50.04 16.84 12.71
N VAL D 203 49.30 15.78 12.43
CA VAL D 203 48.36 15.75 11.30
C VAL D 203 46.95 15.57 11.85
N GLN D 204 46.07 16.50 11.50
CA GLN D 204 44.65 16.42 11.85
C GLN D 204 43.84 16.26 10.57
N LEU D 205 43.08 15.18 10.48
CA LEU D 205 42.29 14.94 9.28
C LEU D 205 41.07 14.10 9.65
N THR D 206 39.98 14.32 8.92
CA THR D 206 38.66 13.81 9.31
C THR D 206 38.16 12.80 8.28
N PHE D 207 37.37 11.83 8.75
CA PHE D 207 36.92 10.73 7.90
C PHE D 207 35.50 10.32 8.27
N ALA D 208 34.92 9.50 7.40
CA ALA D 208 33.53 9.08 7.52
C ALA D 208 33.45 7.76 8.28
N LEU D 209 32.89 7.80 9.48
CA LEU D 209 32.84 6.62 10.34
C LEU D 209 31.81 5.61 9.82
N ARG D 210 30.80 6.08 9.11
CA ARG D 210 29.81 5.18 8.51
C ARG D 210 30.46 4.31 7.43
N TYR D 211 31.49 4.82 6.77
CA TYR D 211 32.31 3.97 5.93
C TYR D 211 33.38 3.23 6.71
N LEU D 212 33.77 3.74 7.88
CA LEU D 212 34.75 3.03 8.70
C LEU D 212 34.19 1.73 9.27
N ASN D 213 32.87 1.65 9.43
CA ASN D 213 32.27 0.38 9.84
C ASN D 213 32.49 -0.70 8.79
N PHE D 214 32.17 -0.41 7.53
CA PHE D 214 32.27 -1.42 6.48
C PHE D 214 33.71 -1.67 6.06
N PHE D 215 34.53 -0.62 6.04
CA PHE D 215 35.98 -0.67 6.21
C PHE D 215 36.49 -1.73 7.16
N THR D 216 36.13 -1.69 8.44
CA THR D 216 36.89 -2.43 9.44
C THR D 216 36.45 -3.89 9.54
N LYS D 217 35.71 -4.39 8.54
CA LYS D 217 35.20 -5.76 8.57
C LYS D 217 36.32 -6.79 8.42
N ALA D 218 37.48 -6.39 7.88
CA ALA D 218 38.61 -7.30 7.70
C ALA D 218 39.42 -7.43 8.99
N THR D 219 38.78 -8.02 10.00
CA THR D 219 39.42 -8.10 11.32
C THR D 219 40.46 -9.22 11.39
N PRO D 220 40.13 -10.52 11.19
CA PRO D 220 41.04 -11.56 11.69
C PRO D 220 42.13 -11.96 10.71
N LEU D 221 42.40 -11.15 9.69
CA LEU D 221 43.43 -11.50 8.72
C LEU D 221 44.82 -11.37 9.33
N SER D 222 45.21 -10.15 9.68
CA SER D 222 46.50 -9.90 10.30
C SER D 222 46.27 -9.54 11.76
N SER D 223 47.20 -9.95 12.61
CA SER D 223 47.08 -9.62 14.02
C SER D 223 47.31 -8.14 14.26
N THR D 224 48.11 -7.49 13.42
CA THR D 224 48.43 -6.08 13.55
C THR D 224 48.07 -5.34 12.26
N VAL D 225 47.27 -4.29 12.40
CA VAL D 225 46.94 -3.38 11.30
C VAL D 225 47.95 -2.24 11.33
N THR D 226 48.30 -1.72 10.14
CA THR D 226 49.16 -0.56 10.05
C THR D 226 48.43 0.50 9.24
N LEU D 227 48.09 1.62 9.90
CA LEU D 227 47.34 2.71 9.24
C LEU D 227 48.25 3.94 9.16
N SER D 228 48.12 4.73 8.10
CA SER D 228 48.97 5.90 7.94
C SER D 228 48.20 7.01 7.26
N MET D 229 48.61 8.24 7.57
CA MET D 229 47.90 9.44 7.16
C MET D 229 48.89 10.57 6.95
N SER D 230 48.39 11.60 6.26
CA SER D 230 49.17 12.85 6.05
C SER D 230 48.11 13.95 5.92
N ALA D 231 48.44 15.06 5.27
CA ALA D 231 47.49 16.15 5.08
C ALA D 231 46.88 16.11 3.69
N ASP D 232 45.55 16.27 3.62
CA ASP D 232 44.79 16.38 2.37
C ASP D 232 44.95 15.15 1.48
N VAL D 233 45.12 14.00 2.10
CA VAL D 233 45.30 12.74 1.37
C VAL D 233 44.40 11.68 1.97
N PRO D 234 43.99 10.70 1.17
CA PRO D 234 43.24 9.57 1.72
C PRO D 234 44.08 8.77 2.71
N LEU D 235 43.44 8.28 3.76
CA LEU D 235 44.13 7.39 4.68
C LEU D 235 44.46 6.07 4.00
N VAL D 236 45.64 5.54 4.31
CA VAL D 236 46.06 4.25 3.77
C VAL D 236 46.01 3.25 4.92
N VAL D 237 45.49 2.05 4.63
CA VAL D 237 45.43 0.99 5.64
C VAL D 237 45.97 -0.30 5.05
N GLU D 238 46.99 -0.86 5.71
CA GLU D 238 47.61 -2.12 5.35
C GLU D 238 47.21 -3.18 6.37
N TYR D 239 46.56 -4.23 5.86
CA TYR D 239 46.35 -5.49 6.54
C TYR D 239 47.29 -6.47 5.86
N LYS D 240 48.45 -6.74 6.46
CA LYS D 240 49.49 -7.54 5.84
C LYS D 240 49.29 -9.01 6.18
N ILE D 241 48.82 -9.79 5.22
CA ILE D 241 48.74 -11.24 5.36
C ILE D 241 50.09 -11.78 4.86
N ALA D 242 51.06 -11.81 5.78
CA ALA D 242 52.48 -11.89 5.46
C ALA D 242 52.90 -13.18 4.78
N ASP D 243 52.04 -14.20 4.77
CA ASP D 243 52.35 -15.41 4.01
C ASP D 243 52.44 -15.16 2.50
N MET D 244 51.53 -14.36 1.92
CA MET D 244 51.75 -14.00 0.52
C MET D 244 51.59 -12.52 0.21
N GLY D 245 50.65 -11.82 0.82
CA GLY D 245 50.24 -10.52 0.32
C GLY D 245 49.72 -9.55 1.35
N HIS D 246 48.96 -8.57 0.88
CA HIS D 246 48.46 -7.53 1.76
C HIS D 246 47.28 -6.80 1.13
N LEU D 247 46.37 -6.39 2.00
CA LEU D 247 45.25 -5.53 1.68
C LEU D 247 45.62 -4.08 1.97
N LYS D 248 45.82 -3.27 0.93
CA LYS D 248 45.83 -1.83 1.09
C LYS D 248 44.46 -1.30 0.74
N TYR D 249 43.95 -0.42 1.58
CA TYR D 249 42.60 0.09 1.38
C TYR D 249 42.67 1.59 1.67
N TYR D 250 42.15 2.39 0.75
CA TYR D 250 42.38 3.83 0.73
C TYR D 250 41.03 4.52 0.93
N LEU D 251 40.95 5.42 1.90
CA LEU D 251 39.70 6.11 2.19
C LEU D 251 39.87 7.62 2.06
N ALA D 252 39.05 8.23 1.20
CA ALA D 252 39.12 9.67 0.97
C ALA D 252 38.50 10.43 2.13
N PRO D 253 39.05 11.60 2.48
CA PRO D 253 38.56 12.34 3.66
C PRO D 253 37.45 13.32 3.36
N LYS D 254 37.05 14.07 4.39
CA LYS D 254 36.27 15.28 4.23
C LYS D 254 37.15 16.50 4.50
N ILE D 255 37.02 17.52 3.65
CA ILE D 255 37.79 18.75 3.80
C ILE D 255 36.82 19.94 3.83
N GLU D 256 37.39 21.11 4.10
CA GLU D 256 36.62 22.35 4.15
C GLU D 256 36.36 22.88 2.74
N ASP D 257 35.60 23.96 2.68
CA ASP D 257 35.29 24.62 1.41
C ASP D 257 36.25 25.78 1.17
N GLU D 258 37.56 25.45 1.17
CA GLU D 258 38.70 26.35 1.07
C GLU D 258 38.53 27.64 1.89
N GLU D 259 39.00 28.76 1.37
CA GLU D 259 38.81 30.06 2.02
C GLU D 259 37.56 30.72 1.46
N GLY D 260 36.61 31.03 2.35
CA GLY D 260 35.35 31.61 1.92
C GLY D 260 35.53 33.04 1.45
N SER D 261 34.63 33.47 0.56
CA SER D 261 34.68 34.80 0.01
C SER D 261 33.29 35.27 -0.42
P PST E 32 -23.08 2.21 -13.32
OP1 PST E 32 -23.58 0.88 -14.19
SP PST E 32 -23.26 3.93 -14.52
O5' PST E 32 -24.09 2.46 -12.06
C5' PST E 32 -24.83 3.64 -12.09
C4' PST E 32 -25.21 3.99 -10.72
O4' PST E 32 -23.95 4.75 -9.94
C3' PST E 32 -26.23 4.87 -10.74
O3' PST E 32 -27.50 4.18 -10.43
C2' PST E 32 -25.91 5.94 -9.67
C1' PST E 32 -24.49 5.53 -9.06
N1 PST E 32 -23.68 6.70 -8.89
C2 PST E 32 -23.76 7.41 -7.79
O2 PST E 32 -24.49 7.08 -6.94
N3 PST E 32 -23.02 8.49 -7.63
C4 PST E 32 -22.19 8.89 -8.57
O4 PST E 32 -21.54 9.85 -8.43
C5 PST E 32 -22.08 8.19 -9.73
C5M PST E 32 -21.10 8.67 -10.84
C6 PST E 32 -22.84 7.07 -9.91
MG MG G . -31.96 22.59 2.11
MG MG H . -32.49 20.67 -0.10
FE1 SF4 I . -1.47 -7.24 -40.42
FE2 SF4 I . -3.00 -9.48 -40.23
FE3 SF4 I . -3.17 -7.55 -38.30
FE4 SF4 I . -0.93 -9.10 -38.48
S1 SF4 I . -3.04 -9.79 -37.98
S2 SF4 I . -1.01 -6.84 -38.23
S3 SF4 I . -0.79 -9.39 -40.74
S4 SF4 I . -3.74 -7.34 -40.50
#